data_7W72
#
_entry.id   7W72
#
_cell.length_a   1.00
_cell.length_b   1.00
_cell.length_c   1.00
_cell.angle_alpha   90.00
_cell.angle_beta   90.00
_cell.angle_gamma   90.00
#
_symmetry.space_group_name_H-M   'P 1'
#
loop_
_entity.id
_entity.type
_entity.pdbx_description
1 polymer 'Phosphatidylinositol glycan anchor biosynthesis class U protein'
2 polymer 'GPI transamidase component PIG-S'
3 polymer 'GPI transamidase component PIG-T'
4 polymer 'GPI-anchor transamidase'
5 polymer 'Glycosylphosphatidylinositol anchor attachment 1 protein'
6 branched beta-D-mannopyranose-(1-4)-2-acetamido-2-deoxy-beta-D-glucopyranose-(1-4)-2-acetamido-2-deoxy-beta-D-glucopyranose
7 non-polymer '[2-[[(2~{R})-2-hexanoyloxy-3-[(~{E})-hex-3-enoxy]propoxy]-oxidanyl-phosphoryl]oxy-3,4,5,6-tetrakis(oxidanyl)phenyl] (2~{E},4~{E})-hepta-2,4-dienoate'
8 non-polymer 2-acetamido-2-deoxy-beta-D-glucopyranose
9 non-polymer 'CALCIUM ION'
#
loop_
_entity_poly.entity_id
_entity_poly.type
_entity_poly.pdbx_seq_one_letter_code
_entity_poly.pdbx_strand_id
1 'polypeptide(L)'
;MAAPLVLVLVVAVTVRAALFRSSLAEFISERVEVVSPLSSWKRVVEGLSLLDLGVSPYSGAVFHETPLIIYLFHFLIDYA
ELVFMITDALTAIALYFAIQDFNKVVFKKQKLLLELDQYAPDVAELIRTPMEMRYIPLKVALFYLLNPYTILSCVAKSTC
AINNTLIAFFILTTIKGSAFLSAIFLALATYQSLYPLTLFVPGLLYLLQRQYIPVKMKSKAFWIFSWEYAMMYVGSLVVI
ICLSFFLLSSWDFIPAVYGFILSVPDLTPNIGLFWYFFAEMFEHFSLFFVCVFQINVFFYTIPLAIKLKEHPIFFMFIQI
AVIAIFKSYPTVGDVALYMAFFPVWNHLYRFLRNIFVLTCIIIVCSLLFPVLWHLWIYAGSANSNFFYAITLTFNVGQIL
LISDYFYAFLRREYYLTHGL
;
U
2 'polypeptide(L)'
;AATHLEVARGKRAALFFAAVAIVLGLPLWWKTTETYRASLPYSQISGLNALQLRLMVPVTVVFTRESVPLDDQAKLPFTV
VHEREIPLKYKMKIKCRFQKAYRRALDHEEEALSSGSVQEAEAMLDEPQEQAEGSLTVYVISEHSSLLPQDMASYIGPKR
TAVVRGIMHREAFNIIGRRIVQVAQAMSLTEDVLAAALADHLPEDKWSAEKRRPLKSSLGYEITFSLLNPDPKSHDVYWD
IEGAVRRYVQPFLNALGAAGNFSVDSQILYYAMLGVNPRFDSASSSYYLDMHSLPHVINPVESRLGSSAASLYPVLNFLL
YVPELAHSPLYIQDKDGAPVATNAFHSPRWGGIMVYNVDSKTYNASVLPVRVEVDMVRVMEVFLAQLRLLFGIAQPQLPP
KCLLSGPTSEGLMTWELDRLLWARSVENLATATTTLTSLAQLLGKISNIVIKDDVASEVYKAVAAVQKSAEELASAHLAS
AFVASQEAVTSSELAFFDASLLHLLYFPDDQKFAIYIPLFLPMAVPILLSLVK
;
S
3 'polypeptide(L)'
;ARDSLREELVITPLPSGDVAATFQFRTRWDSELQREGVSHYRLFPKALGQLISKYSLRELHLSFTQGFWRTRYWGPPFLQ
APSGAELWVWFQDTVTDVDKSWKELSNVLSGIFCASLNFIDSTNTVTPTASFKPLGLANDTDHYFLRYAVLPREVVCTEN
LTPWKKLLPCSSKAGLSVLLKADRLFHTSYHSQAVHIRPVCRNARCTSISWELRQTLSVVFDAFITGQGKKDWSLFRMFS
RTLTEPCPLASESRVYVDITTYNQDNETLEVHPPPTTTYQDVILGTRKTYAIYDLLDTAMINNSRNLNIQLKWKRPPENE
APPVPFLHAQRYVSGYGLQKGELSTLLYNTHPYRAFPVLLLDTVPWYLRLYVHTLTITSKGKENKPSYIHYQPAQDRLQP
HLLEMLIQLPANSVTKVSIQFERALLKWTEYTPDPNHGFYVSPSVLSALVPSMVAAKPVDWEESPLFNSLFPVSDGSNYF
VRLYTEPLLVNLPTPDFSMPYNVICLTCTVVAVCYGSFYNLLTRTFH
;
T
4 'polypeptide(L)'
;MAVTDSLSRAATVLATVLLLSFGSVAASHIEDQAEQFFRSGHTNNWAVLVCTSRFWFNYRHVANTLSVYRSVKRLGIPDS
HIVLMLADDMACNPRNPKPATVFSHKNMELNVYGDDVEVDYRSYEVTVENFLRVLTGRIPPSTPRSKRLLSDDRSNILIY
MTGHGGNGFLKFQDSEEITNIELADAFEQMWQKRRYNELLFIIDTCQGASMYERFYSPNIMALASSQVGEDSLSHQPDPA
IGVHLMDRYTFYVLEFLEEINPASQTNMNDLFQVCPKSLCVSTPGHRTDLFQRDPKNVLITDFFGSVRKVEITTETIKLQ
QDSEIMESSYKEDQMDEKLMEPLKYAEQLPVAQIIHQKPKLKDWHPPGGFILGLWALIIMVFFKTYGIKHMKFIF
;
K
5 'polypeptide(L)'
;MGLLSDPVRRRALARLVLRLNAPLCVLSYVAGIAWFLALVFPPLTQRTYMSENAMGSTMVEEQFAGGDRARAFARDFAAH
RKKSGALPVAWLERTMRSVGLEVYTQSFSRKLPFPDETHERYMVSGTNVYGILRAPRAASTESLVLTVPCGSDSTNSQAV
GLLLALAAHFRGQIYWAKDIVFLVTEHDLLGTEAWLEAYHDVNVTGMQSSPLQGRAGAIQAAVALELSSDVVTSLDVAVE
GLNGQLPNLDLLNLFQTFCQKGGLLCTLQGKLQPEDWTSLDGPLQGLQTLLLMVLRQASGRPHGSHGLFLRYRVEALTLR
GINSFRQYKYDLVAVGKALEGMFRKLNHLLERLHQSFFLYLLPGLSRFVSIGLYMPAVGFLLLVLGLKALELWMQLHEAG
MGLEEPGGAPGPSVPLPPSQGVGLASLVAPLLISQAMGLALYVLPVLGQHVATQHFPVAEAEAVVLTLLAIYAAGLALPH
NTHRVVSTQAPDRGWMALKLVALIYLALQLGCIALTNFSLGFLLATTMVPTAALAKPHGPRTLYAALLVLTSPAATLLGS
LFLWRELQEAPLSLAEGWQLFLAALAQGVLEHHTYGALLFPLLSLGLYPCWLLFWNVLFWK
;
A
#
loop_
_chem_comp.id
_chem_comp.type
_chem_comp.name
_chem_comp.formula
8JY non-polymer '[2-[[(2~{R})-2-hexanoyloxy-3-[(~{E})-hex-3-enoxy]propoxy]-oxidanyl-phosphoryl]oxy-3,4,5,6-tetrakis(oxidanyl)phenyl] (2~{E},4~{E})-hepta-2,4-dienoate' 'C28 H47 O13 P'
BMA D-saccharide, beta linking beta-D-mannopyranose 'C6 H12 O6'
CA non-polymer 'CALCIUM ION' 'Ca 2'
NAG D-saccharide, beta linking 2-acetamido-2-deoxy-beta-D-glucopyranose 'C8 H15 N O6'
#
# COMPACT_ATOMS: atom_id res chain seq x y z
N MET A 1 32.38 -20.99 44.67
CA MET A 1 32.65 -21.87 45.80
C MET A 1 32.32 -23.31 45.39
N ALA A 2 33.15 -23.86 44.51
CA ALA A 2 33.02 -25.22 44.02
C ALA A 2 34.24 -25.56 43.18
N ALA A 3 34.58 -26.85 43.15
CA ALA A 3 35.72 -27.32 42.38
C ALA A 3 35.42 -27.38 40.88
N PRO A 4 34.34 -28.02 40.43
CA PRO A 4 34.10 -28.11 38.98
C PRO A 4 33.25 -26.98 38.41
N LEU A 5 32.55 -26.21 39.25
CA LEU A 5 31.76 -25.09 38.74
C LEU A 5 32.65 -24.03 38.12
N VAL A 6 33.84 -23.84 38.69
CA VAL A 6 34.79 -22.89 38.12
C VAL A 6 35.24 -23.35 36.73
N LEU A 7 35.50 -24.65 36.58
CA LEU A 7 35.86 -25.18 35.27
C LEU A 7 34.72 -25.01 34.27
N VAL A 8 33.49 -25.25 34.71
CA VAL A 8 32.34 -25.01 33.84
C VAL A 8 32.28 -23.56 33.41
N LEU A 9 32.51 -22.65 34.35
CA LEU A 9 32.47 -21.22 34.04
C LEU A 9 33.55 -20.84 33.03
N VAL A 10 34.76 -21.37 33.20
CA VAL A 10 35.84 -21.00 32.30
C VAL A 10 35.59 -21.57 30.91
N VAL A 11 35.04 -22.79 30.82
CA VAL A 11 34.72 -23.34 29.50
C VAL A 11 33.62 -22.52 28.84
N ALA A 12 32.61 -22.12 29.62
CA ALA A 12 31.52 -21.32 29.06
C ALA A 12 32.02 -19.98 28.54
N VAL A 13 32.81 -19.27 29.34
CA VAL A 13 33.30 -17.97 28.90
C VAL A 13 34.28 -18.12 27.75
N THR A 14 35.04 -19.22 27.70
CA THR A 14 35.91 -19.47 26.55
C THR A 14 35.10 -19.64 25.28
N VAL A 15 34.05 -20.45 25.34
CA VAL A 15 33.19 -20.66 24.17
C VAL A 15 32.56 -19.34 23.73
N ARG A 16 32.04 -18.58 24.70
CA ARG A 16 31.36 -17.34 24.40
C ARG A 16 32.31 -16.30 23.81
N ALA A 17 33.54 -16.22 24.34
CA ALA A 17 34.52 -15.29 23.81
C ALA A 17 34.95 -15.69 22.40
N ALA A 18 35.15 -16.99 22.17
CA ALA A 18 35.50 -17.44 20.83
C ALA A 18 34.41 -17.09 19.84
N LEU A 19 33.15 -17.25 20.22
CA LEU A 19 32.06 -16.90 19.32
C LEU A 19 31.96 -15.39 19.12
N PHE A 20 32.18 -14.62 20.18
CA PHE A 20 32.18 -13.17 20.07
C PHE A 20 33.22 -12.70 19.07
N ARG A 21 34.42 -13.26 19.14
CA ARG A 21 35.51 -12.85 18.27
C ARG A 21 35.48 -13.53 16.90
N SER A 22 34.63 -14.53 16.71
CA SER A 22 34.53 -15.20 15.43
C SER A 22 33.73 -14.35 14.44
N SER A 23 33.55 -14.88 13.22
CA SER A 23 32.77 -14.21 12.19
C SER A 23 31.29 -14.54 12.25
N LEU A 24 30.89 -15.47 13.11
CA LEU A 24 29.48 -15.82 13.26
C LEU A 24 28.73 -14.88 14.19
N ALA A 25 29.43 -13.94 14.84
CA ALA A 25 28.77 -13.09 15.83
C ALA A 25 27.71 -12.20 15.19
N GLU A 26 28.02 -11.61 14.03
CA GLU A 26 27.04 -10.77 13.36
C GLU A 26 25.82 -11.56 12.91
N PHE A 27 26.06 -12.75 12.36
CA PHE A 27 24.96 -13.62 11.95
C PHE A 27 24.09 -13.99 13.14
N ILE A 28 24.71 -14.33 14.27
CA ILE A 28 23.96 -14.68 15.46
C ILE A 28 23.15 -13.49 15.97
N SER A 29 23.76 -12.30 15.97
CA SER A 29 23.05 -11.11 16.42
C SER A 29 21.88 -10.76 15.52
N GLU A 30 21.98 -11.04 14.22
CA GLU A 30 20.85 -10.81 13.33
C GLU A 30 19.85 -11.97 13.32
N ARG A 31 20.17 -13.09 13.95
CA ARG A 31 19.20 -14.18 14.06
C ARG A 31 17.94 -13.68 14.74
N VAL A 32 16.78 -14.07 14.19
CA VAL A 32 15.51 -13.57 14.70
C VAL A 32 14.98 -14.45 15.82
N GLU A 33 15.47 -15.68 15.93
CA GLU A 33 15.06 -16.56 17.02
C GLU A 33 15.69 -16.18 18.34
N VAL A 34 16.90 -15.63 18.32
CA VAL A 34 17.60 -15.25 19.55
C VAL A 34 17.41 -13.79 19.89
N VAL A 35 16.77 -13.01 19.02
CA VAL A 35 16.66 -11.56 19.16
C VAL A 35 15.21 -11.16 18.92
N SER A 36 14.63 -10.45 19.86
CA SER A 36 13.27 -9.97 19.74
C SER A 36 13.30 -8.44 19.73
N PRO A 37 12.20 -7.76 19.39
CA PRO A 37 12.18 -6.30 19.50
C PRO A 37 12.43 -5.82 20.92
N LEU A 38 12.20 -6.64 21.93
CA LEU A 38 12.43 -6.26 23.32
C LEU A 38 13.83 -6.57 23.80
N SER A 39 14.58 -7.41 23.10
CA SER A 39 15.87 -7.91 23.58
C SER A 39 16.91 -7.84 22.47
N SER A 40 17.01 -6.70 21.81
CA SER A 40 17.92 -6.54 20.68
C SER A 40 19.04 -5.56 21.03
N TRP A 41 20.27 -6.01 20.86
CA TRP A 41 21.41 -5.12 21.07
C TRP A 41 21.41 -3.97 20.08
N LYS A 42 21.07 -4.27 18.82
CA LYS A 42 20.96 -3.21 17.83
C LYS A 42 19.95 -2.16 18.26
N ARG A 43 18.86 -2.59 18.89
CA ARG A 43 17.85 -1.63 19.34
C ARG A 43 18.31 -0.85 20.57
N VAL A 44 19.09 -1.48 21.47
CA VAL A 44 19.66 -0.75 22.58
C VAL A 44 20.58 0.36 22.07
N VAL A 45 21.45 0.02 21.12
CA VAL A 45 22.36 1.01 20.56
C VAL A 45 21.59 2.09 19.83
N GLU A 46 20.48 1.71 19.16
CA GLU A 46 19.64 2.69 18.50
C GLU A 46 19.03 3.67 19.49
N GLY A 47 18.54 3.17 20.63
CA GLY A 47 17.99 4.06 21.64
C GLY A 47 19.02 5.01 22.20
N LEU A 48 20.24 4.50 22.44
CA LEU A 48 21.31 5.39 22.89
C LEU A 48 21.63 6.45 21.85
N SER A 49 21.63 6.08 20.57
CA SER A 49 21.89 7.05 19.52
C SER A 49 20.78 8.09 19.42
N LEU A 50 19.53 7.67 19.64
CA LEU A 50 18.44 8.62 19.67
C LEU A 50 18.61 9.61 20.81
N LEU A 51 19.03 9.13 21.98
CA LEU A 51 19.31 10.03 23.08
C LEU A 51 20.45 11.00 22.73
N ASP A 52 21.48 10.50 22.04
CA ASP A 52 22.55 11.39 21.58
C ASP A 52 22.01 12.47 20.65
N LEU A 53 21.10 12.10 19.75
CA LEU A 53 20.45 13.07 18.87
C LEU A 53 19.49 13.98 19.63
N GLY A 54 19.10 13.63 20.85
CA GLY A 54 18.20 14.44 21.63
C GLY A 54 16.74 14.08 21.50
N VAL A 55 16.40 13.18 20.59
CA VAL A 55 15.02 12.72 20.44
C VAL A 55 14.78 11.57 21.41
N SER A 56 13.58 11.53 21.97
CA SER A 56 13.26 10.49 22.95
C SER A 56 13.31 9.11 22.29
N PRO A 57 13.89 8.11 22.96
CA PRO A 57 13.99 6.78 22.35
C PRO A 57 12.65 6.12 22.11
N TYR A 58 11.61 6.52 22.83
CA TYR A 58 10.29 5.93 22.70
C TYR A 58 9.38 6.70 21.75
N SER A 59 9.88 7.76 21.11
CA SER A 59 9.10 8.45 20.09
C SER A 59 9.31 7.74 18.75
N GLY A 60 9.12 6.43 18.75
CA GLY A 60 9.35 5.62 17.58
C GLY A 60 8.94 4.20 17.87
N ALA A 61 8.99 3.37 16.84
CA ALA A 61 8.53 1.99 16.94
C ALA A 61 9.69 0.99 16.95
N VAL A 62 10.91 1.45 17.23
CA VAL A 62 12.08 0.61 17.14
C VAL A 62 12.70 0.29 18.50
N PHE A 63 12.51 1.14 19.50
CA PHE A 63 13.15 0.96 20.81
C PHE A 63 12.10 0.60 21.85
N HIS A 64 12.33 -0.52 22.55
CA HIS A 64 11.38 -0.98 23.56
C HIS A 64 12.06 -1.49 24.82
N GLU A 65 13.29 -1.04 25.10
CA GLU A 65 13.97 -1.42 26.33
C GLU A 65 13.58 -0.50 27.47
N THR A 66 13.87 -0.94 28.69
CA THR A 66 13.51 -0.20 29.88
C THR A 66 14.55 0.86 30.21
N PRO A 67 14.14 1.89 30.95
CA PRO A 67 15.10 2.93 31.37
C PRO A 67 16.26 2.40 32.21
N LEU A 68 16.07 1.35 33.02
CA LEU A 68 17.22 0.74 33.67
C LEU A 68 18.21 0.18 32.66
N ILE A 69 17.72 -0.44 31.58
CA ILE A 69 18.62 -0.90 30.53
C ILE A 69 19.34 0.28 29.89
N ILE A 70 18.61 1.37 29.64
CA ILE A 70 19.23 2.57 29.07
C ILE A 70 20.36 3.06 29.97
N TYR A 71 20.08 3.18 31.26
CA TYR A 71 21.08 3.66 32.21
C TYR A 71 22.28 2.73 32.28
N LEU A 72 22.03 1.43 32.34
CA LEU A 72 23.11 0.47 32.51
C LEU A 72 24.03 0.46 31.30
N PHE A 73 23.46 0.43 30.10
CA PHE A 73 24.26 0.37 28.90
C PHE A 73 24.71 1.74 28.41
N HIS A 74 24.28 2.81 29.06
CA HIS A 74 24.94 4.08 28.86
C HIS A 74 26.38 4.03 29.33
N PHE A 75 26.61 3.42 30.49
CA PHE A 75 27.95 3.28 31.05
C PHE A 75 28.67 2.06 30.51
N LEU A 76 27.97 0.96 30.30
CA LEU A 76 28.61 -0.27 29.81
C LEU A 76 28.41 -0.47 28.32
N ILE A 77 28.39 0.61 27.53
CA ILE A 77 28.19 0.47 26.10
C ILE A 77 29.43 -0.12 25.43
N ASP A 78 30.61 0.15 25.96
CA ASP A 78 31.85 -0.32 25.36
C ASP A 78 32.24 -1.72 25.81
N TYR A 79 31.88 -2.08 27.05
CA TYR A 79 32.23 -3.39 27.61
C TYR A 79 31.08 -4.38 27.51
N ALA A 80 30.26 -4.27 26.45
CA ALA A 80 29.03 -5.05 26.39
C ALA A 80 29.28 -6.54 26.38
N GLU A 81 30.28 -7.00 25.64
CA GLU A 81 30.58 -8.43 25.60
C GLU A 81 30.95 -8.95 26.98
N LEU A 82 31.80 -8.20 27.69
CA LEU A 82 32.18 -8.59 29.04
C LEU A 82 30.98 -8.56 29.98
N VAL A 83 30.09 -7.58 29.80
CA VAL A 83 28.90 -7.49 30.64
C VAL A 83 28.00 -8.71 30.43
N PHE A 84 27.89 -9.17 29.19
CA PHE A 84 27.01 -10.31 28.94
C PHE A 84 27.65 -11.61 29.42
N MET A 85 28.97 -11.73 29.29
CA MET A 85 29.67 -12.85 29.92
C MET A 85 29.41 -12.85 31.43
N ILE A 86 29.53 -11.68 32.05
CA ILE A 86 29.36 -11.56 33.49
C ILE A 86 27.94 -11.91 33.90
N THR A 87 26.94 -11.46 33.14
CA THR A 87 25.56 -11.72 33.54
C THR A 87 25.19 -13.19 33.34
N ASP A 88 25.73 -13.84 32.31
CA ASP A 88 25.48 -15.28 32.20
C ASP A 88 26.21 -16.06 33.29
N ALA A 89 27.42 -15.63 33.66
CA ALA A 89 28.09 -16.25 34.79
C ALA A 89 27.30 -16.06 36.08
N LEU A 90 26.71 -14.88 36.27
CA LEU A 90 25.91 -14.62 37.46
C LEU A 90 24.65 -15.48 37.47
N THR A 91 24.01 -15.63 36.30
CA THR A 91 22.86 -16.53 36.21
C THR A 91 23.26 -17.95 36.60
N ALA A 92 24.39 -18.43 36.10
CA ALA A 92 24.85 -19.77 36.41
C ALA A 92 25.15 -19.92 37.90
N ILE A 93 25.80 -18.93 38.49
CA ILE A 93 26.13 -18.98 39.91
C ILE A 93 24.86 -19.00 40.75
N ALA A 94 23.89 -18.13 40.42
CA ALA A 94 22.65 -18.07 41.17
C ALA A 94 21.90 -19.40 41.06
N LEU A 95 21.83 -19.97 39.86
CA LEU A 95 21.17 -21.25 39.70
C LEU A 95 21.89 -22.35 40.47
N TYR A 96 23.22 -22.34 40.43
CA TYR A 96 24.01 -23.34 41.15
C TYR A 96 23.69 -23.30 42.64
N PHE A 97 23.76 -22.12 43.25
CA PHE A 97 23.56 -22.06 44.70
C PHE A 97 22.10 -22.27 45.07
N ALA A 98 21.17 -21.76 44.26
CA ALA A 98 19.76 -21.99 44.51
C ALA A 98 19.43 -23.47 44.48
N ILE A 99 19.93 -24.19 43.49
CA ILE A 99 19.64 -25.61 43.38
C ILE A 99 20.35 -26.41 44.46
N GLN A 100 21.56 -25.99 44.85
CA GLN A 100 22.23 -26.64 45.97
C GLN A 100 21.39 -26.55 47.24
N ASP A 101 20.95 -25.33 47.59
CA ASP A 101 20.13 -25.18 48.78
C ASP A 101 18.81 -25.91 48.64
N PHE A 102 18.22 -25.90 47.44
CA PHE A 102 16.95 -26.58 47.24
C PHE A 102 17.09 -28.08 47.42
N ASN A 103 18.19 -28.66 46.93
CA ASN A 103 18.44 -30.08 47.13
C ASN A 103 18.64 -30.39 48.60
N LYS A 104 19.35 -29.53 49.32
CA LYS A 104 19.51 -29.75 50.76
C LYS A 104 18.14 -29.74 51.46
N VAL A 105 17.29 -28.79 51.10
CA VAL A 105 15.95 -28.71 51.69
C VAL A 105 15.13 -29.95 51.32
N VAL A 106 15.24 -30.41 50.07
CA VAL A 106 14.48 -31.57 49.63
C VAL A 106 14.90 -32.81 50.40
N PHE A 107 16.21 -33.00 50.57
CA PHE A 107 16.67 -34.16 51.33
C PHE A 107 16.26 -34.05 52.79
N LYS A 108 16.25 -32.84 53.34
CA LYS A 108 15.78 -32.65 54.71
C LYS A 108 14.31 -33.03 54.85
N LYS A 109 13.48 -32.61 53.90
CA LYS A 109 12.06 -32.96 53.94
C LYS A 109 11.86 -34.46 53.77
N GLN A 110 12.64 -35.08 52.89
CA GLN A 110 12.53 -36.52 52.69
C GLN A 110 12.91 -37.29 53.94
N LYS A 111 13.96 -36.82 54.63
CA LYS A 111 14.34 -37.46 55.90
C LYS A 111 13.24 -37.28 56.95
N LEU A 112 12.72 -36.06 57.09
CA LEU A 112 11.69 -35.79 58.08
C LEU A 112 10.39 -36.51 57.77
N LEU A 113 10.19 -36.94 56.52
CA LEU A 113 9.01 -37.70 56.16
C LEU A 113 9.23 -39.21 56.28
N LEU A 114 10.42 -39.68 55.97
CA LEU A 114 10.77 -41.08 56.22
C LEU A 114 10.80 -41.40 57.71
N GLU A 115 11.10 -40.42 58.55
CA GLU A 115 11.08 -40.66 59.99
C GLU A 115 9.69 -41.09 60.46
N LEU A 116 8.65 -40.34 60.07
CA LEU A 116 7.30 -40.70 60.45
C LEU A 116 6.66 -41.69 59.47
N ASP A 117 7.36 -42.08 58.41
CA ASP A 117 6.96 -43.19 57.54
C ASP A 117 5.59 -42.93 56.90
N GLN A 118 5.56 -41.91 56.05
CA GLN A 118 4.38 -41.65 55.24
C GLN A 118 4.51 -42.24 53.83
N TYR A 119 5.56 -43.00 53.58
CA TYR A 119 5.79 -43.63 52.29
C TYR A 119 5.39 -45.11 52.34
N ALA A 120 5.06 -45.64 51.17
CA ALA A 120 4.74 -47.05 51.08
C ALA A 120 6.02 -47.89 51.10
N PRO A 121 5.94 -49.13 51.60
CA PRO A 121 7.15 -49.97 51.66
C PRO A 121 7.77 -50.25 50.30
N ASP A 122 7.00 -50.21 49.22
CA ASP A 122 7.54 -50.49 47.90
C ASP A 122 8.16 -49.25 47.28
N VAL A 123 9.03 -48.57 48.03
CA VAL A 123 9.75 -47.41 47.51
C VAL A 123 11.19 -47.49 47.97
N ALA A 124 12.07 -47.97 47.09
CA ALA A 124 13.50 -47.98 47.36
C ALA A 124 14.29 -47.16 46.36
N GLU A 125 14.13 -47.43 45.06
CA GLU A 125 14.79 -46.64 44.02
C GLU A 125 13.87 -45.53 43.53
N LEU A 126 13.25 -44.85 44.49
CA LEU A 126 12.33 -43.77 44.16
C LEU A 126 12.49 -42.57 45.08
N ILE A 127 13.44 -42.58 46.00
CA ILE A 127 13.70 -41.47 46.90
C ILE A 127 14.98 -40.77 46.48
N ARG A 128 14.96 -39.44 46.48
CA ARG A 128 16.17 -38.68 46.19
C ARG A 128 17.26 -39.05 47.18
N THR A 129 18.48 -39.20 46.67
CA THR A 129 19.60 -39.69 47.45
C THR A 129 20.82 -38.79 47.29
N PRO A 130 21.60 -38.60 48.36
CA PRO A 130 22.65 -37.56 48.31
C PRO A 130 23.69 -37.75 47.22
N MET A 131 24.02 -39.00 46.86
CA MET A 131 25.03 -39.18 45.82
C MET A 131 24.49 -38.81 44.44
N GLU A 132 23.19 -39.01 44.20
CA GLU A 132 22.60 -38.61 42.93
C GLU A 132 22.26 -37.13 42.87
N MET A 133 22.19 -36.43 44.00
CA MET A 133 21.98 -35.00 44.02
C MET A 133 23.26 -34.20 44.21
N ARG A 134 24.41 -34.87 44.31
CA ARG A 134 25.66 -34.14 44.54
C ARG A 134 25.99 -33.22 43.38
N TYR A 135 25.78 -33.69 42.16
CA TYR A 135 26.15 -32.94 40.97
C TYR A 135 24.97 -32.29 40.27
N ILE A 136 23.79 -32.27 40.91
CA ILE A 136 22.64 -31.62 40.30
C ILE A 136 22.85 -30.12 40.16
N PRO A 137 23.35 -29.40 41.15
CA PRO A 137 23.65 -27.96 40.93
C PRO A 137 24.65 -27.73 39.82
N LEU A 138 25.67 -28.58 39.74
CA LEU A 138 26.66 -28.46 38.67
C LEU A 138 26.01 -28.69 37.30
N LYS A 139 25.13 -29.69 37.21
CA LYS A 139 24.44 -29.93 35.95
C LYS A 139 23.49 -28.81 35.61
N VAL A 140 22.89 -28.16 36.61
CA VAL A 140 22.03 -27.01 36.36
C VAL A 140 22.84 -25.87 35.76
N ALA A 141 23.98 -25.56 36.37
CA ALA A 141 24.85 -24.53 35.80
C ALA A 141 25.33 -24.92 34.42
N LEU A 142 25.60 -26.20 34.21
CA LEU A 142 26.09 -26.69 32.93
C LEU A 142 25.03 -26.56 31.85
N PHE A 143 23.78 -26.90 32.15
CA PHE A 143 22.70 -26.71 31.19
C PHE A 143 22.48 -25.23 30.92
N TYR A 144 22.58 -24.40 31.95
CA TYR A 144 22.39 -22.96 31.75
C TYR A 144 23.45 -22.38 30.84
N LEU A 145 24.71 -22.76 31.02
CA LEU A 145 25.80 -22.16 30.27
C LEU A 145 26.10 -22.87 28.95
N LEU A 146 26.40 -24.16 29.00
CA LEU A 146 26.84 -24.91 27.83
C LEU A 146 25.67 -25.53 27.07
N ASN A 147 24.69 -24.70 26.71
CA ASN A 147 23.71 -25.11 25.73
C ASN A 147 23.63 -24.03 24.66
N PRO A 148 23.32 -24.40 23.42
CA PRO A 148 23.38 -23.40 22.34
C PRO A 148 22.44 -22.23 22.55
N TYR A 149 21.34 -22.41 23.27
CA TYR A 149 20.37 -21.34 23.44
C TYR A 149 20.98 -20.16 24.19
N THR A 150 21.58 -20.43 25.36
CA THR A 150 22.19 -19.36 26.14
C THR A 150 23.40 -18.78 25.46
N ILE A 151 24.20 -19.62 24.80
CA ILE A 151 25.38 -19.13 24.09
C ILE A 151 24.97 -18.17 23.00
N LEU A 152 23.95 -18.53 22.22
CA LEU A 152 23.44 -17.65 21.17
C LEU A 152 22.86 -16.37 21.75
N SER A 153 22.13 -16.48 22.86
CA SER A 153 21.57 -15.29 23.49
C SER A 153 22.67 -14.36 23.96
N CYS A 154 23.77 -14.90 24.46
CA CYS A 154 24.88 -14.06 24.91
C CYS A 154 25.59 -13.41 23.73
N VAL A 155 25.90 -14.20 22.70
CA VAL A 155 26.65 -13.68 21.55
C VAL A 155 25.82 -12.63 20.82
N ALA A 156 24.52 -12.86 20.69
CA ALA A 156 23.63 -11.85 20.13
C ALA A 156 23.49 -10.64 21.03
N LYS A 157 23.95 -10.73 22.27
CA LYS A 157 23.89 -9.62 23.23
C LYS A 157 22.44 -9.20 23.47
N SER A 158 21.58 -10.19 23.69
CA SER A 158 20.18 -9.94 23.98
C SER A 158 19.99 -9.62 25.46
N THR A 159 19.08 -8.68 25.74
CA THR A 159 18.77 -8.36 27.12
C THR A 159 17.95 -9.46 27.81
N CYS A 160 17.51 -10.47 27.04
CA CYS A 160 16.93 -11.65 27.67
C CYS A 160 17.94 -12.31 28.61
N ALA A 161 19.23 -12.13 28.37
CA ALA A 161 20.23 -12.57 29.33
C ALA A 161 20.09 -11.82 30.65
N ILE A 162 19.86 -10.51 30.59
CA ILE A 162 19.63 -9.73 31.80
C ILE A 162 18.37 -10.20 32.51
N ASN A 163 17.31 -10.45 31.73
CA ASN A 163 16.07 -10.95 32.34
C ASN A 163 16.30 -12.29 33.02
N ASN A 164 17.08 -13.17 32.39
CA ASN A 164 17.39 -14.46 32.99
C ASN A 164 18.19 -14.29 34.28
N THR A 165 19.15 -13.36 34.29
CA THR A 165 19.91 -13.12 35.50
C THR A 165 19.02 -12.62 36.62
N LEU A 166 18.09 -11.72 36.30
CA LEU A 166 17.16 -11.22 37.32
C LEU A 166 16.29 -12.34 37.86
N ILE A 167 15.75 -13.19 36.98
CA ILE A 167 14.88 -14.27 37.43
C ILE A 167 15.67 -15.29 38.25
N ALA A 168 16.90 -15.59 37.84
CA ALA A 168 17.72 -16.53 38.59
C ALA A 168 18.07 -15.99 39.96
N PHE A 169 18.35 -14.70 40.06
CA PHE A 169 18.61 -14.12 41.37
C PHE A 169 17.35 -14.09 42.23
N PHE A 170 16.18 -13.91 41.60
CA PHE A 170 14.93 -14.04 42.34
C PHE A 170 14.79 -15.45 42.91
N ILE A 171 15.10 -16.46 42.10
CA ILE A 171 15.04 -17.85 42.57
C ILE A 171 16.02 -18.06 43.73
N LEU A 172 17.23 -17.55 43.58
CA LEU A 172 18.26 -17.72 44.61
C LEU A 172 17.84 -17.06 45.92
N THR A 173 17.33 -15.84 45.85
CA THR A 173 16.95 -15.14 47.06
C THR A 173 15.71 -15.74 47.71
N THR A 174 14.74 -16.19 46.91
CA THR A 174 13.59 -16.88 47.46
C THR A 174 14.00 -18.18 48.14
N ILE A 175 14.93 -18.91 47.53
CA ILE A 175 15.37 -20.18 48.11
C ILE A 175 16.16 -19.94 49.39
N LYS A 176 17.04 -18.93 49.40
CA LYS A 176 17.74 -18.58 50.61
C LYS A 176 16.82 -18.00 51.68
N GLY A 177 15.63 -17.55 51.29
CA GLY A 177 14.66 -17.04 52.24
C GLY A 177 14.65 -15.55 52.43
N SER A 178 15.41 -14.80 51.62
CA SER A 178 15.43 -13.35 51.74
C SER A 178 14.19 -12.79 51.05
N ALA A 179 13.15 -12.52 51.84
CA ALA A 179 11.90 -12.02 51.28
C ALA A 179 12.08 -10.65 50.65
N PHE A 180 12.90 -9.79 51.25
CA PHE A 180 13.10 -8.46 50.70
C PHE A 180 13.83 -8.52 49.38
N LEU A 181 14.94 -9.24 49.32
CA LEU A 181 15.66 -9.38 48.06
C LEU A 181 14.85 -10.15 47.03
N SER A 182 14.05 -11.12 47.48
CA SER A 182 13.12 -11.80 46.58
C SER A 182 12.19 -10.79 45.92
N ALA A 183 11.60 -9.90 46.72
CA ALA A 183 10.70 -8.90 46.17
C ALA A 183 11.42 -7.93 45.25
N ILE A 184 12.63 -7.52 45.61
CA ILE A 184 13.39 -6.59 44.75
C ILE A 184 13.66 -7.22 43.39
N PHE A 185 14.12 -8.47 43.39
CA PHE A 185 14.46 -9.10 42.12
C PHE A 185 13.22 -9.45 41.32
N LEU A 186 12.14 -9.84 41.99
CA LEU A 186 10.88 -10.07 41.28
C LEU A 186 10.35 -8.80 40.65
N ALA A 187 10.45 -7.68 41.38
CA ALA A 187 10.02 -6.41 40.82
C ALA A 187 10.88 -6.00 39.64
N LEU A 188 12.19 -6.22 39.73
CA LEU A 188 13.07 -5.91 38.61
C LEU A 188 12.73 -6.75 37.39
N ALA A 189 12.48 -8.05 37.60
CA ALA A 189 12.15 -8.92 36.48
C ALA A 189 10.80 -8.56 35.87
N THR A 190 9.81 -8.22 36.71
CA THR A 190 8.50 -7.80 36.19
C THR A 190 8.61 -6.49 35.45
N TYR A 191 9.45 -5.58 35.95
CA TYR A 191 9.70 -4.31 35.28
C TYR A 191 10.38 -4.53 33.95
N GLN A 192 11.20 -5.57 33.82
CA GLN A 192 11.91 -5.82 32.58
C GLN A 192 11.02 -6.51 31.55
N SER A 193 10.37 -7.61 31.91
CA SER A 193 9.70 -8.45 30.94
C SER A 193 8.21 -8.64 31.17
N LEU A 194 7.67 -8.13 32.27
CA LEU A 194 6.23 -8.09 32.53
C LEU A 194 5.62 -9.47 32.72
N TYR A 195 6.40 -10.54 32.51
CA TYR A 195 5.84 -11.85 32.82
C TYR A 195 6.67 -12.63 33.84
N PRO A 196 7.26 -12.00 34.85
CA PRO A 196 7.52 -12.71 36.12
C PRO A 196 6.50 -12.45 37.21
N LEU A 197 5.45 -11.67 36.92
CA LEU A 197 4.41 -11.41 37.91
C LEU A 197 3.81 -12.72 38.41
N THR A 198 3.60 -13.68 37.52
CA THR A 198 3.09 -14.98 37.93
C THR A 198 4.03 -15.67 38.91
N LEU A 199 5.35 -15.50 38.72
CA LEU A 199 6.32 -16.02 39.66
C LEU A 199 6.17 -15.47 41.06
N PHE A 200 5.32 -14.46 41.25
CA PHE A 200 5.02 -14.00 42.60
C PHE A 200 4.34 -15.08 43.43
N VAL A 201 3.58 -15.95 42.78
CA VAL A 201 2.82 -16.98 43.50
C VAL A 201 3.76 -18.09 44.01
N PRO A 202 4.63 -18.67 43.18
CA PRO A 202 5.53 -19.71 43.74
C PRO A 202 6.43 -19.20 44.84
N GLY A 203 7.14 -18.11 44.59
CA GLY A 203 8.11 -17.61 45.56
C GLY A 203 7.50 -17.45 46.94
N LEU A 204 6.39 -16.71 47.03
CA LEU A 204 5.70 -16.55 48.30
C LEU A 204 5.45 -17.89 48.95
N LEU A 205 4.89 -18.84 48.19
CA LEU A 205 4.62 -20.17 48.73
C LEU A 205 5.89 -20.75 49.34
N TYR A 206 6.98 -20.76 48.56
CA TYR A 206 8.22 -21.30 49.09
C TYR A 206 8.66 -20.53 50.31
N LEU A 207 8.54 -19.20 50.28
CA LEU A 207 8.87 -18.40 51.44
C LEU A 207 8.09 -18.88 52.65
N LEU A 208 6.77 -19.04 52.48
CA LEU A 208 5.96 -19.57 53.57
C LEU A 208 6.44 -20.96 53.96
N GLN A 209 6.73 -21.81 52.97
CA GLN A 209 7.20 -23.15 53.28
C GLN A 209 8.53 -23.11 54.01
N ARG A 210 9.31 -22.04 53.80
CA ARG A 210 10.57 -21.92 54.51
C ARG A 210 10.39 -21.34 55.91
N GLN A 211 9.29 -20.63 56.15
CA GLN A 211 9.00 -20.08 57.47
C GLN A 211 8.08 -21.00 58.26
N TYR A 212 7.69 -22.14 57.70
CA TYR A 212 6.80 -23.09 58.36
C TYR A 212 5.47 -22.46 58.71
N ILE A 213 5.05 -21.48 57.91
CA ILE A 213 3.76 -20.83 58.05
C ILE A 213 2.74 -21.65 57.27
N PRO A 214 1.70 -22.18 57.91
CA PRO A 214 0.65 -22.88 57.16
C PRO A 214 0.02 -21.97 56.13
N VAL A 215 -0.29 -22.51 54.97
CA VAL A 215 -0.97 -21.77 53.91
C VAL A 215 -2.42 -22.22 53.95
N LYS A 216 -3.24 -21.46 54.69
CA LYS A 216 -4.64 -21.82 54.87
C LYS A 216 -5.42 -20.56 55.21
N MET A 217 -6.73 -20.64 55.00
CA MET A 217 -7.60 -19.47 55.13
C MET A 217 -7.61 -18.95 56.57
N LYS A 218 -7.87 -19.82 57.52
CA LYS A 218 -7.98 -19.42 58.93
C LYS A 218 -6.60 -19.43 59.60
N SER A 219 -5.68 -18.66 59.03
CA SER A 219 -4.33 -18.54 59.56
C SER A 219 -3.93 -17.08 59.44
N LYS A 220 -3.79 -16.41 60.58
CA LYS A 220 -3.44 -14.99 60.58
C LYS A 220 -2.02 -14.77 60.08
N ALA A 221 -1.08 -15.62 60.51
CA ALA A 221 0.32 -15.43 60.14
C ALA A 221 0.52 -15.53 58.63
N PHE A 222 -0.21 -16.44 57.98
CA PHE A 222 -0.11 -16.56 56.53
C PHE A 222 -0.52 -15.27 55.84
N TRP A 223 -1.64 -14.68 56.26
CA TRP A 223 -2.08 -13.43 55.67
C TRP A 223 -1.11 -12.30 55.96
N ILE A 224 -0.55 -12.28 57.18
CA ILE A 224 0.41 -11.24 57.52
C ILE A 224 1.62 -11.31 56.61
N PHE A 225 2.18 -12.52 56.44
CA PHE A 225 3.37 -12.65 55.60
C PHE A 225 3.04 -12.40 54.14
N SER A 226 1.87 -12.85 53.68
CA SER A 226 1.49 -12.59 52.30
C SER A 226 1.37 -11.09 52.04
N TRP A 227 0.76 -10.35 52.97
CA TRP A 227 0.63 -8.92 52.79
C TRP A 227 1.99 -8.23 52.85
N GLU A 228 2.87 -8.67 53.76
CA GLU A 228 4.21 -8.08 53.83
C GLU A 228 4.96 -8.28 52.53
N TYR A 229 4.98 -9.51 52.02
CA TYR A 229 5.70 -9.81 50.79
C TYR A 229 5.08 -9.09 49.60
N ALA A 230 3.75 -9.06 49.54
CA ALA A 230 3.08 -8.38 48.43
C ALA A 230 3.37 -6.89 48.45
N MET A 231 3.37 -6.28 49.63
CA MET A 231 3.68 -4.85 49.72
C MET A 231 5.14 -4.58 49.37
N MET A 232 6.07 -5.44 49.80
CA MET A 232 7.45 -5.26 49.36
C MET A 232 7.55 -5.35 47.85
N TYR A 233 6.88 -6.32 47.24
CA TYR A 233 6.96 -6.50 45.80
C TYR A 233 6.35 -5.31 45.05
N VAL A 234 5.14 -4.91 45.43
CA VAL A 234 4.46 -3.83 44.71
C VAL A 234 5.17 -2.50 44.96
N GLY A 235 5.66 -2.27 46.18
CA GLY A 235 6.41 -1.06 46.46
C GLY A 235 7.70 -1.00 45.67
N SER A 236 8.42 -2.12 45.60
CA SER A 236 9.63 -2.14 44.79
C SER A 236 9.31 -1.86 43.34
N LEU A 237 8.24 -2.47 42.82
CA LEU A 237 7.85 -2.25 41.44
C LEU A 237 7.55 -0.78 41.18
N VAL A 238 6.76 -0.15 42.06
CA VAL A 238 6.36 1.23 41.84
C VAL A 238 7.53 2.18 42.01
N VAL A 239 8.45 1.89 42.93
CA VAL A 239 9.64 2.73 43.08
C VAL A 239 10.51 2.65 41.85
N ILE A 240 10.71 1.44 41.31
CA ILE A 240 11.49 1.31 40.08
C ILE A 240 10.80 2.03 38.93
N ILE A 241 9.47 1.98 38.90
CA ILE A 241 8.74 2.64 37.82
C ILE A 241 8.90 4.15 37.89
N CYS A 242 8.77 4.72 39.09
CA CYS A 242 8.95 6.16 39.25
C CYS A 242 10.38 6.59 38.95
N LEU A 243 11.36 5.80 39.37
CA LEU A 243 12.75 6.10 39.05
C LEU A 243 12.99 6.09 37.55
N SER A 244 12.45 5.07 36.88
CA SER A 244 12.58 4.99 35.42
C SER A 244 11.89 6.17 34.75
N PHE A 245 10.78 6.66 35.31
CA PHE A 245 10.22 7.91 34.83
C PHE A 245 11.22 9.03 34.95
N PHE A 246 11.86 9.15 36.11
CA PHE A 246 12.78 10.26 36.35
C PHE A 246 14.00 10.20 35.45
N LEU A 247 14.33 9.03 34.90
CA LEU A 247 15.47 8.97 34.00
C LEU A 247 15.25 9.81 32.74
N LEU A 248 14.10 9.65 32.09
CA LEU A 248 13.75 10.47 30.93
C LEU A 248 12.80 11.61 31.26
N SER A 249 12.32 11.70 32.51
CA SER A 249 11.35 12.71 32.91
C SER A 249 10.10 12.67 32.03
N SER A 250 9.61 11.45 31.77
CA SER A 250 8.42 11.26 30.96
C SER A 250 7.97 9.82 31.10
N TRP A 251 6.65 9.60 31.01
CA TRP A 251 6.08 8.26 31.07
C TRP A 251 5.92 7.65 29.69
N ASP A 252 6.98 7.68 28.89
CA ASP A 252 6.94 7.12 27.56
C ASP A 252 7.41 5.68 27.52
N PHE A 253 8.24 5.28 28.47
CA PHE A 253 8.65 3.88 28.54
C PHE A 253 7.48 2.98 28.86
N ILE A 254 6.48 3.49 29.56
CA ILE A 254 5.34 2.68 29.98
C ILE A 254 4.62 2.14 28.75
N PRO A 255 4.09 2.97 27.83
CA PRO A 255 3.44 2.39 26.64
C PRO A 255 4.42 1.57 25.83
N ALA A 256 5.54 2.19 25.44
CA ALA A 256 6.47 1.59 24.50
C ALA A 256 7.04 0.27 24.98
N VAL A 257 7.00 -0.01 26.29
CA VAL A 257 7.48 -1.29 26.78
C VAL A 257 6.30 -2.20 27.10
N TYR A 258 5.47 -1.80 28.06
CA TYR A 258 4.47 -2.75 28.55
C TYR A 258 3.29 -2.89 27.59
N GLY A 259 2.82 -1.79 26.99
CA GLY A 259 1.77 -1.93 26.01
C GLY A 259 2.27 -2.58 24.74
N PHE A 260 3.56 -2.46 24.46
CA PHE A 260 4.17 -3.21 23.36
C PHE A 260 4.18 -4.71 23.66
N ILE A 261 4.48 -5.07 24.90
CA ILE A 261 4.44 -6.48 25.28
C ILE A 261 3.02 -7.01 25.25
N LEU A 262 2.06 -6.19 25.65
CA LEU A 262 0.68 -6.67 25.81
C LEU A 262 -0.13 -6.63 24.52
N SER A 263 0.08 -5.64 23.66
CA SER A 263 -0.75 -5.47 22.47
C SER A 263 -0.14 -6.09 21.21
N VAL A 264 1.15 -6.36 21.21
CA VAL A 264 1.85 -7.03 20.10
C VAL A 264 1.59 -6.27 18.80
N PRO A 265 2.24 -5.13 18.57
CA PRO A 265 2.08 -4.42 17.29
C PRO A 265 3.16 -4.67 16.25
N ASP A 266 4.18 -5.48 16.53
CA ASP A 266 5.34 -5.54 15.65
C ASP A 266 5.25 -6.63 14.60
N LEU A 267 4.74 -7.80 14.95
CA LEU A 267 4.57 -8.93 14.02
C LEU A 267 5.90 -9.42 13.46
N THR A 268 7.02 -9.06 14.08
CA THR A 268 8.30 -9.63 13.68
C THR A 268 8.30 -11.12 14.03
N PRO A 269 8.77 -11.98 13.13
CA PRO A 269 8.74 -13.42 13.39
C PRO A 269 9.54 -13.79 14.63
N ASN A 270 9.03 -14.78 15.37
CA ASN A 270 9.66 -15.26 16.58
C ASN A 270 9.63 -16.79 16.55
N ILE A 271 9.97 -17.39 17.68
CA ILE A 271 9.70 -18.80 17.91
C ILE A 271 8.35 -18.99 18.60
N GLY A 272 7.58 -17.91 18.76
CA GLY A 272 6.34 -17.96 19.50
C GLY A 272 5.12 -18.14 18.61
N LEU A 273 3.95 -18.05 19.25
CA LEU A 273 2.68 -18.28 18.60
C LEU A 273 1.96 -17.00 18.21
N PHE A 274 2.56 -15.83 18.46
CA PHE A 274 1.85 -14.58 18.28
C PHE A 274 2.05 -13.96 16.91
N TRP A 275 3.27 -14.02 16.36
CA TRP A 275 3.62 -13.19 15.22
C TRP A 275 2.75 -13.51 14.01
N TYR A 276 2.67 -14.78 13.63
CA TYR A 276 1.93 -15.12 12.41
C TYR A 276 0.43 -15.08 12.65
N PHE A 277 0.01 -15.49 13.84
CA PHE A 277 -1.40 -15.42 14.21
C PHE A 277 -1.93 -14.00 14.08
N PHE A 278 -1.17 -13.02 14.59
CA PHE A 278 -1.63 -11.64 14.55
C PHE A 278 -1.26 -10.93 13.25
N ALA A 279 -0.36 -11.49 12.44
CA ALA A 279 -0.20 -10.97 11.09
C ALA A 279 -1.39 -11.36 10.21
N GLU A 280 -1.79 -12.63 10.29
CA GLU A 280 -2.94 -13.12 9.53
C GLU A 280 -4.14 -13.25 10.47
N MET A 281 -4.72 -12.10 10.80
CA MET A 281 -5.83 -12.02 11.73
C MET A 281 -6.86 -11.05 11.16
N PHE A 282 -8.14 -11.31 11.45
CA PHE A 282 -9.20 -10.43 11.01
C PHE A 282 -9.27 -9.20 11.91
N GLU A 283 -9.50 -8.04 11.29
CA GLU A 283 -9.35 -6.76 11.98
C GLU A 283 -10.26 -6.66 13.19
N HIS A 284 -11.56 -6.64 12.97
CA HIS A 284 -12.48 -6.97 14.05
C HIS A 284 -12.24 -8.43 14.42
N PHE A 285 -12.51 -8.77 15.68
CA PHE A 285 -12.33 -10.09 16.26
C PHE A 285 -10.86 -10.30 16.65
N SER A 286 -9.98 -9.32 16.47
CA SER A 286 -8.57 -9.48 16.82
C SER A 286 -8.26 -9.10 18.25
N LEU A 287 -8.99 -8.15 18.83
CA LEU A 287 -8.74 -7.75 20.21
C LEU A 287 -9.08 -8.88 21.18
N PHE A 288 -10.09 -9.68 20.84
CA PHE A 288 -10.44 -10.83 21.67
C PHE A 288 -9.26 -11.79 21.79
N PHE A 289 -8.56 -12.02 20.69
CA PHE A 289 -7.43 -12.95 20.74
C PHE A 289 -6.24 -12.35 21.47
N VAL A 290 -6.00 -11.04 21.33
CA VAL A 290 -4.98 -10.41 22.15
C VAL A 290 -5.29 -10.65 23.62
N CYS A 291 -6.55 -10.43 24.01
CA CYS A 291 -6.93 -10.60 25.40
C CYS A 291 -6.73 -12.05 25.87
N VAL A 292 -7.22 -13.02 25.09
CA VAL A 292 -7.14 -14.40 25.55
C VAL A 292 -5.69 -14.90 25.54
N PHE A 293 -4.89 -14.48 24.55
CA PHE A 293 -3.51 -14.93 24.49
C PHE A 293 -2.66 -14.30 25.57
N GLN A 294 -3.00 -13.09 26.01
CA GLN A 294 -2.30 -12.55 27.18
C GLN A 294 -2.79 -13.18 28.48
N ILE A 295 -4.08 -13.53 28.55
CA ILE A 295 -4.60 -14.19 29.74
C ILE A 295 -4.04 -15.60 29.84
N ASN A 296 -3.62 -16.18 28.71
CA ASN A 296 -3.04 -17.53 28.74
C ASN A 296 -1.84 -17.63 29.66
N VAL A 297 -0.96 -16.62 29.63
CA VAL A 297 0.26 -16.70 30.42
C VAL A 297 -0.06 -16.68 31.91
N PHE A 298 -1.06 -15.90 32.31
CA PHE A 298 -1.46 -15.77 33.70
C PHE A 298 -2.52 -16.78 34.11
N PHE A 299 -2.99 -17.60 33.18
CA PHE A 299 -4.13 -18.46 33.46
C PHE A 299 -3.78 -19.60 34.40
N TYR A 300 -2.65 -20.27 34.15
CA TYR A 300 -2.32 -21.46 34.91
C TYR A 300 -1.68 -21.16 36.26
N THR A 301 -1.38 -19.90 36.57
CA THR A 301 -0.66 -19.64 37.81
C THR A 301 -1.46 -20.06 39.03
N ILE A 302 -2.76 -19.77 39.07
CA ILE A 302 -3.61 -20.11 40.22
C ILE A 302 -3.89 -21.61 40.28
N PRO A 303 -4.28 -22.28 39.19
CA PRO A 303 -4.50 -23.73 39.28
C PRO A 303 -3.23 -24.51 39.59
N LEU A 304 -2.11 -24.15 38.97
CA LEU A 304 -0.86 -24.80 39.32
C LEU A 304 -0.45 -24.47 40.75
N ALA A 305 -0.85 -23.32 41.27
CA ALA A 305 -0.60 -23.02 42.68
C ALA A 305 -1.41 -23.93 43.59
N ILE A 306 -2.69 -24.12 43.28
CA ILE A 306 -3.55 -24.91 44.16
C ILE A 306 -3.41 -26.40 43.89
N LYS A 307 -2.62 -26.79 42.90
CA LYS A 307 -2.24 -28.19 42.70
C LYS A 307 -0.83 -28.49 43.18
N LEU A 308 0.07 -27.52 43.15
CA LEU A 308 1.46 -27.66 43.56
C LEU A 308 1.75 -26.77 44.75
N LYS A 309 0.84 -26.76 45.72
CA LYS A 309 1.01 -25.90 46.89
C LYS A 309 2.24 -26.28 47.69
N GLU A 310 2.49 -27.58 47.83
CA GLU A 310 3.64 -28.05 48.60
C GLU A 310 4.92 -28.15 47.78
N HIS A 311 4.87 -27.84 46.48
CA HIS A 311 6.01 -27.97 45.60
C HIS A 311 6.18 -26.67 44.81
N PRO A 312 6.53 -25.58 45.50
CA PRO A 312 6.62 -24.28 44.83
C PRO A 312 7.82 -24.13 43.91
N ILE A 313 8.81 -25.02 44.00
CA ILE A 313 9.94 -24.92 43.08
C ILE A 313 9.63 -25.61 41.77
N PHE A 314 8.98 -26.78 41.81
CA PHE A 314 8.47 -27.35 40.58
C PHE A 314 7.41 -26.46 39.96
N PHE A 315 6.54 -25.89 40.80
CA PHE A 315 5.59 -24.89 40.32
C PHE A 315 6.28 -23.68 39.71
N MET A 316 7.40 -23.25 40.29
CA MET A 316 8.14 -22.15 39.71
C MET A 316 8.75 -22.53 38.36
N PHE A 317 9.26 -23.76 38.25
CA PHE A 317 9.80 -24.25 36.99
C PHE A 317 8.71 -24.31 35.91
N ILE A 318 7.55 -24.83 36.27
CA ILE A 318 6.46 -24.94 35.31
C ILE A 318 5.97 -23.55 34.90
N GLN A 319 5.93 -22.62 35.86
CA GLN A 319 5.53 -21.26 35.53
C GLN A 319 6.53 -20.59 34.59
N ILE A 320 7.83 -20.78 34.85
CA ILE A 320 8.85 -20.22 33.97
C ILE A 320 8.71 -20.80 32.58
N ALA A 321 8.43 -22.10 32.48
CA ALA A 321 8.23 -22.72 31.18
C ALA A 321 7.01 -22.16 30.47
N VAL A 322 5.92 -21.95 31.21
CA VAL A 322 4.70 -21.41 30.59
C VAL A 322 4.95 -20.00 30.09
N ILE A 323 5.66 -19.19 30.87
CA ILE A 323 6.03 -17.85 30.43
C ILE A 323 6.89 -17.93 29.17
N ALA A 324 7.86 -18.84 29.16
CA ALA A 324 8.77 -18.93 28.02
C ALA A 324 8.04 -19.33 26.75
N ILE A 325 7.08 -20.25 26.86
CA ILE A 325 6.40 -20.73 25.66
C ILE A 325 5.35 -19.72 25.19
N PHE A 326 4.48 -19.28 26.11
CA PHE A 326 3.43 -18.31 25.78
C PHE A 326 3.91 -16.94 26.21
N LYS A 327 4.24 -16.10 25.23
CA LYS A 327 4.90 -14.85 25.51
C LYS A 327 4.90 -14.03 24.24
N SER A 328 4.62 -12.74 24.37
CA SER A 328 4.81 -11.85 23.25
C SER A 328 6.31 -11.69 23.01
N TYR A 329 6.74 -11.97 21.79
CA TYR A 329 8.14 -11.83 21.42
C TYR A 329 9.03 -12.65 22.35
N PRO A 330 8.98 -13.98 22.30
CA PRO A 330 9.93 -14.78 23.07
C PRO A 330 11.18 -15.09 22.26
N THR A 331 12.33 -14.92 22.90
CA THR A 331 13.59 -15.35 22.35
C THR A 331 13.90 -16.76 22.85
N VAL A 332 14.87 -17.40 22.20
CA VAL A 332 15.18 -18.77 22.58
C VAL A 332 16.01 -18.81 23.85
N GLY A 333 16.56 -17.66 24.27
CA GLY A 333 17.20 -17.57 25.57
C GLY A 333 16.23 -17.60 26.73
N ASP A 334 14.96 -17.32 26.47
CA ASP A 334 13.93 -17.52 27.49
C ASP A 334 13.66 -19.00 27.69
N VAL A 335 13.78 -19.79 26.62
CA VAL A 335 13.65 -21.25 26.73
C VAL A 335 14.78 -21.81 27.57
N ALA A 336 15.98 -21.22 27.45
CA ALA A 336 17.15 -21.72 28.17
C ALA A 336 16.97 -21.64 29.68
N LEU A 337 16.27 -20.62 30.17
CA LEU A 337 16.12 -20.44 31.61
C LEU A 337 15.40 -21.62 32.24
N TYR A 338 14.31 -22.08 31.61
CA TYR A 338 13.62 -23.24 32.17
C TYR A 338 14.26 -24.56 31.75
N MET A 339 14.97 -24.58 30.62
CA MET A 339 15.69 -25.80 30.27
C MET A 339 16.85 -26.07 31.20
N ALA A 340 17.40 -25.03 31.83
CA ALA A 340 18.45 -25.24 32.82
C ALA A 340 17.95 -25.94 34.08
N PHE A 341 16.64 -26.00 34.27
CA PHE A 341 16.06 -26.65 35.44
C PHE A 341 15.83 -28.14 35.22
N PHE A 342 16.17 -28.67 34.04
CA PHE A 342 15.93 -30.09 33.79
C PHE A 342 16.69 -31.00 34.73
N PRO A 343 17.98 -30.81 34.99
CA PRO A 343 18.68 -31.71 35.93
C PRO A 343 18.07 -31.74 37.33
N VAL A 344 17.37 -30.68 37.74
CA VAL A 344 16.66 -30.72 39.02
C VAL A 344 15.59 -31.80 39.00
N TRP A 345 15.04 -32.10 37.83
CA TRP A 345 13.94 -33.04 37.69
C TRP A 345 14.32 -34.24 36.83
N ASN A 346 15.60 -34.62 36.85
CA ASN A 346 16.03 -35.79 36.10
C ASN A 346 15.84 -37.09 36.87
N HIS A 347 15.50 -37.01 38.16
CA HIS A 347 15.08 -38.21 38.88
C HIS A 347 13.71 -38.69 38.42
N LEU A 348 12.97 -37.86 37.70
CA LEU A 348 11.73 -38.28 37.07
C LEU A 348 11.96 -38.99 35.75
N TYR A 349 13.19 -39.42 35.46
CA TYR A 349 13.45 -40.10 34.19
C TYR A 349 13.16 -41.59 34.35
N ARG A 350 12.01 -41.90 34.90
CA ARG A 350 11.42 -43.23 34.78
C ARG A 350 9.92 -43.16 34.62
N PHE A 351 9.33 -41.96 34.74
CA PHE A 351 7.92 -41.74 34.50
C PHE A 351 7.66 -40.84 33.29
N LEU A 352 8.70 -40.26 32.70
CA LEU A 352 8.53 -39.46 31.50
C LEU A 352 7.95 -40.31 30.39
N ARG A 353 6.76 -39.92 29.93
CA ARG A 353 6.05 -40.70 28.92
C ARG A 353 6.86 -40.79 27.63
N ASN A 354 7.09 -39.65 26.99
CA ASN A 354 7.78 -39.58 25.70
C ASN A 354 8.82 -38.46 25.70
N ILE A 355 10.03 -38.78 26.16
CA ILE A 355 11.11 -37.80 26.21
C ILE A 355 11.94 -37.82 24.93
N PHE A 356 12.13 -39.00 24.35
CA PHE A 356 12.98 -39.13 23.17
C PHE A 356 12.40 -38.38 21.98
N VAL A 357 11.13 -38.63 21.66
CA VAL A 357 10.52 -38.01 20.50
C VAL A 357 10.42 -36.50 20.69
N LEU A 358 10.12 -36.05 21.92
CA LEU A 358 9.99 -34.62 22.16
C LEU A 358 11.33 -33.92 22.06
N THR A 359 12.38 -34.53 22.61
CA THR A 359 13.72 -33.96 22.45
C THR A 359 14.13 -33.91 20.99
N CYS A 360 13.82 -34.96 20.22
CA CYS A 360 14.11 -34.94 18.80
C CYS A 360 13.36 -33.83 18.08
N ILE A 361 12.08 -33.66 18.40
CA ILE A 361 11.30 -32.60 17.77
C ILE A 361 11.87 -31.24 18.08
N ILE A 362 12.24 -31.01 19.35
CA ILE A 362 12.78 -29.70 19.73
C ILE A 362 14.11 -29.45 19.04
N ILE A 363 14.99 -30.45 19.00
CA ILE A 363 16.28 -30.28 18.35
C ILE A 363 16.12 -30.02 16.85
N VAL A 364 15.25 -30.79 16.19
CA VAL A 364 15.03 -30.62 14.76
C VAL A 364 14.46 -29.25 14.47
N CYS A 365 13.49 -28.80 15.28
CA CYS A 365 12.93 -27.46 15.10
C CYS A 365 13.99 -26.39 15.32
N SER A 366 14.84 -26.57 16.34
CA SER A 366 15.88 -25.59 16.61
C SER A 366 16.85 -25.46 15.45
N LEU A 367 17.23 -26.57 14.85
CA LEU A 367 18.15 -26.51 13.72
C LEU A 367 17.45 -26.27 12.39
N LEU A 368 16.12 -26.31 12.35
CA LEU A 368 15.37 -25.94 11.16
C LEU A 368 14.94 -24.49 11.15
N PHE A 369 14.93 -23.83 12.31
CA PHE A 369 14.59 -22.41 12.35
C PHE A 369 15.50 -21.57 11.46
N PRO A 370 16.83 -21.59 11.63
CA PRO A 370 17.67 -20.82 10.71
C PRO A 370 17.56 -21.28 9.27
N VAL A 371 17.42 -22.59 9.05
CA VAL A 371 17.40 -23.12 7.69
C VAL A 371 16.17 -22.62 6.93
N LEU A 372 14.99 -22.79 7.51
CA LEU A 372 13.78 -22.34 6.82
C LEU A 372 13.68 -20.82 6.80
N TRP A 373 14.22 -20.16 7.83
CA TRP A 373 14.30 -18.71 7.79
C TRP A 373 15.11 -18.24 6.59
N HIS A 374 16.24 -18.88 6.33
CA HIS A 374 17.00 -18.58 5.13
C HIS A 374 16.19 -18.91 3.88
N LEU A 375 15.46 -20.02 3.90
CA LEU A 375 14.71 -20.42 2.73
C LEU A 375 13.49 -19.56 2.42
N TRP A 376 13.02 -18.69 3.31
CA TRP A 376 11.95 -17.82 2.81
C TRP A 376 12.27 -16.34 2.97
N ILE A 377 13.45 -15.98 3.46
CA ILE A 377 13.86 -14.60 3.58
C ILE A 377 14.98 -14.27 2.60
N TYR A 378 16.02 -15.10 2.57
CA TYR A 378 17.13 -14.87 1.66
C TYR A 378 16.97 -15.65 0.36
N ALA A 379 16.55 -16.89 0.46
CA ALA A 379 16.08 -17.63 -0.70
C ALA A 379 14.58 -17.46 -0.82
N GLY A 380 14.08 -17.34 -2.05
CA GLY A 380 12.66 -17.21 -2.25
C GLY A 380 11.98 -18.56 -2.35
N SER A 381 12.75 -19.61 -2.07
CA SER A 381 12.26 -20.97 -2.28
C SER A 381 11.07 -21.32 -1.39
N ALA A 382 11.05 -20.85 -0.15
CA ALA A 382 9.97 -21.15 0.77
C ALA A 382 9.15 -19.89 1.04
N ASN A 383 8.18 -20.03 1.93
CA ASN A 383 7.33 -18.90 2.32
C ASN A 383 7.19 -18.86 3.84
N SER A 384 6.33 -17.97 4.33
CA SER A 384 6.14 -17.83 5.77
C SER A 384 5.47 -19.05 6.39
N ASN A 385 4.82 -19.89 5.60
CA ASN A 385 4.14 -21.06 6.14
C ASN A 385 5.13 -22.08 6.70
N PHE A 386 6.31 -22.19 6.08
CA PHE A 386 7.33 -23.09 6.60
C PHE A 386 7.75 -22.68 8.00
N PHE A 387 8.09 -21.40 8.17
CA PHE A 387 8.49 -20.90 9.49
C PHE A 387 7.35 -21.04 10.49
N TYR A 388 6.11 -20.78 10.04
CA TYR A 388 4.98 -20.92 10.94
C TYR A 388 4.83 -22.36 11.40
N ALA A 389 5.00 -23.32 10.49
CA ALA A 389 4.91 -24.73 10.85
C ALA A 389 6.00 -25.11 11.83
N ILE A 390 7.22 -24.58 11.63
CA ILE A 390 8.30 -24.91 12.55
C ILE A 390 8.05 -24.29 13.92
N THR A 391 7.49 -23.08 13.96
CA THR A 391 7.13 -22.48 15.24
C THR A 391 6.05 -23.30 15.94
N LEU A 392 5.05 -23.76 15.18
CA LEU A 392 4.00 -24.59 15.76
C LEU A 392 4.58 -25.88 16.35
N THR A 393 5.47 -26.54 15.58
CA THR A 393 6.05 -27.79 16.05
C THR A 393 6.94 -27.57 17.26
N PHE A 394 7.73 -26.50 17.25
CA PHE A 394 8.58 -26.17 18.39
C PHE A 394 7.75 -25.94 19.65
N ASN A 395 6.68 -25.14 19.52
CA ASN A 395 5.88 -24.84 20.69
C ASN A 395 5.09 -26.04 21.17
N VAL A 396 4.60 -26.88 20.26
CA VAL A 396 3.94 -28.11 20.67
C VAL A 396 4.93 -29.03 21.39
N GLY A 397 6.17 -29.11 20.89
CA GLY A 397 7.18 -29.87 21.58
C GLY A 397 7.45 -29.35 22.99
N GLN A 398 7.50 -28.02 23.13
CA GLN A 398 7.70 -27.44 24.46
C GLN A 398 6.53 -27.75 25.39
N ILE A 399 5.30 -27.60 24.89
CA ILE A 399 4.13 -27.92 25.72
C ILE A 399 4.16 -29.37 26.16
N LEU A 400 4.41 -30.28 25.22
CA LEU A 400 4.37 -31.69 25.57
C LEU A 400 5.53 -32.08 26.48
N LEU A 401 6.68 -31.44 26.32
CA LEU A 401 7.80 -31.68 27.23
C LEU A 401 7.46 -31.25 28.65
N ILE A 402 6.89 -30.04 28.78
CA ILE A 402 6.54 -29.54 30.10
C ILE A 402 5.43 -30.38 30.73
N SER A 403 4.44 -30.75 29.93
CA SER A 403 3.37 -31.60 30.44
C SER A 403 3.88 -32.98 30.83
N ASP A 404 4.85 -33.51 30.08
CA ASP A 404 5.45 -34.80 30.46
C ASP A 404 6.20 -34.69 31.77
N TYR A 405 6.97 -33.62 31.96
CA TYR A 405 7.67 -33.45 33.23
C TYR A 405 6.69 -33.29 34.39
N PHE A 406 5.61 -32.55 34.17
CA PHE A 406 4.62 -32.32 35.22
C PHE A 406 3.91 -33.63 35.56
N TYR A 407 3.57 -34.40 34.53
CA TYR A 407 2.93 -35.70 34.73
C TYR A 407 3.86 -36.66 35.47
N ALA A 408 5.14 -36.66 35.11
CA ALA A 408 6.10 -37.51 35.80
C ALA A 408 6.25 -37.12 37.25
N PHE A 409 6.27 -35.81 37.53
CA PHE A 409 6.36 -35.36 38.92
C PHE A 409 5.15 -35.80 39.72
N LEU A 410 3.95 -35.62 39.16
CA LEU A 410 2.74 -36.04 39.87
C LEU A 410 2.72 -37.54 40.09
N ARG A 411 3.16 -38.31 39.08
CA ARG A 411 3.19 -39.76 39.22
C ARG A 411 4.19 -40.19 40.29
N ARG A 412 5.35 -39.53 40.35
CA ARG A 412 6.31 -39.84 41.40
C ARG A 412 5.74 -39.53 42.78
N GLU A 413 5.01 -38.42 42.92
CA GLU A 413 4.38 -38.12 44.20
C GLU A 413 3.36 -39.19 44.57
N TYR A 414 2.54 -39.60 43.60
CA TYR A 414 1.55 -40.64 43.86
C TYR A 414 2.21 -41.94 44.28
N TYR A 415 3.33 -42.29 43.63
CA TYR A 415 4.04 -43.51 44.01
C TYR A 415 4.74 -43.37 45.36
N LEU A 416 5.11 -42.15 45.73
CA LEU A 416 5.60 -41.92 47.08
C LEU A 416 4.51 -42.21 48.11
N THR A 417 3.27 -41.80 47.81
CA THR A 417 2.18 -42.09 48.73
C THR A 417 1.72 -43.55 48.61
N HIS A 418 1.39 -43.98 47.40
CA HIS A 418 0.90 -45.32 47.15
C HIS A 418 1.99 -46.18 46.52
N GLY A 419 2.10 -47.42 46.98
CA GLY A 419 3.11 -48.30 46.43
C GLY A 419 2.91 -48.56 44.96
N LEU A 420 4.01 -48.69 44.24
CA LEU A 420 3.98 -48.87 42.79
C LEU A 420 3.32 -50.18 42.40
N ALA B 1 -7.39 -39.15 53.59
CA ALA B 1 -6.21 -38.40 54.00
C ALA B 1 -5.56 -37.72 52.80
N ALA B 2 -4.44 -38.28 52.34
CA ALA B 2 -3.75 -37.69 51.19
C ALA B 2 -4.59 -37.80 49.93
N THR B 3 -5.27 -38.93 49.73
CA THR B 3 -6.14 -39.08 48.58
C THR B 3 -7.29 -38.08 48.61
N HIS B 4 -7.89 -37.90 49.78
CA HIS B 4 -8.95 -36.90 49.92
C HIS B 4 -8.42 -35.50 49.63
N LEU B 5 -7.22 -35.19 50.12
CA LEU B 5 -6.64 -33.88 49.91
C LEU B 5 -6.38 -33.61 48.43
N GLU B 6 -5.83 -34.61 47.72
CA GLU B 6 -5.57 -34.41 46.30
C GLU B 6 -6.86 -34.36 45.49
N VAL B 7 -7.88 -35.13 45.88
CA VAL B 7 -9.18 -35.05 45.22
C VAL B 7 -9.78 -33.66 45.41
N ALA B 8 -9.69 -33.12 46.63
CA ALA B 8 -10.21 -31.78 46.89
C ALA B 8 -9.46 -30.74 46.07
N ARG B 9 -8.13 -30.86 45.97
CA ARG B 9 -7.36 -29.91 45.17
C ARG B 9 -7.73 -30.00 43.70
N GLY B 10 -7.91 -31.21 43.18
CA GLY B 10 -8.32 -31.35 41.79
C GLY B 10 -9.70 -30.78 41.53
N LYS B 11 -10.63 -31.00 42.46
CA LYS B 11 -11.96 -30.41 42.31
C LYS B 11 -11.89 -28.89 42.36
N ARG B 12 -11.03 -28.34 43.22
CA ARG B 12 -10.86 -26.88 43.26
C ARG B 12 -10.30 -26.35 41.94
N ALA B 13 -9.33 -27.07 41.35
CA ALA B 13 -8.79 -26.63 40.07
C ALA B 13 -9.83 -26.69 38.97
N ALA B 14 -10.64 -27.76 38.93
CA ALA B 14 -11.69 -27.85 37.93
C ALA B 14 -12.72 -26.74 38.13
N LEU B 15 -13.06 -26.45 39.38
CA LEU B 15 -13.94 -25.32 39.69
C LEU B 15 -13.35 -24.02 39.16
N PHE B 16 -12.04 -23.82 39.35
CA PHE B 16 -11.41 -22.59 38.87
C PHE B 16 -11.49 -22.48 37.36
N PHE B 17 -11.19 -23.58 36.65
CA PHE B 17 -11.34 -23.58 35.20
C PHE B 17 -12.76 -23.22 34.77
N ALA B 18 -13.76 -23.87 35.37
CA ALA B 18 -15.14 -23.57 34.99
C ALA B 18 -15.49 -22.12 35.28
N ALA B 19 -15.13 -21.64 36.47
CA ALA B 19 -15.46 -20.28 36.88
C ALA B 19 -14.80 -19.25 35.98
N VAL B 20 -13.54 -19.45 35.63
CA VAL B 20 -12.88 -18.51 34.73
C VAL B 20 -13.52 -18.57 33.35
N ALA B 21 -13.63 -19.78 32.78
CA ALA B 21 -14.15 -19.92 31.43
C ALA B 21 -15.56 -19.39 31.29
N ILE B 22 -16.30 -19.28 32.39
CA ILE B 22 -17.61 -18.64 32.32
C ILE B 22 -17.46 -17.15 32.57
N VAL B 23 -17.08 -16.79 33.79
CA VAL B 23 -17.20 -15.42 34.29
C VAL B 23 -16.31 -14.45 33.53
N LEU B 24 -15.12 -14.88 33.09
CA LEU B 24 -14.27 -14.03 32.28
C LEU B 24 -14.20 -14.47 30.84
N GLY B 25 -14.52 -15.73 30.54
CA GLY B 25 -14.54 -16.20 29.17
C GLY B 25 -15.67 -15.67 28.34
N LEU B 26 -16.89 -15.63 28.88
CA LEU B 26 -18.04 -15.19 28.10
C LEU B 26 -18.14 -13.68 28.03
N PRO B 27 -17.94 -12.94 29.13
CA PRO B 27 -17.92 -11.48 29.01
C PRO B 27 -16.84 -10.94 28.07
N LEU B 28 -15.69 -11.61 27.95
CA LEU B 28 -14.72 -11.20 26.94
C LEU B 28 -15.32 -11.30 25.54
N TRP B 29 -15.91 -12.45 25.23
CA TRP B 29 -16.56 -12.62 23.94
C TRP B 29 -17.63 -11.55 23.72
N TRP B 30 -18.40 -11.26 24.77
CA TRP B 30 -19.47 -10.26 24.64
C TRP B 30 -18.89 -8.88 24.37
N LYS B 31 -17.95 -8.43 25.20
CA LYS B 31 -17.49 -7.05 25.15
C LYS B 31 -16.57 -6.77 23.97
N THR B 32 -15.77 -7.76 23.55
CA THR B 32 -14.74 -7.52 22.55
C THR B 32 -15.10 -8.09 21.18
N THR B 33 -16.35 -8.50 20.97
CA THR B 33 -16.73 -9.04 19.68
C THR B 33 -18.06 -8.45 19.22
N GLU B 34 -18.87 -7.97 20.16
CA GLU B 34 -20.19 -7.46 19.79
C GLU B 34 -20.06 -6.19 18.97
N THR B 35 -20.98 -6.02 18.02
CA THR B 35 -21.12 -4.77 17.31
C THR B 35 -21.80 -3.76 18.22
N TYR B 36 -21.16 -2.61 18.42
CA TYR B 36 -21.68 -1.63 19.36
C TYR B 36 -22.88 -0.92 18.75
N ARG B 37 -24.02 -1.00 19.43
CA ARG B 37 -25.25 -0.37 18.96
C ARG B 37 -25.74 0.59 20.03
N ALA B 38 -25.87 1.86 19.67
CA ALA B 38 -26.45 2.83 20.57
C ALA B 38 -27.97 2.77 20.48
N SER B 39 -28.63 3.43 21.43
CA SER B 39 -30.08 3.39 21.52
C SER B 39 -30.68 4.35 20.51
N LEU B 40 -31.46 3.83 19.60
CA LEU B 40 -32.22 4.63 18.66
C LEU B 40 -33.71 4.57 18.99
N PRO B 41 -34.44 5.65 18.78
CA PRO B 41 -35.89 5.60 19.02
C PRO B 41 -36.58 4.83 17.90
N TYR B 42 -36.92 3.57 18.17
CA TYR B 42 -37.53 2.74 17.15
C TYR B 42 -39.05 2.82 17.16
N SER B 43 -39.64 3.46 18.17
CA SER B 43 -41.07 3.71 18.18
C SER B 43 -41.41 5.08 17.59
N GLN B 44 -40.63 6.10 17.93
CA GLN B 44 -40.87 7.43 17.36
C GLN B 44 -40.65 7.42 15.85
N ILE B 45 -39.59 6.77 15.39
CA ILE B 45 -39.30 6.71 13.96
C ILE B 45 -40.44 6.02 13.21
N SER B 46 -40.99 4.95 13.80
CA SER B 46 -42.14 4.29 13.21
C SER B 46 -43.37 5.20 13.22
N GLY B 47 -43.56 5.95 14.29
CA GLY B 47 -44.66 6.90 14.36
C GLY B 47 -44.54 8.03 13.37
N LEU B 48 -43.33 8.35 12.92
CA LEU B 48 -43.15 9.35 11.88
C LEU B 48 -43.56 8.86 10.51
N ASN B 49 -43.69 7.55 10.32
CA ASN B 49 -44.18 7.04 9.04
C ASN B 49 -45.63 7.45 8.83
N ALA B 50 -46.44 7.44 9.89
CA ALA B 50 -47.83 7.88 9.82
C ALA B 50 -47.99 9.36 10.18
N LEU B 51 -46.97 10.18 9.88
CA LEU B 51 -46.96 11.58 10.28
C LEU B 51 -48.22 12.29 9.79
N GLN B 52 -48.96 12.86 10.74
CA GLN B 52 -50.23 13.53 10.45
C GLN B 52 -49.98 15.03 10.39
N LEU B 53 -49.39 15.47 9.27
CA LEU B 53 -49.09 16.87 9.10
C LEU B 53 -50.38 17.66 8.94
N ARG B 54 -50.46 18.82 9.61
CA ARG B 54 -51.60 19.72 9.52
C ARG B 54 -51.05 21.14 9.36
N LEU B 55 -50.88 21.57 8.12
CA LEU B 55 -50.40 22.92 7.83
C LEU B 55 -51.55 23.91 8.02
N MET B 56 -51.35 24.90 8.87
CA MET B 56 -52.36 25.93 9.09
C MET B 56 -51.78 27.29 8.74
N VAL B 57 -52.50 28.05 7.92
CA VAL B 57 -52.11 29.39 7.50
C VAL B 57 -52.98 30.39 8.25
N PRO B 58 -52.44 31.13 9.21
CA PRO B 58 -53.24 32.13 9.93
C PRO B 58 -53.47 33.35 9.04
N VAL B 59 -54.73 33.60 8.71
CA VAL B 59 -55.12 34.77 7.94
C VAL B 59 -56.01 35.65 8.81
N THR B 60 -55.64 36.92 8.91
CA THR B 60 -56.42 37.91 9.65
C THR B 60 -57.28 38.65 8.64
N VAL B 61 -58.55 38.28 8.57
CA VAL B 61 -59.51 38.96 7.70
C VAL B 61 -60.14 40.07 8.52
N VAL B 62 -59.90 41.31 8.12
CA VAL B 62 -60.28 42.48 8.91
C VAL B 62 -61.22 43.34 8.08
N PHE B 63 -62.40 43.63 8.64
CA PHE B 63 -63.47 44.29 7.92
C PHE B 63 -63.55 45.75 8.31
N THR B 64 -63.55 46.63 7.31
CA THR B 64 -63.72 48.05 7.57
C THR B 64 -65.20 48.37 7.86
N ARG B 65 -65.41 49.51 8.51
CA ARG B 65 -66.76 49.99 8.73
C ARG B 65 -67.45 50.27 7.39
N GLU B 66 -68.75 49.97 7.35
CA GLU B 66 -69.55 50.14 6.13
C GLU B 66 -69.00 49.29 4.99
N SER B 67 -68.64 48.04 5.30
CA SER B 67 -68.15 47.11 4.29
C SER B 67 -68.84 45.76 4.29
N VAL B 68 -69.51 45.37 5.37
CA VAL B 68 -70.13 44.04 5.42
C VAL B 68 -71.29 43.97 6.41
N PRO B 69 -72.35 44.78 6.25
CA PRO B 69 -73.54 44.57 7.09
C PRO B 69 -74.53 43.62 6.44
N LEU B 70 -75.14 42.78 7.27
CA LEU B 70 -76.23 41.93 6.82
C LEU B 70 -77.56 42.60 7.11
N ASP B 71 -78.66 41.89 6.82
CA ASP B 71 -79.99 42.49 6.93
C ASP B 71 -80.30 42.88 8.36
N ASP B 72 -80.04 42.00 9.31
CA ASP B 72 -80.37 42.22 10.72
C ASP B 72 -79.15 42.49 11.59
N GLN B 73 -78.04 41.81 11.32
CA GLN B 73 -76.82 41.96 12.11
C GLN B 73 -75.72 42.54 11.25
N ALA B 74 -74.93 43.44 11.82
CA ALA B 74 -73.89 44.12 11.05
C ALA B 74 -72.57 43.35 11.04
N LYS B 75 -71.97 43.14 12.22
CA LYS B 75 -70.63 42.60 12.28
C LYS B 75 -70.42 41.80 13.56
N LEU B 76 -69.43 40.90 13.52
CA LEU B 76 -69.03 40.07 14.67
C LEU B 76 -67.55 39.76 14.55
N PRO B 77 -66.79 39.83 15.65
CA PRO B 77 -65.36 39.40 15.67
C PRO B 77 -65.14 37.93 16.02
N PHE B 78 -65.27 37.06 15.02
CA PHE B 78 -65.23 35.61 15.25
C PHE B 78 -64.18 34.97 14.33
N THR B 79 -64.19 33.64 14.30
CA THR B 79 -63.19 32.87 13.56
C THR B 79 -63.86 31.73 12.80
N VAL B 80 -63.41 31.52 11.56
CA VAL B 80 -63.84 30.37 10.76
C VAL B 80 -62.61 29.62 10.29
N VAL B 81 -62.82 28.38 9.88
CA VAL B 81 -61.71 27.53 9.41
C VAL B 81 -62.08 26.93 8.06
N HIS B 82 -61.04 26.64 7.27
CA HIS B 82 -61.18 26.00 5.97
C HIS B 82 -60.15 24.89 5.89
N GLU B 83 -60.60 23.66 5.69
CA GLU B 83 -59.73 22.49 5.62
C GLU B 83 -59.77 21.93 4.20
N ARG B 84 -58.60 21.60 3.67
CA ARG B 84 -58.47 21.15 2.29
C ARG B 84 -57.50 19.97 2.19
N GLU B 85 -57.76 18.93 3.00
CA GLU B 85 -56.91 17.75 3.09
C GLU B 85 -56.49 17.24 1.71
N ILE B 86 -55.19 17.23 1.47
CA ILE B 86 -54.65 16.79 0.18
C ILE B 86 -54.52 15.27 0.20
N PRO B 87 -55.03 14.57 -0.81
CA PRO B 87 -54.95 13.10 -0.80
C PRO B 87 -53.54 12.63 -1.10
N LEU B 88 -53.07 11.67 -0.30
CA LEU B 88 -51.77 11.05 -0.48
C LEU B 88 -51.92 9.55 -0.57
N LYS B 89 -50.94 8.91 -1.20
CA LYS B 89 -51.00 7.47 -1.43
C LYS B 89 -50.20 6.67 -0.41
N TYR B 90 -49.61 7.31 0.58
CA TYR B 90 -48.86 6.63 1.63
C TYR B 90 -49.50 6.93 2.99
N LYS B 91 -48.86 6.45 4.05
CA LYS B 91 -49.41 6.60 5.39
C LYS B 91 -49.46 8.07 5.82
N MET B 92 -48.44 8.83 5.44
CA MET B 92 -48.39 10.26 5.76
C MET B 92 -49.48 11.01 5.01
N LYS B 93 -50.03 12.04 5.66
CA LYS B 93 -51.15 12.79 5.11
C LYS B 93 -51.02 14.26 5.45
N ILE B 94 -51.57 15.11 4.60
CA ILE B 94 -51.44 16.57 4.70
C ILE B 94 -52.84 17.18 4.73
N LYS B 95 -53.05 18.11 5.66
CA LYS B 95 -54.28 18.89 5.73
C LYS B 95 -53.90 20.37 5.71
N CYS B 96 -54.33 21.08 4.68
CA CYS B 96 -54.12 22.52 4.61
C CYS B 96 -55.25 23.24 5.31
N ARG B 97 -54.92 24.09 6.27
CA ARG B 97 -55.90 24.75 7.13
C ARG B 97 -55.75 26.25 7.04
N PHE B 98 -56.86 26.95 6.83
CA PHE B 98 -56.91 28.40 6.87
C PHE B 98 -57.75 28.81 8.07
N GLN B 99 -57.18 29.65 8.94
CA GLN B 99 -57.88 30.16 10.12
C GLN B 99 -58.22 31.62 9.88
N LYS B 100 -59.40 31.88 9.35
CA LYS B 100 -59.84 33.25 9.12
C LYS B 100 -60.33 33.86 10.42
N ALA B 101 -59.91 35.11 10.67
CA ALA B 101 -60.00 35.75 11.97
C ALA B 101 -60.86 37.01 11.94
N TYR B 102 -62.08 36.89 11.43
CA TYR B 102 -62.91 38.05 11.11
C TYR B 102 -63.03 38.98 12.31
N ARG B 103 -62.83 40.28 12.06
CA ARG B 103 -62.89 41.27 13.14
C ARG B 103 -63.17 42.64 12.56
N ARG B 104 -63.60 43.57 13.42
CA ARG B 104 -63.90 44.95 12.98
C ARG B 104 -62.59 45.69 12.73
N ALA B 105 -62.58 46.61 11.76
CA ALA B 105 -61.36 47.40 11.43
C ALA B 105 -61.02 48.31 12.61
N LEU B 106 -59.72 48.55 12.85
CA LEU B 106 -59.27 49.40 13.98
C LEU B 106 -59.56 50.88 13.67
N ASP B 107 -59.60 51.72 14.71
CA ASP B 107 -59.89 53.17 14.57
C ASP B 107 -58.90 53.83 13.61
N HIS B 108 -57.61 53.46 13.68
CA HIS B 108 -56.56 54.05 12.80
C HIS B 108 -56.52 53.32 11.45
N GLU B 109 -57.25 52.21 11.30
CA GLU B 109 -57.19 51.50 10.02
C GLU B 109 -58.00 52.23 8.96
N GLU B 110 -59.11 52.85 9.34
CA GLU B 110 -59.86 53.68 8.41
C GLU B 110 -59.06 54.90 7.99
N GLU B 111 -58.35 55.53 8.93
CA GLU B 111 -57.48 56.65 8.59
C GLU B 111 -56.44 56.24 7.56
N ALA B 112 -55.80 55.09 7.78
CA ALA B 112 -54.81 54.60 6.82
C ALA B 112 -55.45 54.28 5.48
N LEU B 113 -56.64 53.71 5.49
CA LEU B 113 -57.31 53.31 4.27
C LEU B 113 -57.92 54.53 3.57
N SER B 114 -58.40 54.31 2.34
CA SER B 114 -59.09 55.31 1.53
C SER B 114 -58.14 56.39 1.03
N SER B 115 -56.97 55.98 0.53
CA SER B 115 -56.01 56.94 -0.01
C SER B 115 -55.48 56.49 -1.37
N GLY B 116 -55.44 55.18 -1.61
CA GLY B 116 -54.81 54.62 -2.79
C GLY B 116 -54.05 53.36 -2.41
N SER B 117 -54.23 52.28 -3.17
CA SER B 117 -53.92 50.94 -2.65
C SER B 117 -52.51 50.84 -2.08
N VAL B 118 -51.51 51.23 -2.86
CA VAL B 118 -50.14 51.13 -2.37
C VAL B 118 -49.90 52.10 -1.21
N GLN B 119 -50.53 53.28 -1.28
CA GLN B 119 -50.36 54.26 -0.21
C GLN B 119 -50.88 53.74 1.12
N GLU B 120 -52.11 53.22 1.13
CA GLU B 120 -52.67 52.66 2.36
C GLU B 120 -51.87 51.44 2.81
N ALA B 121 -51.44 50.60 1.86
CA ALA B 121 -50.66 49.42 2.23
C ALA B 121 -49.39 49.81 2.98
N GLU B 122 -48.71 50.87 2.52
CA GLU B 122 -47.61 51.41 3.29
C GLU B 122 -48.10 52.00 4.61
N ALA B 123 -49.24 52.70 4.59
CA ALA B 123 -49.76 53.40 5.75
C ALA B 123 -50.22 52.48 6.86
N MET B 124 -50.32 51.18 6.62
CA MET B 124 -50.61 50.24 7.68
C MET B 124 -49.41 50.00 8.60
N LEU B 125 -48.32 50.74 8.38
CA LEU B 125 -47.10 50.66 9.17
C LEU B 125 -46.44 49.29 9.08
N ASP B 126 -47.01 48.40 8.26
CA ASP B 126 -46.50 47.06 8.02
C ASP B 126 -46.59 46.20 9.28
N GLU B 127 -46.98 46.80 10.40
CA GLU B 127 -47.11 46.19 11.72
C GLU B 127 -46.00 45.17 11.98
N PRO B 128 -44.75 45.62 12.15
CA PRO B 128 -43.65 44.67 12.41
C PRO B 128 -43.95 43.82 13.63
N GLN B 129 -43.84 42.50 13.45
CA GLN B 129 -44.21 41.55 14.48
C GLN B 129 -43.30 40.34 14.39
N GLU B 130 -43.48 39.41 15.32
CA GLU B 130 -42.63 38.23 15.46
C GLU B 130 -43.26 37.04 14.76
N GLN B 131 -42.45 36.35 13.94
CA GLN B 131 -42.87 35.12 13.27
C GLN B 131 -44.11 35.36 12.41
N ALA B 132 -44.08 36.44 11.63
CA ALA B 132 -45.18 36.78 10.75
C ALA B 132 -45.17 36.01 9.43
N GLU B 133 -44.11 35.25 9.17
CA GLU B 133 -44.03 34.52 7.91
C GLU B 133 -45.07 33.40 7.86
N GLY B 134 -45.69 33.25 6.70
CA GLY B 134 -46.78 32.30 6.53
C GLY B 134 -48.14 32.85 6.84
N SER B 135 -48.23 33.99 7.52
CA SER B 135 -49.50 34.61 7.84
C SER B 135 -49.95 35.53 6.72
N LEU B 136 -51.26 35.71 6.62
CA LEU B 136 -51.85 36.61 5.64
C LEU B 136 -52.71 37.64 6.35
N THR B 137 -52.88 38.80 5.71
CA THR B 137 -53.78 39.84 6.19
C THR B 137 -54.63 40.30 5.02
N VAL B 138 -55.94 40.32 5.21
CA VAL B 138 -56.87 40.69 4.15
C VAL B 138 -57.80 41.78 4.67
N TYR B 139 -57.70 42.97 4.09
CA TYR B 139 -58.58 44.08 4.44
C TYR B 139 -59.77 44.07 3.50
N VAL B 140 -60.97 44.10 4.07
CA VAL B 140 -62.21 44.04 3.30
C VAL B 140 -62.76 45.45 3.20
N ILE B 141 -63.09 45.88 1.99
CA ILE B 141 -63.58 47.22 1.75
C ILE B 141 -64.96 47.17 1.12
N SER B 142 -65.62 48.32 1.04
CA SER B 142 -66.95 48.41 0.48
C SER B 142 -66.92 48.28 -1.05
N GLU B 143 -68.10 48.15 -1.64
CA GLU B 143 -68.20 48.01 -3.09
C GLU B 143 -67.67 49.24 -3.81
N HIS B 144 -68.14 50.42 -3.41
CA HIS B 144 -67.81 51.66 -4.09
C HIS B 144 -66.52 52.30 -3.57
N SER B 145 -65.65 51.51 -2.97
CA SER B 145 -64.37 52.05 -2.52
C SER B 145 -63.51 52.46 -3.71
N SER B 146 -62.77 53.55 -3.56
CA SER B 146 -61.92 54.07 -4.61
C SER B 146 -60.59 53.34 -4.72
N LEU B 147 -60.31 52.42 -3.80
CA LEU B 147 -59.02 51.75 -3.78
C LEU B 147 -58.78 50.96 -5.07
N LEU B 148 -59.60 49.95 -5.30
CA LEU B 148 -59.52 49.18 -6.55
C LEU B 148 -60.47 49.79 -7.57
N PRO B 149 -60.02 50.02 -8.81
CA PRO B 149 -60.60 51.10 -9.62
C PRO B 149 -62.11 51.05 -9.84
N GLN B 150 -62.60 50.03 -10.51
CA GLN B 150 -64.05 49.97 -10.69
C GLN B 150 -64.64 48.59 -10.42
N ASP B 151 -63.94 47.52 -10.81
CA ASP B 151 -64.52 46.19 -10.77
C ASP B 151 -63.55 45.12 -10.29
N MET B 152 -62.32 45.47 -9.93
CA MET B 152 -61.38 44.50 -9.41
C MET B 152 -61.82 44.10 -8.00
N ALA B 153 -62.38 42.90 -7.86
CA ALA B 153 -62.95 42.50 -6.59
C ALA B 153 -61.90 42.26 -5.51
N SER B 154 -60.62 42.18 -5.88
CA SER B 154 -59.58 41.87 -4.91
C SER B 154 -58.26 42.45 -5.38
N TYR B 155 -57.23 42.24 -4.57
CA TYR B 155 -55.91 42.85 -4.73
C TYR B 155 -54.92 42.11 -3.85
N ILE B 156 -53.72 41.89 -4.39
CA ILE B 156 -52.66 41.17 -3.71
C ILE B 156 -51.42 42.06 -3.70
N GLY B 157 -50.96 42.47 -2.51
CA GLY B 157 -49.81 43.33 -2.42
C GLY B 157 -48.52 42.56 -2.58
N PRO B 158 -47.41 43.29 -2.58
CA PRO B 158 -46.10 42.63 -2.68
C PRO B 158 -45.61 42.19 -1.32
N LYS B 159 -46.52 41.65 -0.51
CA LYS B 159 -46.25 41.32 0.87
C LYS B 159 -47.32 40.32 1.31
N ARG B 160 -47.50 40.17 2.62
CA ARG B 160 -48.47 39.23 3.14
C ARG B 160 -49.84 39.88 3.29
N THR B 161 -50.13 40.90 2.49
CA THR B 161 -51.37 41.65 2.61
C THR B 161 -52.17 41.63 1.31
N ALA B 162 -53.48 41.72 1.47
CA ALA B 162 -54.41 41.73 0.35
C ALA B 162 -55.61 42.59 0.72
N VAL B 163 -56.30 43.09 -0.30
CA VAL B 163 -57.48 43.93 -0.11
C VAL B 163 -58.60 43.39 -0.99
N VAL B 164 -59.74 43.08 -0.39
CA VAL B 164 -60.86 42.49 -1.12
C VAL B 164 -62.09 43.36 -0.89
N ARG B 165 -63.08 43.17 -1.75
CA ARG B 165 -64.27 44.02 -1.80
C ARG B 165 -65.47 43.27 -1.23
N GLY B 166 -66.15 43.86 -0.26
CA GLY B 166 -67.38 43.30 0.28
C GLY B 166 -68.60 43.80 -0.47
N ILE B 167 -69.63 42.96 -0.54
CA ILE B 167 -70.76 43.20 -1.44
C ILE B 167 -72.09 43.42 -0.73
N MET B 168 -72.11 43.46 0.61
CA MET B 168 -73.16 44.15 1.36
C MET B 168 -74.57 43.63 1.00
N HIS B 169 -74.84 42.40 1.38
CA HIS B 169 -76.18 41.86 1.13
C HIS B 169 -76.53 40.88 2.24
N ARG B 170 -77.52 40.03 1.96
CA ARG B 170 -78.06 39.09 2.95
C ARG B 170 -76.97 38.22 3.56
N GLU B 171 -76.17 37.56 2.73
CA GLU B 171 -75.15 36.65 3.27
C GLU B 171 -73.93 37.42 3.75
N ALA B 172 -73.21 38.05 2.82
CA ALA B 172 -72.11 38.98 3.11
C ALA B 172 -70.94 38.29 3.81
N PHE B 173 -71.11 37.03 4.19
CA PHE B 173 -70.08 36.29 4.92
C PHE B 173 -69.70 35.02 4.18
N ASN B 174 -70.65 34.44 3.44
CA ASN B 174 -70.33 33.24 2.69
C ASN B 174 -69.64 33.57 1.38
N ILE B 175 -70.16 34.54 0.63
CA ILE B 175 -69.48 34.99 -0.58
C ILE B 175 -68.14 35.62 -0.23
N ILE B 176 -68.11 36.41 0.85
CA ILE B 176 -66.86 36.99 1.29
C ILE B 176 -65.90 35.91 1.74
N GLY B 177 -66.39 34.88 2.43
CA GLY B 177 -65.52 33.77 2.82
C GLY B 177 -64.93 33.05 1.62
N ARG B 178 -65.73 32.86 0.58
CA ARG B 178 -65.21 32.24 -0.63
C ARG B 178 -64.17 33.14 -1.31
N ARG B 179 -64.41 34.44 -1.36
CA ARG B 179 -63.39 35.33 -1.92
C ARG B 179 -62.11 35.31 -1.10
N ILE B 180 -62.24 35.27 0.23
CA ILE B 180 -61.06 35.22 1.09
C ILE B 180 -60.28 33.93 0.84
N VAL B 181 -60.97 32.80 0.77
CA VAL B 181 -60.23 31.56 0.57
C VAL B 181 -59.60 31.55 -0.81
N GLN B 182 -60.26 32.13 -1.81
CA GLN B 182 -59.68 32.20 -3.15
C GLN B 182 -58.41 33.04 -3.15
N VAL B 183 -58.47 34.22 -2.55
CA VAL B 183 -57.30 35.10 -2.52
C VAL B 183 -56.18 34.48 -1.68
N ALA B 184 -56.55 33.83 -0.57
CA ALA B 184 -55.55 33.19 0.28
C ALA B 184 -54.82 32.07 -0.46
N GLN B 185 -55.58 31.21 -1.14
CA GLN B 185 -54.96 30.11 -1.86
C GLN B 185 -54.17 30.60 -3.06
N ALA B 186 -54.56 31.75 -3.63
CA ALA B 186 -53.72 32.38 -4.64
C ALA B 186 -52.51 33.05 -4.01
N MET B 187 -52.52 33.28 -2.69
CA MET B 187 -51.43 33.94 -2.00
C MET B 187 -50.56 32.99 -1.18
N SER B 188 -51.11 31.86 -0.73
CA SER B 188 -50.33 30.95 0.09
C SER B 188 -51.04 29.61 0.18
N LEU B 189 -50.26 28.54 0.03
CA LEU B 189 -50.67 27.18 0.37
C LEU B 189 -51.91 26.75 -0.44
N THR B 190 -51.71 26.65 -1.75
CA THR B 190 -52.64 25.94 -2.58
C THR B 190 -52.21 24.47 -2.66
N GLU B 191 -52.87 23.70 -3.54
CA GLU B 191 -52.51 22.28 -3.66
C GLU B 191 -51.27 22.09 -4.51
N ASP B 192 -50.96 23.04 -5.39
CA ASP B 192 -49.82 22.90 -6.29
C ASP B 192 -48.52 23.43 -5.70
N VAL B 193 -48.58 24.24 -4.64
CA VAL B 193 -47.35 24.66 -3.98
C VAL B 193 -46.63 23.46 -3.39
N LEU B 194 -47.37 22.54 -2.81
CA LEU B 194 -46.80 21.34 -2.20
C LEU B 194 -46.71 20.17 -3.19
N ALA B 195 -47.12 20.36 -4.44
CA ALA B 195 -47.00 19.29 -5.42
C ALA B 195 -45.55 18.92 -5.66
N ALA B 196 -44.67 19.91 -5.76
CA ALA B 196 -43.24 19.63 -5.87
C ALA B 196 -42.68 19.11 -4.56
N ALA B 197 -43.16 19.66 -3.44
CA ALA B 197 -42.65 19.25 -2.13
C ALA B 197 -42.89 17.77 -1.89
N LEU B 198 -44.10 17.30 -2.19
CA LEU B 198 -44.41 15.89 -1.95
C LEU B 198 -43.88 15.03 -3.09
N ALA B 199 -44.49 15.16 -4.28
CA ALA B 199 -43.98 14.63 -5.53
C ALA B 199 -43.71 13.13 -5.46
N ASP B 200 -44.08 12.50 -4.35
CA ASP B 200 -43.83 11.08 -4.14
C ASP B 200 -45.00 10.45 -3.40
N HIS B 201 -45.71 11.20 -2.55
CA HIS B 201 -46.84 10.66 -1.81
C HIS B 201 -48.17 10.90 -2.49
N LEU B 202 -48.25 11.87 -3.38
CA LEU B 202 -49.44 12.05 -4.20
C LEU B 202 -49.36 11.15 -5.44
N PRO B 203 -50.49 10.63 -5.91
CA PRO B 203 -50.45 9.72 -7.06
C PRO B 203 -49.97 10.43 -8.31
N GLU B 204 -49.26 9.68 -9.16
CA GLU B 204 -48.70 10.23 -10.37
C GLU B 204 -49.66 10.07 -11.54
N ASP B 205 -49.62 11.04 -12.45
CA ASP B 205 -50.46 11.06 -13.63
C ASP B 205 -49.72 11.80 -14.73
N LYS B 206 -50.46 12.26 -15.74
CA LYS B 206 -49.84 12.99 -16.85
C LYS B 206 -49.11 14.23 -16.35
N TRP B 207 -49.64 14.90 -15.33
CA TRP B 207 -49.00 16.06 -14.75
C TRP B 207 -48.21 15.60 -13.53
N SER B 208 -47.02 15.04 -13.80
CA SER B 208 -46.16 14.54 -12.74
C SER B 208 -44.70 14.93 -12.90
N ALA B 209 -44.25 15.29 -14.09
CA ALA B 209 -42.85 15.66 -14.29
C ALA B 209 -42.63 17.17 -14.17
N GLU B 210 -43.52 17.97 -14.75
CA GLU B 210 -43.42 19.41 -14.58
C GLU B 210 -43.61 19.81 -13.13
N LYS B 211 -44.32 18.99 -12.36
CA LYS B 211 -44.46 19.22 -10.93
C LYS B 211 -43.23 18.80 -10.14
N ARG B 212 -42.35 18.00 -10.73
CA ARG B 212 -41.07 17.65 -10.13
C ARG B 212 -39.93 18.46 -10.71
N ARG B 213 -40.20 19.33 -11.68
CA ARG B 213 -39.16 20.17 -12.26
C ARG B 213 -38.41 21.02 -11.25
N PRO B 214 -39.06 21.76 -10.33
CA PRO B 214 -38.32 22.74 -9.53
C PRO B 214 -37.29 22.10 -8.61
N LEU B 215 -36.45 22.96 -8.04
CA LEU B 215 -35.26 22.51 -7.33
C LEU B 215 -35.61 21.75 -6.07
N LYS B 216 -34.72 20.83 -5.70
CA LYS B 216 -34.85 20.09 -4.46
C LYS B 216 -34.52 20.99 -3.27
N SER B 217 -35.01 20.60 -2.10
CA SER B 217 -34.69 21.34 -0.88
C SER B 217 -33.25 21.08 -0.47
N SER B 218 -32.53 22.16 -0.17
CA SER B 218 -31.15 22.04 0.26
C SER B 218 -30.81 23.22 1.16
N LEU B 219 -29.77 23.04 1.98
CA LEU B 219 -29.33 24.11 2.86
C LEU B 219 -28.71 25.26 2.09
N GLY B 220 -28.04 24.97 0.98
CA GLY B 220 -27.35 26.00 0.23
C GLY B 220 -27.45 25.77 -1.26
N TYR B 221 -27.12 26.81 -2.01
CA TYR B 221 -27.15 26.78 -3.47
C TYR B 221 -25.97 27.59 -3.98
N GLU B 222 -25.26 27.04 -4.97
CA GLU B 222 -24.21 27.76 -5.67
C GLU B 222 -24.78 28.32 -6.96
N ILE B 223 -24.56 29.61 -7.19
CA ILE B 223 -25.04 30.29 -8.38
C ILE B 223 -23.82 30.84 -9.09
N THR B 224 -23.39 30.16 -10.15
CA THR B 224 -22.21 30.56 -10.90
C THR B 224 -22.67 31.27 -12.16
N PHE B 225 -22.21 32.50 -12.35
CA PHE B 225 -22.46 33.26 -13.55
C PHE B 225 -21.25 33.11 -14.46
N SER B 226 -21.41 32.34 -15.52
CA SER B 226 -20.31 32.00 -16.43
C SER B 226 -20.51 32.76 -17.73
N LEU B 227 -19.49 33.49 -18.13
CA LEU B 227 -19.49 34.22 -19.39
C LEU B 227 -18.71 33.41 -20.42
N LEU B 228 -19.40 32.95 -21.45
CA LEU B 228 -18.80 32.12 -22.48
C LEU B 228 -18.28 33.02 -23.60
N ASN B 229 -16.99 32.89 -23.91
CA ASN B 229 -16.35 33.67 -24.98
C ASN B 229 -15.64 32.71 -25.92
N PRO B 230 -16.33 32.21 -26.94
CA PRO B 230 -15.71 31.23 -27.85
C PRO B 230 -14.48 31.73 -28.57
N ASP B 231 -14.43 33.01 -28.93
CA ASP B 231 -13.27 33.56 -29.65
C ASP B 231 -12.84 34.89 -29.03
N PRO B 232 -11.88 34.86 -28.10
CA PRO B 232 -11.31 36.12 -27.61
C PRO B 232 -10.60 36.91 -28.70
N LYS B 233 -10.26 36.28 -29.82
CA LYS B 233 -9.60 36.98 -30.92
C LYS B 233 -10.48 38.08 -31.50
N SER B 234 -11.79 37.83 -31.61
CA SER B 234 -12.71 38.81 -32.16
C SER B 234 -13.43 39.61 -31.11
N HIS B 235 -13.83 38.99 -30.00
CA HIS B 235 -14.56 39.65 -28.93
C HIS B 235 -13.68 39.72 -27.69
N ASP B 236 -13.50 40.93 -27.17
CA ASP B 236 -12.86 41.12 -25.87
C ASP B 236 -13.97 41.53 -24.89
N VAL B 237 -14.60 40.52 -24.31
CA VAL B 237 -15.83 40.71 -23.54
C VAL B 237 -15.46 41.07 -22.10
N TYR B 238 -15.90 42.25 -21.66
CA TYR B 238 -15.84 42.66 -20.28
C TYR B 238 -17.26 42.77 -19.77
N TRP B 239 -17.47 42.46 -18.49
CA TRP B 239 -18.84 42.40 -17.99
C TRP B 239 -18.81 42.71 -16.49
N ASP B 240 -19.47 43.79 -16.11
CA ASP B 240 -19.38 44.30 -14.74
C ASP B 240 -20.24 43.20 -14.14
N ILE B 241 -19.64 42.34 -13.33
CA ILE B 241 -20.34 41.16 -12.84
C ILE B 241 -20.34 41.46 -11.35
N GLU B 242 -19.28 42.08 -10.82
CA GLU B 242 -19.29 42.44 -9.40
C GLU B 242 -20.41 43.43 -9.10
N GLY B 243 -20.45 44.53 -9.86
CA GLY B 243 -21.52 45.49 -9.67
C GLY B 243 -22.88 44.90 -10.01
N ALA B 244 -22.94 44.04 -11.03
CA ALA B 244 -24.22 43.41 -11.36
C ALA B 244 -24.74 42.58 -10.20
N VAL B 245 -23.87 41.74 -9.63
CA VAL B 245 -24.29 40.93 -8.49
C VAL B 245 -24.75 41.83 -7.35
N ARG B 246 -23.93 42.82 -6.98
CA ARG B 246 -24.24 43.66 -5.84
C ARG B 246 -25.56 44.41 -6.04
N ARG B 247 -25.79 44.93 -7.24
CA ARG B 247 -26.95 45.78 -7.47
C ARG B 247 -28.23 44.99 -7.75
N TYR B 248 -28.11 43.76 -8.26
CA TYR B 248 -29.35 43.09 -8.63
C TYR B 248 -29.53 41.71 -8.00
N VAL B 249 -28.46 40.92 -7.93
CA VAL B 249 -28.61 39.54 -7.49
C VAL B 249 -28.62 39.47 -5.97
N GLN B 250 -27.72 40.21 -5.33
CA GLN B 250 -27.66 40.21 -3.87
C GLN B 250 -28.96 40.68 -3.23
N PRO B 251 -29.65 41.72 -3.70
CA PRO B 251 -31.00 41.98 -3.18
C PRO B 251 -31.95 40.81 -3.42
N PHE B 252 -31.94 40.26 -4.63
CA PHE B 252 -32.80 39.12 -4.94
C PHE B 252 -32.42 37.91 -4.10
N LEU B 253 -31.13 37.65 -3.95
CA LEU B 253 -30.71 36.48 -3.16
C LEU B 253 -30.91 36.71 -1.66
N ASN B 254 -30.96 37.96 -1.22
CA ASN B 254 -31.28 38.24 0.17
C ASN B 254 -32.76 38.02 0.43
N ALA B 255 -33.61 38.40 -0.52
CA ALA B 255 -35.02 38.06 -0.42
C ALA B 255 -35.20 36.54 -0.41
N LEU B 256 -34.59 35.85 -1.37
CA LEU B 256 -34.68 34.41 -1.47
C LEU B 256 -33.92 33.68 -0.39
N GLY B 257 -33.12 34.38 0.41
CA GLY B 257 -32.27 33.75 1.41
C GLY B 257 -32.99 33.24 2.62
N ALA B 258 -34.28 33.55 2.76
CA ALA B 258 -35.06 32.95 3.84
C ALA B 258 -35.15 31.44 3.70
N ALA B 259 -34.99 30.91 2.49
CA ALA B 259 -35.11 29.49 2.22
C ALA B 259 -33.77 28.78 2.07
N GLY B 260 -32.66 29.48 2.23
CA GLY B 260 -31.36 28.84 2.16
C GLY B 260 -30.28 29.83 1.81
N ASN B 261 -29.04 29.40 2.05
CA ASN B 261 -27.88 30.23 1.77
C ASN B 261 -27.48 30.11 0.31
N PHE B 262 -26.93 31.20 -0.22
CA PHE B 262 -26.49 31.23 -1.61
C PHE B 262 -25.05 31.67 -1.69
N SER B 263 -24.32 31.11 -2.66
CA SER B 263 -22.88 31.28 -2.75
C SER B 263 -22.47 31.80 -4.12
N VAL B 264 -23.11 32.89 -4.56
CA VAL B 264 -22.92 33.41 -5.91
C VAL B 264 -21.45 33.61 -6.23
N ASP B 265 -21.03 33.13 -7.39
CA ASP B 265 -19.68 33.26 -7.92
C ASP B 265 -19.78 33.67 -9.38
N SER B 266 -18.66 34.12 -9.93
CA SER B 266 -18.59 34.48 -11.34
C SER B 266 -17.40 33.80 -11.98
N GLN B 267 -17.42 33.76 -13.32
CA GLN B 267 -16.43 33.00 -14.06
C GLN B 267 -16.49 33.43 -15.51
N ILE B 268 -15.33 33.42 -16.17
CA ILE B 268 -15.26 33.62 -17.61
C ILE B 268 -14.59 32.39 -18.21
N LEU B 269 -15.28 31.74 -19.15
CA LEU B 269 -14.75 30.59 -19.85
C LEU B 269 -14.46 30.98 -21.28
N TYR B 270 -13.20 30.84 -21.69
CA TYR B 270 -12.76 31.20 -23.02
C TYR B 270 -12.72 29.95 -23.91
N TYR B 271 -13.01 30.14 -25.18
CA TYR B 271 -13.09 29.05 -26.14
C TYR B 271 -14.08 27.99 -25.68
N ALA B 272 -15.23 28.45 -25.20
CA ALA B 272 -16.30 27.58 -24.72
C ALA B 272 -17.34 27.44 -25.82
N MET B 273 -17.21 26.39 -26.62
CA MET B 273 -18.11 26.15 -27.72
C MET B 273 -19.40 25.50 -27.25
N LEU B 274 -20.43 25.59 -28.09
CA LEU B 274 -21.72 24.98 -27.82
C LEU B 274 -21.81 23.60 -28.46
N GLY B 275 -22.85 22.86 -28.08
CA GLY B 275 -22.98 21.48 -28.52
C GLY B 275 -23.42 21.30 -29.95
N VAL B 276 -24.05 22.31 -30.54
CA VAL B 276 -24.59 22.20 -31.90
C VAL B 276 -24.21 23.46 -32.68
N ASN B 277 -24.03 23.27 -33.98
CA ASN B 277 -23.74 24.38 -34.88
C ASN B 277 -25.05 25.06 -35.27
N PRO B 278 -25.20 26.36 -35.04
CA PRO B 278 -26.43 27.04 -35.44
C PRO B 278 -26.58 27.04 -36.95
N ARG B 279 -27.83 26.94 -37.42
CA ARG B 279 -28.06 26.96 -38.86
C ARG B 279 -28.05 28.39 -39.36
N PHE B 280 -27.45 28.60 -40.53
CA PHE B 280 -27.38 29.93 -41.12
C PHE B 280 -28.60 30.17 -41.99
N ASP B 281 -29.42 31.14 -41.60
CA ASP B 281 -30.60 31.49 -42.39
C ASP B 281 -30.17 32.38 -43.56
N SER B 282 -30.35 31.90 -44.78
CA SER B 282 -30.07 32.70 -45.96
C SER B 282 -31.25 33.59 -46.33
N ALA B 283 -31.77 34.32 -45.35
CA ALA B 283 -32.84 35.29 -45.58
C ALA B 283 -32.67 36.56 -44.76
N SER B 284 -31.95 36.51 -43.65
CA SER B 284 -31.75 37.68 -42.80
C SER B 284 -30.32 37.79 -42.30
N SER B 285 -29.39 37.03 -42.87
CA SER B 285 -27.97 37.08 -42.50
C SER B 285 -27.76 36.82 -41.01
N SER B 286 -28.52 35.89 -40.47
CA SER B 286 -28.44 35.53 -39.06
C SER B 286 -28.34 34.02 -38.91
N TYR B 287 -28.15 33.58 -37.68
CA TYR B 287 -28.04 32.17 -37.35
C TYR B 287 -29.08 31.82 -36.29
N TYR B 288 -29.54 30.58 -36.32
CA TYR B 288 -30.63 30.16 -35.44
C TYR B 288 -30.32 28.84 -34.76
N LEU B 289 -30.97 28.66 -33.62
CA LEU B 289 -30.96 27.42 -32.85
C LEU B 289 -32.41 27.05 -32.58
N ASP B 290 -32.93 26.07 -33.31
CA ASP B 290 -34.31 25.65 -33.10
C ASP B 290 -34.45 24.91 -31.76
N MET B 291 -35.70 24.78 -31.31
CA MET B 291 -35.94 24.10 -30.04
C MET B 291 -35.43 22.66 -30.06
N HIS B 292 -35.41 22.03 -31.23
CA HIS B 292 -35.00 20.64 -31.30
C HIS B 292 -33.56 20.45 -30.88
N SER B 293 -32.69 21.41 -31.20
CA SER B 293 -31.27 21.30 -30.90
C SER B 293 -30.89 21.88 -29.55
N LEU B 294 -31.82 22.51 -28.84
CA LEU B 294 -31.51 23.14 -27.57
C LEU B 294 -31.19 22.12 -26.48
N PRO B 295 -31.81 20.94 -26.45
CA PRO B 295 -31.39 19.92 -25.48
C PRO B 295 -29.96 19.42 -25.67
N HIS B 296 -29.29 19.73 -26.78
CA HIS B 296 -27.95 19.22 -27.04
C HIS B 296 -26.92 20.35 -27.20
N VAL B 297 -27.12 21.47 -26.52
CA VAL B 297 -26.31 22.66 -26.79
C VAL B 297 -25.34 22.99 -25.64
N ILE B 298 -25.61 22.56 -24.41
CA ILE B 298 -24.81 22.97 -23.26
C ILE B 298 -23.88 21.87 -22.78
N ASN B 299 -23.83 20.71 -23.44
CA ASN B 299 -23.00 19.63 -22.94
C ASN B 299 -21.51 19.97 -22.99
N PRO B 300 -20.94 20.46 -24.10
CA PRO B 300 -19.50 20.76 -24.09
C PRO B 300 -19.10 21.80 -23.06
N VAL B 301 -19.94 22.82 -22.84
CA VAL B 301 -19.60 23.83 -21.85
C VAL B 301 -19.79 23.27 -20.44
N GLU B 302 -20.83 22.47 -20.22
CA GLU B 302 -20.99 21.88 -18.90
C GLU B 302 -19.92 20.86 -18.60
N SER B 303 -19.15 20.43 -19.59
CA SER B 303 -17.90 19.74 -19.29
C SER B 303 -16.89 20.68 -18.64
N ARG B 304 -16.89 21.95 -19.03
CA ARG B 304 -15.94 22.92 -18.49
C ARG B 304 -16.29 23.37 -17.08
N LEU B 305 -17.59 23.49 -16.77
CA LEU B 305 -18.00 24.02 -15.48
C LEU B 305 -17.67 23.07 -14.32
N GLY B 306 -17.35 21.82 -14.61
CA GLY B 306 -17.09 20.88 -13.56
C GLY B 306 -15.78 21.14 -12.84
N SER B 307 -15.66 20.53 -11.66
CA SER B 307 -14.48 20.67 -10.79
C SER B 307 -14.16 22.13 -10.51
N SER B 308 -15.19 22.98 -10.48
CA SER B 308 -15.01 24.40 -10.19
C SER B 308 -15.95 24.86 -9.08
N ALA B 309 -16.50 23.93 -8.30
CA ALA B 309 -17.41 24.24 -7.22
C ALA B 309 -16.80 23.78 -5.90
N ALA B 310 -17.04 24.56 -4.85
CA ALA B 310 -16.40 24.34 -3.55
C ALA B 310 -17.40 23.90 -2.47
N SER B 311 -18.44 23.17 -2.86
CA SER B 311 -19.39 22.62 -1.90
C SER B 311 -20.22 21.56 -2.61
N LEU B 312 -20.98 20.81 -1.81
CA LEU B 312 -21.84 19.76 -2.32
C LEU B 312 -23.25 20.25 -2.59
N TYR B 313 -23.50 21.54 -2.42
CA TYR B 313 -24.83 22.08 -2.67
C TYR B 313 -25.16 22.01 -4.16
N PRO B 314 -26.45 21.96 -4.50
CA PRO B 314 -26.82 21.97 -5.92
C PRO B 314 -26.39 23.27 -6.58
N VAL B 315 -25.64 23.14 -7.66
CA VAL B 315 -25.08 24.29 -8.37
C VAL B 315 -26.05 24.71 -9.46
N LEU B 316 -26.26 26.02 -9.58
CA LEU B 316 -27.10 26.61 -10.61
C LEU B 316 -26.21 27.44 -11.52
N ASN B 317 -25.97 26.93 -12.73
CA ASN B 317 -25.07 27.58 -13.67
C ASN B 317 -25.87 28.48 -14.61
N PHE B 318 -25.46 29.73 -14.72
CA PHE B 318 -26.10 30.70 -15.60
C PHE B 318 -25.06 31.18 -16.60
N LEU B 319 -25.18 30.69 -17.83
CA LEU B 319 -24.20 30.95 -18.88
C LEU B 319 -24.63 32.13 -19.71
N LEU B 320 -23.69 33.02 -20.00
CA LEU B 320 -23.90 34.14 -20.91
C LEU B 320 -23.05 33.87 -22.14
N TYR B 321 -23.61 33.12 -23.08
CA TYR B 321 -22.92 32.83 -24.33
C TYR B 321 -22.80 34.09 -25.17
N VAL B 322 -21.63 34.28 -25.76
CA VAL B 322 -21.38 35.40 -26.67
C VAL B 322 -20.93 34.83 -28.01
N PRO B 323 -21.83 34.76 -28.99
CA PRO B 323 -21.52 34.04 -30.22
C PRO B 323 -20.30 34.61 -30.93
N GLU B 324 -19.50 33.71 -31.52
CA GLU B 324 -18.35 34.14 -32.27
C GLU B 324 -18.78 34.76 -33.59
N LEU B 325 -17.86 35.50 -34.22
CA LEU B 325 -18.18 36.17 -35.48
C LEU B 325 -18.66 35.21 -36.55
N ALA B 326 -18.27 33.93 -36.47
CA ALA B 326 -18.77 32.95 -37.43
C ALA B 326 -20.28 32.93 -37.46
N HIS B 327 -20.92 33.02 -36.30
CA HIS B 327 -22.38 33.12 -36.20
C HIS B 327 -22.76 34.23 -35.24
N SER B 328 -22.19 35.42 -35.45
CA SER B 328 -22.34 36.51 -34.51
C SER B 328 -23.79 36.89 -34.23
N PRO B 329 -24.69 36.99 -35.22
CA PRO B 329 -26.12 37.17 -34.88
C PRO B 329 -26.84 35.84 -34.66
N LEU B 330 -26.70 35.29 -33.45
CA LEU B 330 -27.32 34.03 -33.09
C LEU B 330 -28.62 34.29 -32.36
N TYR B 331 -29.67 33.55 -32.72
CA TYR B 331 -30.97 33.68 -32.09
C TYR B 331 -31.52 32.30 -31.78
N ILE B 332 -32.43 32.27 -30.81
CA ILE B 332 -33.07 31.04 -30.35
C ILE B 332 -34.55 31.12 -30.72
N GLN B 333 -35.08 30.02 -31.26
CA GLN B 333 -36.43 30.00 -31.82
C GLN B 333 -37.34 29.17 -30.92
N ASP B 334 -38.45 29.78 -30.48
CA ASP B 334 -39.26 29.17 -29.44
C ASP B 334 -39.90 27.86 -29.89
N LYS B 335 -40.84 27.93 -30.81
CA LYS B 335 -41.51 26.72 -31.25
C LYS B 335 -41.58 26.61 -32.77
N ASP B 336 -41.82 27.72 -33.46
CA ASP B 336 -41.91 27.75 -34.92
C ASP B 336 -41.32 29.07 -35.42
N GLY B 337 -40.04 29.06 -35.74
CA GLY B 337 -39.44 30.18 -36.44
C GLY B 337 -39.23 31.42 -35.62
N ALA B 338 -40.24 31.83 -34.84
CA ALA B 338 -40.19 33.08 -34.12
C ALA B 338 -39.01 33.09 -33.15
N PRO B 339 -38.10 34.05 -33.26
CA PRO B 339 -37.03 34.16 -32.25
C PRO B 339 -37.62 34.52 -30.89
N VAL B 340 -37.01 33.98 -29.85
CA VAL B 340 -37.50 34.23 -28.49
C VAL B 340 -37.12 35.64 -28.08
N ALA B 341 -37.95 36.24 -27.22
CA ALA B 341 -37.76 37.63 -26.85
C ALA B 341 -36.45 37.84 -26.09
N THR B 342 -36.11 36.91 -25.19
CA THR B 342 -34.98 37.09 -24.29
C THR B 342 -33.72 36.37 -24.75
N ASN B 343 -33.79 35.61 -25.85
CA ASN B 343 -32.64 34.87 -26.38
C ASN B 343 -32.06 33.94 -25.32
N ALA B 344 -32.92 33.27 -24.57
CA ALA B 344 -32.46 32.49 -23.43
C ALA B 344 -33.38 31.30 -23.20
N PHE B 345 -32.89 30.35 -22.41
CA PHE B 345 -33.69 29.21 -21.97
C PHE B 345 -33.04 28.65 -20.71
N HIS B 346 -33.78 27.78 -20.03
CA HIS B 346 -33.30 27.20 -18.79
C HIS B 346 -33.72 25.73 -18.71
N SER B 347 -32.97 24.96 -17.93
CA SER B 347 -33.24 23.56 -17.73
C SER B 347 -33.78 23.31 -16.32
N PRO B 348 -34.71 22.35 -16.16
CA PRO B 348 -35.45 22.20 -14.90
C PRO B 348 -34.69 22.42 -13.60
N ARG B 349 -33.61 21.67 -13.37
CA ARG B 349 -32.82 21.85 -12.17
C ARG B 349 -31.40 22.29 -12.47
N TRP B 350 -31.04 22.43 -13.73
CA TRP B 350 -29.77 23.03 -14.12
C TRP B 350 -29.93 24.54 -14.04
N GLY B 351 -28.98 25.29 -14.57
CA GLY B 351 -29.13 26.72 -14.62
C GLY B 351 -29.88 27.20 -15.85
N GLY B 352 -29.47 28.34 -16.39
CA GLY B 352 -30.04 28.86 -17.61
C GLY B 352 -28.95 29.36 -18.53
N ILE B 353 -29.31 29.56 -19.78
CA ILE B 353 -28.37 29.99 -20.81
C ILE B 353 -28.99 31.18 -21.54
N MET B 354 -28.23 32.26 -21.66
CA MET B 354 -28.65 33.41 -22.46
C MET B 354 -27.62 33.65 -23.54
N VAL B 355 -28.09 33.82 -24.77
CA VAL B 355 -27.23 34.20 -25.89
C VAL B 355 -27.26 35.72 -26.00
N TYR B 356 -26.08 36.34 -25.93
CA TYR B 356 -25.93 37.78 -25.88
C TYR B 356 -25.21 38.25 -27.14
N ASN B 357 -25.89 39.04 -27.96
CA ASN B 357 -25.37 39.46 -29.24
C ASN B 357 -24.81 40.87 -29.16
N VAL B 358 -23.71 41.10 -29.87
CA VAL B 358 -23.09 42.40 -30.01
C VAL B 358 -23.35 42.91 -31.43
N ASP B 359 -23.55 44.22 -31.56
CA ASP B 359 -23.80 44.83 -32.86
C ASP B 359 -23.17 46.21 -32.89
N SER B 360 -23.23 46.85 -34.07
CA SER B 360 -22.68 48.19 -34.29
C SER B 360 -21.18 48.22 -33.96
N LYS B 361 -20.46 47.19 -34.41
CA LYS B 361 -19.05 47.00 -34.12
C LYS B 361 -18.18 47.27 -35.35
N THR B 362 -18.63 48.14 -36.24
CA THR B 362 -17.93 48.39 -37.49
C THR B 362 -16.71 49.28 -37.26
N TYR B 363 -15.56 48.84 -37.76
CA TYR B 363 -14.31 49.60 -37.71
C TYR B 363 -13.76 49.75 -39.13
N ASN B 364 -12.64 50.49 -39.22
CA ASN B 364 -12.05 50.79 -40.52
C ASN B 364 -11.21 49.62 -41.05
N ALA B 365 -10.24 49.18 -40.25
CA ALA B 365 -9.28 48.18 -40.69
C ALA B 365 -9.80 46.76 -40.41
N SER B 366 -8.90 45.78 -40.49
CA SER B 366 -9.24 44.39 -40.24
C SER B 366 -9.75 44.20 -38.81
N VAL B 367 -10.22 42.98 -38.52
CA VAL B 367 -10.85 42.71 -37.24
C VAL B 367 -9.81 42.74 -36.13
N LEU B 368 -10.11 43.50 -35.08
CA LEU B 368 -9.36 43.49 -33.83
C LEU B 368 -10.28 42.99 -32.74
N PRO B 369 -9.78 42.64 -31.56
CA PRO B 369 -10.70 42.31 -30.45
C PRO B 369 -11.48 43.54 -30.02
N VAL B 370 -12.77 43.56 -30.30
CA VAL B 370 -13.59 44.72 -29.99
C VAL B 370 -14.03 44.65 -28.54
N ARG B 371 -13.80 45.73 -27.80
CA ARG B 371 -14.18 45.77 -26.40
C ARG B 371 -15.70 45.73 -26.30
N VAL B 372 -16.23 44.60 -25.85
CA VAL B 372 -17.67 44.39 -25.73
C VAL B 372 -18.05 44.59 -24.27
N GLU B 373 -18.97 45.51 -24.03
CA GLU B 373 -19.48 45.77 -22.69
C GLU B 373 -20.86 45.15 -22.57
N VAL B 374 -21.05 44.31 -21.56
CA VAL B 374 -22.27 43.54 -21.40
C VAL B 374 -23.27 44.34 -20.56
N ASP B 375 -24.48 44.50 -21.09
CA ASP B 375 -25.56 45.17 -20.37
C ASP B 375 -26.00 44.25 -19.23
N MET B 376 -25.51 44.54 -18.02
CA MET B 376 -25.79 43.67 -16.89
C MET B 376 -27.25 43.72 -16.50
N VAL B 377 -27.94 44.85 -16.71
CA VAL B 377 -29.37 44.90 -16.44
C VAL B 377 -30.12 43.93 -17.33
N ARG B 378 -29.83 43.98 -18.63
CA ARG B 378 -30.50 43.08 -19.58
C ARG B 378 -30.19 41.63 -19.28
N VAL B 379 -28.94 41.33 -18.91
CA VAL B 379 -28.56 39.95 -18.61
C VAL B 379 -29.23 39.47 -17.32
N MET B 380 -29.17 40.28 -16.27
CA MET B 380 -29.66 39.86 -14.98
C MET B 380 -31.17 39.81 -14.93
N GLU B 381 -31.88 40.56 -15.77
CA GLU B 381 -33.33 40.39 -15.86
C GLU B 381 -33.67 38.93 -16.17
N VAL B 382 -33.09 38.40 -17.24
CA VAL B 382 -33.43 37.03 -17.64
C VAL B 382 -32.83 36.04 -16.67
N PHE B 383 -31.64 36.32 -16.10
CA PHE B 383 -31.05 35.35 -15.18
C PHE B 383 -31.86 35.25 -13.90
N LEU B 384 -32.36 36.37 -13.38
CA LEU B 384 -33.16 36.32 -12.17
C LEU B 384 -34.56 35.75 -12.45
N ALA B 385 -35.12 36.02 -13.63
CA ALA B 385 -36.36 35.34 -14.00
C ALA B 385 -36.16 33.82 -14.07
N GLN B 386 -35.04 33.39 -14.66
CA GLN B 386 -34.74 31.97 -14.74
C GLN B 386 -34.53 31.37 -13.36
N LEU B 387 -33.84 32.08 -12.48
CA LEU B 387 -33.63 31.59 -11.12
C LEU B 387 -34.96 31.46 -10.38
N ARG B 388 -35.84 32.45 -10.55
CA ARG B 388 -37.16 32.39 -9.96
C ARG B 388 -37.95 31.18 -10.47
N LEU B 389 -37.86 30.90 -11.76
CA LEU B 389 -38.53 29.73 -12.31
C LEU B 389 -37.89 28.43 -11.83
N LEU B 390 -36.56 28.43 -11.65
CA LEU B 390 -35.87 27.24 -11.19
C LEU B 390 -36.21 26.89 -9.76
N PHE B 391 -36.52 27.88 -8.93
CA PHE B 391 -36.98 27.60 -7.58
C PHE B 391 -38.49 27.36 -7.51
N GLY B 392 -39.18 27.37 -8.66
CA GLY B 392 -40.59 27.02 -8.70
C GLY B 392 -41.55 28.15 -8.40
N ILE B 393 -41.09 29.39 -8.36
CA ILE B 393 -41.97 30.54 -8.15
C ILE B 393 -42.48 30.95 -9.52
N ALA B 394 -43.64 30.43 -9.89
CA ALA B 394 -44.27 30.81 -11.14
C ALA B 394 -44.93 32.18 -11.01
N GLN B 395 -45.58 32.63 -12.08
CA GLN B 395 -46.31 33.88 -12.03
C GLN B 395 -47.52 33.73 -11.10
N PRO B 396 -47.97 34.83 -10.49
CA PRO B 396 -48.84 34.73 -9.30
C PRO B 396 -50.12 33.92 -9.45
N GLN B 397 -50.54 33.55 -10.67
CA GLN B 397 -51.65 32.61 -10.87
C GLN B 397 -52.93 33.13 -10.20
N LEU B 398 -53.43 34.21 -10.76
CA LEU B 398 -54.42 35.05 -10.10
C LEU B 398 -55.79 34.38 -10.01
N PRO B 399 -56.65 34.87 -9.12
CA PRO B 399 -58.08 34.64 -9.25
C PRO B 399 -58.64 35.45 -10.40
N PRO B 400 -59.94 35.35 -10.70
CA PRO B 400 -60.48 36.10 -11.84
C PRO B 400 -60.26 37.62 -11.78
N LYS B 401 -60.31 38.22 -10.60
CA LYS B 401 -60.22 39.68 -10.48
C LYS B 401 -59.29 40.05 -9.33
N CYS B 402 -58.13 40.63 -9.66
CA CYS B 402 -57.21 41.17 -8.67
C CYS B 402 -56.10 41.91 -9.41
N LEU B 403 -55.19 42.51 -8.63
CA LEU B 403 -54.01 43.19 -9.13
C LEU B 403 -52.81 42.74 -8.30
N LEU B 404 -51.61 43.24 -8.62
CA LEU B 404 -50.40 42.72 -8.00
C LEU B 404 -49.50 43.75 -7.33
N SER B 405 -49.65 45.04 -7.60
CA SER B 405 -48.72 46.10 -7.23
C SER B 405 -47.43 46.06 -8.04
N GLY B 406 -47.37 45.24 -9.08
CA GLY B 406 -46.21 45.21 -9.94
C GLY B 406 -45.01 44.58 -9.29
N PRO B 407 -43.87 44.62 -9.98
CA PRO B 407 -42.65 44.01 -9.45
C PRO B 407 -42.13 44.70 -8.21
N THR B 408 -41.50 43.91 -7.35
CA THR B 408 -40.84 44.40 -6.16
C THR B 408 -39.37 44.71 -6.46
N SER B 409 -38.80 45.66 -5.73
CA SER B 409 -37.43 46.06 -5.97
C SER B 409 -36.47 44.89 -5.78
N GLU B 410 -36.69 44.08 -4.75
CA GLU B 410 -35.88 42.87 -4.58
C GLU B 410 -36.08 41.92 -5.74
N GLY B 411 -37.32 41.72 -6.18
CA GLY B 411 -37.59 40.92 -7.35
C GLY B 411 -38.78 40.00 -7.23
N LEU B 412 -39.05 39.50 -6.02
CA LEU B 412 -40.14 38.56 -5.80
C LEU B 412 -40.92 38.96 -4.56
N MET B 413 -42.21 38.62 -4.58
CA MET B 413 -43.13 39.02 -3.52
C MET B 413 -42.91 38.17 -2.27
N THR B 414 -43.27 38.74 -1.12
CA THR B 414 -42.98 38.09 0.16
C THR B 414 -43.88 36.87 0.36
N TRP B 415 -45.14 36.95 -0.09
CA TRP B 415 -46.00 35.77 0.03
C TRP B 415 -45.49 34.63 -0.84
N GLU B 416 -44.82 34.93 -1.96
CA GLU B 416 -44.18 33.88 -2.73
C GLU B 416 -43.06 33.23 -1.93
N LEU B 417 -42.30 34.03 -1.19
CA LEU B 417 -41.30 33.48 -0.28
C LEU B 417 -41.95 32.59 0.76
N ASP B 418 -43.10 32.99 1.28
CA ASP B 418 -43.79 32.16 2.27
C ASP B 418 -44.27 30.85 1.67
N ARG B 419 -44.77 30.89 0.43
CA ARG B 419 -45.11 29.65 -0.26
C ARG B 419 -43.90 28.75 -0.41
N LEU B 420 -42.75 29.35 -0.74
CA LEU B 420 -41.51 28.58 -0.84
C LEU B 420 -41.15 27.93 0.49
N LEU B 421 -41.29 28.68 1.58
CA LEU B 421 -40.99 28.10 2.90
C LEU B 421 -41.98 27.00 3.28
N TRP B 422 -43.26 27.16 2.93
CA TRP B 422 -44.22 26.09 3.19
C TRP B 422 -43.81 24.81 2.46
N ALA B 423 -43.51 24.94 1.16
CA ALA B 423 -43.10 23.78 0.39
C ALA B 423 -41.80 23.19 0.91
N ARG B 424 -40.85 24.04 1.29
CA ARG B 424 -39.58 23.54 1.83
C ARG B 424 -39.79 22.81 3.14
N SER B 425 -40.65 23.32 4.01
CA SER B 425 -40.92 22.65 5.27
C SER B 425 -41.54 21.28 5.03
N VAL B 426 -42.54 21.20 4.16
CA VAL B 426 -43.21 19.92 3.92
C VAL B 426 -42.24 18.93 3.27
N GLU B 427 -41.49 19.39 2.27
CA GLU B 427 -40.54 18.51 1.58
C GLU B 427 -39.45 18.04 2.53
N ASN B 428 -38.95 18.94 3.38
CA ASN B 428 -37.93 18.56 4.34
C ASN B 428 -38.44 17.55 5.34
N LEU B 429 -39.66 17.74 5.85
CA LEU B 429 -40.22 16.77 6.79
C LEU B 429 -40.44 15.42 6.13
N ALA B 430 -40.94 15.41 4.90
CA ALA B 430 -41.12 14.15 4.19
C ALA B 430 -39.79 13.45 3.96
N THR B 431 -38.77 14.20 3.56
CA THR B 431 -37.44 13.63 3.36
C THR B 431 -36.89 13.06 4.66
N ALA B 432 -37.06 13.79 5.77
CA ALA B 432 -36.52 13.33 7.03
C ALA B 432 -37.23 12.08 7.52
N THR B 433 -38.56 12.02 7.39
CA THR B 433 -39.27 10.80 7.81
C THR B 433 -38.90 9.62 6.93
N THR B 434 -38.79 9.82 5.61
CA THR B 434 -38.37 8.74 4.74
C THR B 434 -36.97 8.26 5.09
N THR B 435 -36.06 9.20 5.36
CA THR B 435 -34.70 8.84 5.74
C THR B 435 -34.67 8.07 7.05
N LEU B 436 -35.50 8.47 8.01
CA LEU B 436 -35.50 7.81 9.31
C LEU B 436 -36.06 6.40 9.22
N THR B 437 -37.16 6.21 8.47
CA THR B 437 -37.66 4.85 8.28
C THR B 437 -36.69 4.00 7.49
N SER B 438 -36.00 4.59 6.51
CA SER B 438 -34.99 3.85 5.77
C SER B 438 -33.86 3.41 6.69
N LEU B 439 -33.42 4.30 7.58
CA LEU B 439 -32.36 3.96 8.52
C LEU B 439 -32.81 2.86 9.48
N ALA B 440 -34.03 2.96 9.99
CA ALA B 440 -34.53 1.94 10.90
C ALA B 440 -34.61 0.59 10.21
N GLN B 441 -35.13 0.56 8.98
CA GLN B 441 -35.20 -0.70 8.24
C GLN B 441 -33.81 -1.25 7.94
N LEU B 442 -32.88 -0.37 7.58
CA LEU B 442 -31.51 -0.82 7.31
C LEU B 442 -30.88 -1.45 8.54
N LEU B 443 -31.07 -0.83 9.71
CA LEU B 443 -30.48 -1.35 10.92
C LEU B 443 -31.19 -2.57 11.46
N GLY B 444 -32.49 -2.73 11.16
CA GLY B 444 -33.19 -3.94 11.54
C GLY B 444 -32.91 -5.11 10.62
N LYS B 445 -32.58 -4.84 9.36
CA LYS B 445 -32.35 -5.92 8.40
C LYS B 445 -31.03 -6.65 8.67
N ILE B 446 -29.97 -5.90 8.94
CA ILE B 446 -28.63 -6.45 9.10
C ILE B 446 -28.10 -6.07 10.47
N SER B 447 -27.95 -7.06 11.35
CA SER B 447 -27.55 -6.84 12.74
C SER B 447 -26.06 -7.02 12.93
N ASN B 448 -25.25 -6.32 12.13
CA ASN B 448 -23.82 -6.26 12.37
C ASN B 448 -23.26 -4.86 12.14
N ILE B 449 -24.13 -3.85 12.03
CA ILE B 449 -23.71 -2.49 11.81
C ILE B 449 -23.47 -1.83 13.16
N VAL B 450 -22.26 -1.36 13.39
CA VAL B 450 -21.92 -0.61 14.60
C VAL B 450 -22.48 0.80 14.44
N ILE B 451 -23.58 1.08 15.11
CA ILE B 451 -24.13 2.44 15.16
C ILE B 451 -23.61 3.11 16.42
N LYS B 452 -22.86 4.18 16.24
CA LYS B 452 -22.12 4.78 17.35
C LYS B 452 -22.88 5.98 17.90
N ASP B 453 -22.24 6.70 18.82
CA ASP B 453 -22.93 7.76 19.54
C ASP B 453 -23.27 8.93 18.64
N ASP B 454 -22.44 9.22 17.64
CA ASP B 454 -22.74 10.32 16.73
C ASP B 454 -23.98 10.02 15.90
N VAL B 455 -24.10 8.79 15.39
CA VAL B 455 -25.28 8.41 14.62
C VAL B 455 -26.53 8.48 15.48
N ALA B 456 -26.45 7.99 16.71
CA ALA B 456 -27.60 8.03 17.61
C ALA B 456 -27.98 9.45 17.96
N SER B 457 -26.98 10.31 18.20
CA SER B 457 -27.26 11.71 18.48
C SER B 457 -27.96 12.37 17.30
N GLU B 458 -27.49 12.10 16.09
CA GLU B 458 -28.12 12.68 14.91
C GLU B 458 -29.54 12.15 14.72
N VAL B 459 -29.77 10.87 14.98
CA VAL B 459 -31.11 10.31 14.84
C VAL B 459 -32.05 10.95 15.86
N TYR B 460 -31.61 11.08 17.11
CA TYR B 460 -32.44 11.71 18.12
C TYR B 460 -32.74 13.17 17.76
N LYS B 461 -31.73 13.90 17.28
CA LYS B 461 -31.95 15.27 16.86
C LYS B 461 -32.94 15.34 15.71
N ALA B 462 -32.83 14.42 14.75
CA ALA B 462 -33.74 14.42 13.61
C ALA B 462 -35.17 14.13 14.03
N VAL B 463 -35.37 13.16 14.92
CA VAL B 463 -36.72 12.84 15.39
C VAL B 463 -37.30 14.01 16.16
N ALA B 464 -36.51 14.60 17.06
CA ALA B 464 -36.99 15.74 17.83
C ALA B 464 -37.34 16.90 16.92
N ALA B 465 -36.51 17.16 15.91
CA ALA B 465 -36.77 18.27 15.01
C ALA B 465 -37.97 18.01 14.12
N VAL B 466 -38.18 16.76 13.71
CA VAL B 466 -39.37 16.43 12.92
C VAL B 466 -40.62 16.67 13.75
N GLN B 467 -40.62 16.23 15.01
CA GLN B 467 -41.78 16.45 15.86
C GLN B 467 -42.01 17.93 16.12
N LYS B 468 -40.93 18.68 16.39
CA LYS B 468 -41.07 20.12 16.63
C LYS B 468 -41.59 20.83 15.39
N SER B 469 -41.08 20.48 14.21
CA SER B 469 -41.52 21.13 12.99
C SER B 469 -42.96 20.78 12.65
N ALA B 470 -43.37 19.54 12.91
CA ALA B 470 -44.76 19.17 12.67
C ALA B 470 -45.70 19.87 13.64
N GLU B 471 -45.28 20.08 14.89
CA GLU B 471 -46.11 20.79 15.85
C GLU B 471 -46.04 22.31 15.68
N GLU B 472 -45.05 22.82 14.97
CA GLU B 472 -44.98 24.25 14.69
C GLU B 472 -45.64 24.63 13.38
N LEU B 473 -45.70 23.70 12.43
CA LEU B 473 -46.41 23.95 11.19
C LEU B 473 -47.90 24.16 11.43
N ALA B 474 -48.45 23.47 12.43
CA ALA B 474 -49.84 23.68 12.81
C ALA B 474 -49.97 24.86 13.77
N SER B 475 -49.36 25.98 13.40
CA SER B 475 -49.40 27.20 14.21
C SER B 475 -48.95 28.36 13.33
N ALA B 476 -48.94 29.55 13.90
CA ALA B 476 -48.43 30.73 13.20
C ALA B 476 -46.91 30.77 13.32
N HIS B 477 -46.26 29.67 12.98
CA HIS B 477 -44.83 29.49 13.27
C HIS B 477 -44.14 28.86 12.07
N LEU B 478 -44.36 29.44 10.88
CA LEU B 478 -43.73 28.89 9.69
C LEU B 478 -42.21 29.01 9.73
N ALA B 479 -41.68 30.12 10.28
CA ALA B 479 -40.23 30.30 10.32
C ALA B 479 -39.57 29.26 11.22
N SER B 480 -40.10 29.08 12.43
CA SER B 480 -39.54 28.07 13.33
C SER B 480 -39.73 26.68 12.74
N ALA B 481 -40.86 26.42 12.09
CA ALA B 481 -41.09 25.12 11.48
C ALA B 481 -40.09 24.85 10.37
N PHE B 482 -39.77 25.87 9.57
CA PHE B 482 -38.80 25.70 8.50
C PHE B 482 -37.41 25.45 9.06
N VAL B 483 -37.02 26.18 10.11
CA VAL B 483 -35.72 25.95 10.71
C VAL B 483 -35.63 24.55 11.30
N ALA B 484 -36.71 24.10 11.96
CA ALA B 484 -36.72 22.76 12.53
C ALA B 484 -36.67 21.70 11.44
N SER B 485 -37.35 21.94 10.31
CA SER B 485 -37.29 20.99 9.20
C SER B 485 -35.89 20.92 8.60
N GLN B 486 -35.23 22.07 8.47
CA GLN B 486 -33.85 22.07 7.99
C GLN B 486 -32.94 21.30 8.93
N GLU B 487 -33.10 21.52 10.24
CA GLU B 487 -32.31 20.78 11.22
C GLU B 487 -32.61 19.28 11.13
N ALA B 488 -33.87 18.92 10.96
CA ALA B 488 -34.25 17.51 10.87
C ALA B 488 -33.63 16.86 9.65
N VAL B 489 -33.67 17.53 8.51
CA VAL B 489 -33.06 16.97 7.30
C VAL B 489 -31.56 16.82 7.49
N THR B 490 -30.90 17.85 8.01
CA THR B 490 -29.46 17.76 8.18
C THR B 490 -29.09 16.61 9.11
N SER B 491 -29.80 16.47 10.23
CA SER B 491 -29.50 15.41 11.18
C SER B 491 -29.79 14.03 10.58
N SER B 492 -30.92 13.87 9.89
CA SER B 492 -31.28 12.57 9.37
C SER B 492 -30.36 12.14 8.24
N GLU B 493 -29.94 13.08 7.39
CA GLU B 493 -29.00 12.73 6.32
C GLU B 493 -27.57 12.58 6.83
N LEU B 494 -27.22 13.22 7.95
CA LEU B 494 -25.92 12.93 8.57
C LEU B 494 -25.92 11.55 9.21
N ALA B 495 -27.05 11.14 9.78
CA ALA B 495 -27.13 9.81 10.37
C ALA B 495 -27.18 8.73 9.29
N PHE B 496 -27.92 8.98 8.22
CA PHE B 496 -28.08 7.97 7.17
C PHE B 496 -26.82 7.82 6.33
N PHE B 497 -26.23 8.94 5.92
CA PHE B 497 -25.04 8.90 5.06
C PHE B 497 -23.76 8.98 5.88
N ASP B 498 -23.66 8.14 6.91
CA ASP B 498 -22.45 8.09 7.73
C ASP B 498 -21.55 6.99 7.21
N ALA B 499 -20.25 7.26 7.20
CA ALA B 499 -19.30 6.32 6.62
C ALA B 499 -19.36 4.96 7.29
N SER B 500 -19.78 4.89 8.55
CA SER B 500 -19.70 3.68 9.35
C SER B 500 -20.89 2.74 9.16
N LEU B 501 -21.85 3.10 8.30
CA LEU B 501 -23.02 2.26 8.09
C LEU B 501 -22.86 1.29 6.93
N LEU B 502 -21.67 1.19 6.35
CA LEU B 502 -21.43 0.24 5.28
C LEU B 502 -21.15 -1.14 5.87
N HIS B 503 -21.89 -2.14 5.39
CA HIS B 503 -21.83 -3.49 5.94
C HIS B 503 -20.63 -4.29 5.48
N LEU B 504 -19.59 -3.64 4.94
CA LEU B 504 -18.36 -4.32 4.60
C LEU B 504 -17.30 -4.18 5.67
N LEU B 505 -17.47 -3.24 6.59
CA LEU B 505 -16.48 -3.01 7.65
C LEU B 505 -16.58 -4.04 8.77
N TYR B 506 -17.56 -4.94 8.72
CA TYR B 506 -17.85 -5.83 9.83
C TYR B 506 -17.81 -7.28 9.38
N PHE B 507 -17.28 -8.14 10.24
CA PHE B 507 -17.14 -9.56 9.90
C PHE B 507 -18.52 -10.21 9.78
N PRO B 508 -18.73 -11.09 8.81
CA PRO B 508 -20.05 -11.73 8.67
C PRO B 508 -20.42 -12.55 9.90
N ASP B 509 -21.69 -12.43 10.29
CA ASP B 509 -22.17 -13.05 11.52
C ASP B 509 -22.17 -14.57 11.43
N ASP B 510 -22.49 -15.12 10.25
CA ASP B 510 -22.47 -16.58 10.09
C ASP B 510 -21.08 -17.15 10.29
N GLN B 511 -20.06 -16.48 9.74
CA GLN B 511 -18.68 -16.92 9.91
C GLN B 511 -18.12 -16.60 11.28
N LYS B 512 -18.73 -15.68 12.02
CA LYS B 512 -18.31 -15.44 13.40
C LYS B 512 -18.50 -16.67 14.29
N PHE B 513 -19.45 -17.55 13.96
CA PHE B 513 -19.66 -18.78 14.71
C PHE B 513 -18.93 -19.96 14.08
N ALA B 514 -18.15 -19.73 13.02
CA ALA B 514 -17.23 -20.72 12.50
C ALA B 514 -15.78 -20.42 12.87
N ILE B 515 -15.46 -19.16 13.17
CA ILE B 515 -14.13 -18.82 13.68
C ILE B 515 -14.01 -19.02 15.19
N TYR B 516 -15.04 -19.58 15.83
CA TYR B 516 -15.02 -19.79 17.28
C TYR B 516 -14.99 -21.26 17.68
N ILE B 517 -15.36 -22.17 16.79
CA ILE B 517 -15.30 -23.61 17.05
C ILE B 517 -13.90 -24.02 17.50
N PRO B 518 -12.82 -23.53 16.87
CA PRO B 518 -11.48 -23.84 17.39
C PRO B 518 -11.29 -23.43 18.84
N LEU B 519 -12.12 -22.53 19.37
CA LEU B 519 -12.17 -22.25 20.79
C LEU B 519 -13.31 -22.99 21.49
N PHE B 520 -14.27 -23.52 20.74
CA PHE B 520 -15.24 -24.44 21.33
C PHE B 520 -14.56 -25.71 21.83
N LEU B 521 -13.61 -26.23 21.05
CA LEU B 521 -12.92 -27.45 21.47
C LEU B 521 -12.27 -27.34 22.85
N PRO B 522 -11.51 -26.29 23.18
CA PRO B 522 -11.00 -26.20 24.56
C PRO B 522 -12.09 -25.88 25.57
N MET B 523 -13.11 -25.09 25.21
CA MET B 523 -14.15 -24.69 26.13
C MET B 523 -15.23 -25.75 26.31
N ALA B 524 -15.29 -26.75 25.42
CA ALA B 524 -16.27 -27.82 25.56
C ALA B 524 -15.96 -28.74 26.75
N VAL B 525 -14.76 -28.68 27.29
CA VAL B 525 -14.34 -29.58 28.37
C VAL B 525 -14.89 -29.12 29.72
N PRO B 526 -14.74 -27.84 30.12
CA PRO B 526 -15.33 -27.44 31.41
C PRO B 526 -16.84 -27.58 31.45
N ILE B 527 -17.54 -27.20 30.38
CA ILE B 527 -19.00 -27.23 30.40
C ILE B 527 -19.51 -28.67 30.52
N LEU B 528 -18.85 -29.62 29.86
CA LEU B 528 -19.27 -31.01 29.93
C LEU B 528 -18.85 -31.65 31.25
N LEU B 529 -17.65 -31.34 31.72
CA LEU B 529 -17.15 -31.97 32.93
C LEU B 529 -17.70 -31.34 34.21
N SER B 530 -18.38 -30.19 34.11
CA SER B 530 -19.14 -29.70 35.25
C SER B 530 -20.43 -30.48 35.43
N LEU B 531 -20.97 -31.06 34.36
CA LEU B 531 -22.18 -31.85 34.44
C LEU B 531 -21.91 -33.34 34.66
N VAL B 532 -20.82 -33.87 34.09
CA VAL B 532 -20.57 -35.31 34.27
C VAL B 532 -20.14 -35.63 35.70
N LYS B 533 -19.57 -34.67 36.41
CA LYS B 533 -19.19 -34.87 37.81
C LYS B 533 -19.88 -33.85 38.71
N ALA C 1 -6.75 43.94 -17.76
CA ALA C 1 -7.43 44.06 -16.48
C ALA C 1 -6.44 43.92 -15.33
N ARG C 2 -6.94 43.44 -14.18
CA ARG C 2 -6.07 43.24 -13.02
C ARG C 2 -5.15 42.05 -13.21
N ASP C 3 -5.67 40.96 -13.76
CA ASP C 3 -4.91 39.74 -13.97
C ASP C 3 -4.36 39.65 -15.39
N SER C 4 -3.16 39.07 -15.50
CA SER C 4 -2.49 38.92 -16.78
C SER C 4 -2.00 37.48 -16.91
N LEU C 5 -1.81 37.07 -18.15
CA LEU C 5 -1.31 35.74 -18.48
C LEU C 5 -0.13 35.87 -19.42
N ARG C 6 0.90 35.07 -19.18
CA ARG C 6 2.00 34.95 -20.13
C ARG C 6 2.39 33.49 -20.25
N GLU C 7 2.45 33.00 -21.49
CA GLU C 7 2.77 31.61 -21.77
C GLU C 7 4.11 31.55 -22.48
N GLU C 8 4.88 30.52 -22.16
CA GLU C 8 6.23 30.39 -22.69
C GLU C 8 6.55 28.92 -22.89
N LEU C 9 7.34 28.64 -23.93
CA LEU C 9 7.83 27.29 -24.19
C LEU C 9 9.33 27.39 -24.41
N VAL C 10 10.09 26.75 -23.53
CA VAL C 10 11.55 26.74 -23.66
C VAL C 10 11.98 25.36 -24.15
N ILE C 11 12.72 25.34 -25.26
CA ILE C 11 13.26 24.12 -25.84
C ILE C 11 14.76 24.10 -25.55
N THR C 12 15.19 23.14 -24.75
CA THR C 12 16.60 22.98 -24.40
C THR C 12 17.12 21.69 -24.98
N PRO C 13 18.05 21.74 -25.94
CA PRO C 13 18.75 20.52 -26.36
C PRO C 13 19.67 20.03 -25.23
N LEU C 14 19.41 18.83 -24.75
CA LEU C 14 20.13 18.31 -23.61
C LEU C 14 21.50 17.78 -24.02
N PRO C 15 22.45 17.75 -23.09
CA PRO C 15 23.80 17.29 -23.45
C PRO C 15 23.87 15.86 -23.94
N SER C 16 22.87 15.04 -23.63
CA SER C 16 22.85 13.64 -24.04
C SER C 16 22.23 13.42 -25.41
N GLY C 17 21.84 14.49 -26.11
CA GLY C 17 21.18 14.38 -27.38
C GLY C 17 19.67 14.43 -27.31
N ASP C 18 19.10 14.30 -26.12
CA ASP C 18 17.67 14.46 -25.94
C ASP C 18 17.31 15.94 -26.07
N VAL C 19 16.01 16.20 -26.21
CA VAL C 19 15.50 17.56 -26.28
C VAL C 19 14.40 17.69 -25.23
N ALA C 20 14.54 18.67 -24.34
CA ALA C 20 13.56 18.91 -23.30
C ALA C 20 12.72 20.13 -23.63
N ALA C 21 11.43 20.03 -23.42
CA ALA C 21 10.51 21.14 -23.62
C ALA C 21 9.82 21.44 -22.31
N THR C 22 9.82 22.71 -21.92
CA THR C 22 9.11 23.15 -20.73
C THR C 22 8.07 24.17 -21.13
N PHE C 23 6.81 23.90 -20.78
CA PHE C 23 5.71 24.83 -20.98
C PHE C 23 5.41 25.52 -19.65
N GLN C 24 5.34 26.84 -19.69
CA GLN C 24 5.00 27.66 -18.53
C GLN C 24 3.78 28.49 -18.88
N PHE C 25 2.80 28.53 -17.97
CA PHE C 25 1.60 29.33 -18.16
C PHE C 25 1.40 30.13 -16.88
N ARG C 26 2.02 31.31 -16.80
CA ARG C 26 1.98 32.11 -15.59
C ARG C 26 0.83 33.09 -15.63
N THR C 27 -0.06 33.00 -14.65
CA THR C 27 -1.14 33.96 -14.48
C THR C 27 -0.90 34.72 -13.19
N ARG C 28 -0.82 36.04 -13.29
CA ARG C 28 -0.65 36.90 -12.14
C ARG C 28 -1.94 37.67 -11.90
N TRP C 29 -2.43 37.64 -10.68
CA TRP C 29 -3.65 38.35 -10.30
C TRP C 29 -3.33 39.30 -9.17
N ASP C 30 -3.60 40.58 -9.37
CA ASP C 30 -3.40 41.59 -8.34
C ASP C 30 -4.64 41.69 -7.45
N SER C 31 -4.98 40.56 -6.84
CA SER C 31 -6.20 40.42 -6.08
C SER C 31 -5.89 39.88 -4.68
N GLU C 32 -6.86 40.02 -3.79
CA GLU C 32 -6.71 39.58 -2.40
C GLU C 32 -7.32 38.19 -2.23
N LEU C 33 -6.62 37.21 -2.82
CA LEU C 33 -7.11 35.84 -2.82
C LEU C 33 -7.03 35.18 -1.45
N GLN C 34 -6.25 35.74 -0.52
CA GLN C 34 -6.06 35.08 0.76
C GLN C 34 -7.31 35.13 1.64
N ARG C 35 -8.26 36.02 1.37
CA ARG C 35 -9.50 36.10 2.11
C ARG C 35 -10.69 35.92 1.17
N GLU C 36 -11.86 35.77 1.77
CA GLU C 36 -13.09 35.58 1.02
C GLU C 36 -13.53 36.87 0.35
N GLY C 37 -14.33 36.72 -0.70
CA GLY C 37 -14.85 37.85 -1.44
C GLY C 37 -14.20 38.08 -2.79
N VAL C 38 -13.65 37.04 -3.41
CA VAL C 38 -12.99 37.17 -4.70
C VAL C 38 -13.72 36.25 -5.67
N SER C 39 -15.05 36.20 -5.53
CA SER C 39 -15.88 35.25 -6.24
C SER C 39 -15.90 35.42 -7.75
N HIS C 40 -15.20 36.42 -8.28
CA HIS C 40 -15.26 36.75 -9.70
C HIS C 40 -13.90 36.46 -10.34
N TYR C 41 -13.86 35.47 -11.23
CA TYR C 41 -12.63 34.98 -11.82
C TYR C 41 -12.68 35.15 -13.33
N ARG C 42 -11.57 35.63 -13.91
CA ARG C 42 -11.47 35.75 -15.36
C ARG C 42 -10.37 34.89 -15.95
N LEU C 43 -9.11 35.09 -15.55
CA LEU C 43 -8.00 34.29 -16.05
C LEU C 43 -7.47 33.32 -15.01
N PHE C 44 -7.50 33.70 -13.75
CA PHE C 44 -7.07 32.81 -12.69
C PHE C 44 -8.17 31.78 -12.50
N PRO C 45 -7.87 30.49 -12.59
CA PRO C 45 -8.93 29.48 -12.56
C PRO C 45 -9.73 29.54 -11.26
N LYS C 46 -11.05 29.44 -11.37
CA LYS C 46 -11.90 29.52 -10.19
C LYS C 46 -11.64 28.35 -9.25
N ALA C 47 -11.39 27.17 -9.81
CA ALA C 47 -11.16 25.98 -8.99
C ALA C 47 -9.99 26.19 -8.04
N LEU C 48 -8.86 26.63 -8.57
CA LEU C 48 -7.70 26.86 -7.72
C LEU C 48 -7.81 28.17 -6.95
N GLY C 49 -8.51 29.16 -7.50
CA GLY C 49 -8.68 30.43 -6.80
C GLY C 49 -9.48 30.30 -5.52
N GLN C 50 -10.47 29.41 -5.49
CA GLN C 50 -11.26 29.23 -4.29
C GLN C 50 -10.45 28.59 -3.17
N LEU C 51 -9.46 27.76 -3.52
CA LEU C 51 -8.73 27.00 -2.50
C LEU C 51 -7.99 27.92 -1.54
N ILE C 52 -7.36 28.97 -2.07
CA ILE C 52 -6.55 29.86 -1.25
C ILE C 52 -7.37 30.47 -0.13
N SER C 53 -8.58 30.94 -0.45
CA SER C 53 -9.43 31.51 0.58
C SER C 53 -10.04 30.44 1.48
N LYS C 54 -10.49 29.32 0.90
CA LYS C 54 -11.20 28.31 1.68
C LYS C 54 -10.27 27.66 2.70
N TYR C 55 -9.22 27.01 2.23
CA TYR C 55 -8.15 26.53 3.09
C TYR C 55 -7.05 27.57 3.05
N SER C 56 -6.62 28.01 4.23
CA SER C 56 -5.76 29.19 4.28
C SER C 56 -4.39 28.82 3.75
N LEU C 57 -4.22 28.92 2.43
CA LEU C 57 -2.98 28.59 1.75
C LEU C 57 -2.16 29.84 1.50
N ARG C 58 -0.85 29.67 1.54
CA ARG C 58 0.09 30.68 1.07
C ARG C 58 0.76 30.27 -0.23
N GLU C 59 1.21 29.02 -0.32
CA GLU C 59 1.78 28.47 -1.55
C GLU C 59 1.28 27.03 -1.69
N LEU C 60 1.00 26.64 -2.92
CA LEU C 60 0.49 25.30 -3.22
C LEU C 60 1.27 24.77 -4.41
N HIS C 61 2.07 23.73 -4.20
CA HIS C 61 2.88 23.15 -5.26
C HIS C 61 2.50 21.68 -5.41
N LEU C 62 1.99 21.33 -6.58
CA LEU C 62 1.48 19.99 -6.83
C LEU C 62 1.98 19.51 -8.18
N SER C 63 2.79 18.45 -8.19
CA SER C 63 3.41 17.99 -9.41
C SER C 63 3.09 16.50 -9.63
N PHE C 64 3.11 16.10 -10.90
CA PHE C 64 2.60 14.81 -11.34
C PHE C 64 3.57 14.16 -12.33
N THR C 65 4.84 14.01 -11.96
CA THR C 65 5.83 13.53 -12.92
C THR C 65 5.77 12.02 -13.13
N GLN C 66 6.02 11.61 -14.36
CA GLN C 66 6.46 10.26 -14.68
C GLN C 66 7.91 10.33 -15.16
N GLY C 67 8.69 9.34 -14.77
CA GLY C 67 10.09 9.32 -15.09
C GLY C 67 10.93 9.96 -14.02
N PHE C 68 12.23 10.01 -14.29
CA PHE C 68 13.22 10.52 -13.35
C PHE C 68 14.20 11.38 -14.14
N TRP C 69 14.45 12.60 -13.66
CA TRP C 69 15.34 13.50 -14.38
C TRP C 69 16.78 13.05 -14.16
N ARG C 70 17.40 12.56 -15.23
CA ARG C 70 18.79 12.08 -15.18
C ARG C 70 19.70 13.29 -15.18
N THR C 71 19.99 13.81 -13.98
CA THR C 71 20.78 15.03 -13.88
C THR C 71 22.18 14.83 -14.43
N ARG C 72 22.76 13.65 -14.26
CA ARG C 72 24.13 13.40 -14.72
C ARG C 72 24.24 13.56 -16.23
N TYR C 73 23.33 12.96 -16.99
CA TYR C 73 23.43 12.92 -18.44
C TYR C 73 22.65 14.01 -19.13
N TRP C 74 21.50 14.40 -18.59
CA TRP C 74 20.87 15.65 -18.99
C TRP C 74 21.57 16.75 -18.22
N GLY C 75 21.04 17.96 -18.26
CA GLY C 75 21.63 19.02 -17.46
C GLY C 75 20.88 19.16 -16.15
N PRO C 76 21.17 20.21 -15.40
CA PRO C 76 20.27 20.59 -14.33
C PRO C 76 18.96 21.10 -14.90
N PRO C 77 17.83 20.61 -14.39
CA PRO C 77 16.54 21.06 -14.92
C PRO C 77 16.20 22.46 -14.43
N PHE C 78 15.34 23.13 -15.22
CA PHE C 78 14.77 24.38 -14.74
C PHE C 78 13.94 24.14 -13.49
N LEU C 79 13.16 23.07 -13.48
CA LEU C 79 12.38 22.67 -12.32
C LEU C 79 12.23 21.16 -12.35
N GLN C 80 12.63 20.50 -11.28
CA GLN C 80 12.50 19.06 -11.17
C GLN C 80 11.42 18.72 -10.14
N ALA C 81 10.79 17.58 -10.32
CA ALA C 81 9.83 17.08 -9.36
C ALA C 81 9.98 15.58 -9.23
N PRO C 82 9.63 15.01 -8.09
CA PRO C 82 9.82 13.58 -7.89
C PRO C 82 8.79 12.77 -8.67
N SER C 83 9.13 11.51 -8.94
CA SER C 83 8.21 10.64 -9.62
C SER C 83 7.00 10.37 -8.74
N GLY C 84 5.83 10.27 -9.36
CA GLY C 84 4.60 10.14 -8.61
C GLY C 84 3.94 11.49 -8.44
N ALA C 85 3.25 11.69 -7.33
CA ALA C 85 2.57 12.96 -7.06
C ALA C 85 3.22 13.62 -5.87
N GLU C 86 3.79 14.80 -6.07
CA GLU C 86 4.36 15.60 -5.00
C GLU C 86 3.42 16.74 -4.67
N LEU C 87 3.15 16.95 -3.38
CA LEU C 87 2.31 18.05 -2.94
C LEU C 87 2.90 18.61 -1.65
N TRP C 88 3.41 19.83 -1.70
CA TRP C 88 3.76 20.55 -0.48
C TRP C 88 3.04 21.88 -0.49
N VAL C 89 2.56 22.27 0.69
CA VAL C 89 1.79 23.50 0.82
C VAL C 89 2.25 24.23 2.08
N TRP C 90 2.36 25.55 1.96
CA TRP C 90 2.53 26.45 3.09
C TRP C 90 1.18 27.05 3.43
N PHE C 91 0.76 26.88 4.67
CA PHE C 91 -0.49 27.46 5.12
C PHE C 91 -0.24 28.84 5.72
N GLN C 92 -1.33 29.60 5.87
CA GLN C 92 -1.21 30.90 6.49
C GLN C 92 -1.02 30.74 7.99
N ASP C 93 -0.63 31.85 8.63
CA ASP C 93 -0.46 31.83 10.09
C ASP C 93 -1.79 31.60 10.80
N THR C 94 -2.89 32.01 10.18
CA THR C 94 -4.21 31.94 10.81
C THR C 94 -4.96 30.70 10.32
N VAL C 95 -4.46 29.54 10.72
CA VAL C 95 -5.07 28.25 10.40
C VAL C 95 -5.50 27.51 11.67
N THR C 96 -4.59 27.36 12.62
CA THR C 96 -4.84 26.79 13.95
C THR C 96 -5.18 25.30 13.90
N ASP C 97 -5.32 24.74 12.70
CA ASP C 97 -5.44 23.29 12.54
C ASP C 97 -4.85 22.94 11.18
N VAL C 98 -3.57 22.58 11.18
CA VAL C 98 -2.85 22.42 9.92
C VAL C 98 -3.13 21.06 9.30
N ASP C 99 -3.25 20.01 10.12
CA ASP C 99 -3.43 18.68 9.56
C ASP C 99 -4.84 18.46 9.03
N LYS C 100 -5.85 18.99 9.71
CA LYS C 100 -7.22 18.88 9.21
C LYS C 100 -7.36 19.62 7.88
N SER C 101 -6.84 20.84 7.81
CA SER C 101 -6.89 21.59 6.56
C SER C 101 -6.07 20.92 5.47
N TRP C 102 -4.95 20.30 5.84
CA TRP C 102 -4.15 19.57 4.88
C TRP C 102 -4.91 18.38 4.31
N LYS C 103 -5.61 17.64 5.17
CA LYS C 103 -6.40 16.51 4.69
C LYS C 103 -7.50 16.98 3.74
N GLU C 104 -8.24 18.02 4.14
CA GLU C 104 -9.31 18.53 3.28
C GLU C 104 -8.77 19.03 1.95
N LEU C 105 -7.64 19.75 1.98
CA LEU C 105 -7.05 20.26 0.76
C LEU C 105 -6.57 19.14 -0.15
N SER C 106 -5.97 18.10 0.44
CA SER C 106 -5.51 16.98 -0.37
C SER C 106 -6.69 16.27 -1.03
N ASN C 107 -7.79 16.10 -0.31
CA ASN C 107 -8.97 15.49 -0.90
C ASN C 107 -9.52 16.35 -2.04
N VAL C 108 -9.59 17.66 -1.83
CA VAL C 108 -10.12 18.54 -2.87
C VAL C 108 -9.21 18.54 -4.09
N LEU C 109 -7.90 18.53 -3.90
CA LEU C 109 -6.99 18.48 -5.02
C LEU C 109 -7.09 17.16 -5.76
N SER C 110 -7.33 16.06 -5.03
CA SER C 110 -7.58 14.79 -5.69
C SER C 110 -8.84 14.85 -6.55
N GLY C 111 -9.86 15.55 -6.07
CA GLY C 111 -11.04 15.77 -6.88
C GLY C 111 -10.81 16.63 -8.09
N ILE C 112 -9.97 17.66 -7.97
CA ILE C 112 -9.74 18.57 -9.10
C ILE C 112 -8.89 17.90 -10.16
N PHE C 113 -7.74 17.36 -9.78
CA PHE C 113 -6.78 16.84 -10.74
C PHE C 113 -6.92 15.35 -11.01
N CYS C 114 -7.94 14.70 -10.43
CA CYS C 114 -8.23 13.30 -10.72
C CYS C 114 -7.06 12.39 -10.39
N ALA C 115 -6.35 12.72 -9.32
CA ALA C 115 -5.29 11.88 -8.78
C ALA C 115 -5.72 11.34 -7.43
N SER C 116 -4.91 10.45 -6.88
CA SER C 116 -5.21 9.80 -5.61
C SER C 116 -4.51 10.53 -4.46
N LEU C 117 -4.77 11.84 -4.38
CA LEU C 117 -4.23 12.64 -3.29
C LEU C 117 -5.01 12.45 -2.00
N ASN C 118 -6.11 11.70 -2.02
CA ASN C 118 -6.76 11.28 -0.79
C ASN C 118 -5.96 10.21 -0.05
N PHE C 119 -4.99 9.59 -0.72
CA PHE C 119 -4.09 8.65 -0.06
C PHE C 119 -3.04 9.36 0.77
N ILE C 120 -2.93 10.68 0.64
CA ILE C 120 -2.02 11.45 1.47
C ILE C 120 -2.55 11.40 2.91
N ASP C 121 -1.87 10.65 3.75
CA ASP C 121 -2.27 10.41 5.13
C ASP C 121 -1.12 10.84 6.04
N SER C 122 -1.30 10.71 7.35
CA SER C 122 -0.23 11.04 8.28
C SER C 122 1.00 10.18 8.08
N THR C 123 0.86 9.03 7.43
CA THR C 123 2.01 8.16 7.16
C THR C 123 2.83 8.65 5.97
N ASN C 124 2.23 9.38 5.04
CA ASN C 124 2.96 9.96 3.93
C ASN C 124 3.38 11.40 4.18
N THR C 125 2.68 12.11 5.06
CA THR C 125 2.91 13.53 5.24
C THR C 125 4.13 13.77 6.10
N VAL C 126 4.90 14.78 5.74
CA VAL C 126 6.15 15.13 6.40
C VAL C 126 6.20 16.63 6.58
N THR C 127 6.69 17.08 7.74
CA THR C 127 6.94 18.49 7.99
C THR C 127 8.44 18.72 7.93
N PRO C 128 8.99 19.10 6.78
CA PRO C 128 10.42 19.38 6.72
C PRO C 128 10.78 20.52 7.66
N THR C 129 11.92 20.38 8.34
CA THR C 129 12.31 21.37 9.32
C THR C 129 12.82 22.64 8.66
N ALA C 130 13.74 22.51 7.71
CA ALA C 130 13.91 23.60 6.73
C ALA C 130 14.45 23.00 5.44
N SER C 131 13.54 22.54 4.57
CA SER C 131 13.91 22.13 3.22
C SER C 131 13.13 22.88 2.15
N PHE C 132 11.80 22.85 2.21
CA PHE C 132 10.97 23.43 1.16
C PHE C 132 10.55 24.83 1.59
N LYS C 133 11.50 25.76 1.48
CA LYS C 133 11.21 27.14 1.77
C LYS C 133 10.16 27.67 0.80
N PRO C 134 9.32 28.60 1.23
CA PRO C 134 8.32 29.16 0.32
C PRO C 134 8.97 29.82 -0.88
N LEU C 135 8.35 29.65 -2.04
CA LEU C 135 8.89 30.19 -3.27
C LEU C 135 8.43 31.61 -3.55
N GLY C 136 7.39 32.08 -2.88
CA GLY C 136 6.94 33.45 -2.97
C GLY C 136 7.37 34.25 -1.76
N LEU C 137 6.69 35.39 -1.57
CA LEU C 137 7.03 36.26 -0.45
C LEU C 137 6.66 35.59 0.86
N ALA C 138 7.59 35.60 1.81
CA ALA C 138 7.36 35.04 3.13
C ALA C 138 7.72 36.08 4.19
N ASN C 139 6.82 36.29 5.14
CA ASN C 139 7.14 37.11 6.30
C ASN C 139 8.20 36.43 7.15
N ASP C 140 7.91 35.21 7.61
CA ASP C 140 8.92 34.37 8.24
C ASP C 140 8.53 32.92 8.03
N THR C 141 9.49 32.13 7.56
CA THR C 141 9.27 30.71 7.31
C THR C 141 9.20 29.97 8.65
N ASP C 142 7.99 29.63 9.08
CA ASP C 142 7.84 28.97 10.38
C ASP C 142 8.04 27.47 10.31
N HIS C 143 7.61 26.84 9.22
CA HIS C 143 7.73 25.40 8.97
C HIS C 143 6.78 24.61 9.84
N TYR C 144 6.10 25.28 10.77
CA TYR C 144 4.96 24.65 11.44
C TYR C 144 3.77 24.56 10.50
N PHE C 145 3.72 25.44 9.50
CA PHE C 145 2.63 25.50 8.54
C PHE C 145 2.98 24.84 7.22
N LEU C 146 4.12 24.16 7.14
CA LEU C 146 4.53 23.48 5.91
C LEU C 146 4.16 22.01 6.00
N ARG C 147 3.47 21.52 4.98
CA ARG C 147 3.21 20.10 4.85
C ARG C 147 3.76 19.63 3.51
N TYR C 148 4.23 18.39 3.48
CA TYR C 148 4.86 17.85 2.29
C TYR C 148 4.58 16.36 2.23
N ALA C 149 4.00 15.91 1.12
CA ALA C 149 3.77 14.50 0.90
C ALA C 149 4.12 14.17 -0.54
N VAL C 150 4.45 12.91 -0.77
CA VAL C 150 4.70 12.41 -2.11
C VAL C 150 4.23 10.97 -2.20
N LEU C 151 3.59 10.64 -3.32
CA LEU C 151 3.08 9.32 -3.63
C LEU C 151 3.88 8.79 -4.81
N PRO C 152 4.94 8.01 -4.57
CA PRO C 152 5.82 7.60 -5.68
C PRO C 152 5.12 6.76 -6.73
N ARG C 153 4.16 5.94 -6.34
CA ARG C 153 3.43 5.10 -7.28
C ARG C 153 2.09 5.75 -7.66
N GLU C 154 2.18 6.96 -8.18
CA GLU C 154 1.00 7.71 -8.63
C GLU C 154 1.17 8.00 -10.11
N VAL C 155 0.46 7.25 -10.94
CA VAL C 155 0.59 7.40 -12.38
C VAL C 155 0.07 8.77 -12.81
N VAL C 156 0.67 9.30 -13.87
CA VAL C 156 0.19 10.52 -14.50
C VAL C 156 -0.12 10.19 -15.96
N CYS C 157 -1.32 10.54 -16.41
CA CYS C 157 -1.68 10.23 -17.77
C CYS C 157 -2.51 11.39 -18.28
N THR C 158 -3.27 11.20 -19.36
CA THR C 158 -4.20 12.30 -19.74
C THR C 158 -5.33 12.28 -18.71
N GLU C 159 -5.26 11.36 -17.73
CA GLU C 159 -6.22 11.33 -16.60
C GLU C 159 -5.99 12.60 -15.80
N ASN C 160 -4.74 13.06 -15.75
CA ASN C 160 -4.38 14.26 -14.95
C ASN C 160 -4.09 15.43 -15.89
N LEU C 161 -3.81 15.14 -17.16
CA LEU C 161 -3.49 16.21 -18.14
C LEU C 161 -4.78 16.96 -18.52
N THR C 162 -5.88 16.25 -18.72
CA THR C 162 -7.18 16.92 -19.01
C THR C 162 -7.54 17.90 -17.87
N PRO C 163 -7.68 17.55 -16.55
CA PRO C 163 -7.96 18.58 -15.53
C PRO C 163 -6.91 19.68 -15.51
N TRP C 164 -5.66 19.32 -15.78
CA TRP C 164 -4.59 20.31 -15.82
C TRP C 164 -4.80 21.28 -16.97
N LYS C 165 -5.25 20.78 -18.13
CA LYS C 165 -5.47 21.65 -19.28
C LYS C 165 -6.74 22.47 -19.14
N LYS C 166 -7.71 21.99 -18.36
CA LYS C 166 -8.95 22.72 -18.17
C LYS C 166 -8.71 24.01 -17.38
N LEU C 167 -7.66 24.03 -16.58
CA LEU C 167 -7.32 25.19 -15.78
C LEU C 167 -6.64 26.30 -16.59
N LEU C 168 -6.21 26.00 -17.81
CA LEU C 168 -5.61 27.04 -18.64
C LEU C 168 -6.69 27.96 -19.21
N PRO C 169 -6.42 29.26 -19.33
CA PRO C 169 -7.41 30.15 -19.97
C PRO C 169 -7.68 29.82 -21.43
N CYS C 170 -6.65 29.83 -22.28
CA CYS C 170 -6.76 29.22 -23.60
C CYS C 170 -6.68 27.72 -23.40
N SER C 171 -7.83 27.12 -23.07
CA SER C 171 -7.88 25.74 -22.59
C SER C 171 -7.63 24.78 -23.76
N SER C 172 -6.36 24.64 -24.12
CA SER C 172 -5.91 23.71 -25.16
C SER C 172 -6.63 23.92 -26.48
N LYS C 173 -7.11 25.16 -26.72
CA LYS C 173 -7.80 25.47 -27.95
C LYS C 173 -7.07 26.48 -28.83
N ALA C 174 -6.18 27.29 -28.28
CA ALA C 174 -5.40 28.21 -29.09
C ALA C 174 -4.14 28.58 -28.36
N GLY C 175 -3.17 29.07 -29.12
CA GLY C 175 -1.94 29.59 -28.55
C GLY C 175 -0.89 28.51 -28.40
N LEU C 176 -0.26 28.48 -27.23
CA LEU C 176 0.85 27.58 -26.97
C LEU C 176 0.40 26.26 -26.34
N SER C 177 -0.87 26.13 -26.02
CA SER C 177 -1.41 24.91 -25.44
C SER C 177 -1.94 23.94 -26.49
N VAL C 178 -1.75 24.25 -27.77
CA VAL C 178 -2.13 23.31 -28.83
C VAL C 178 -1.07 22.25 -29.05
N LEU C 179 0.16 22.48 -28.58
CA LEU C 179 1.22 21.49 -28.67
C LEU C 179 1.15 20.45 -27.57
N LEU C 180 0.03 20.38 -26.85
CA LEU C 180 -0.10 19.54 -25.67
C LEU C 180 -0.87 18.26 -25.97
N LYS C 181 -0.61 17.64 -27.11
CA LYS C 181 -1.23 16.36 -27.42
C LYS C 181 -0.68 15.29 -26.50
N ALA C 182 -1.58 14.54 -25.87
CA ALA C 182 -1.18 13.62 -24.81
C ALA C 182 -0.32 12.48 -25.33
N ASP C 183 -0.66 11.92 -26.50
CA ASP C 183 0.10 10.77 -26.99
C ASP C 183 1.53 11.17 -27.36
N ARG C 184 1.75 12.44 -27.67
CA ARG C 184 3.10 12.91 -27.94
C ARG C 184 3.82 13.34 -26.66
N LEU C 185 3.09 13.86 -25.67
CA LEU C 185 3.74 14.26 -24.43
C LEU C 185 4.14 13.06 -23.58
N PHE C 186 3.40 11.95 -23.69
CA PHE C 186 3.73 10.75 -22.93
C PHE C 186 4.58 9.78 -23.71
N HIS C 187 5.00 10.14 -24.92
CA HIS C 187 5.97 9.36 -25.68
C HIS C 187 7.39 9.83 -25.38
N THR C 188 7.72 9.90 -24.09
CA THR C 188 8.87 10.64 -23.64
C THR C 188 9.57 9.91 -22.51
N SER C 189 10.77 10.37 -22.18
CA SER C 189 11.54 9.81 -21.08
C SER C 189 11.43 10.63 -19.80
N TYR C 190 10.60 11.66 -19.79
CA TYR C 190 10.34 12.47 -18.61
C TYR C 190 9.11 13.33 -18.88
N HIS C 191 8.22 13.40 -17.91
CA HIS C 191 7.01 14.19 -18.07
C HIS C 191 6.63 14.78 -16.72
N SER C 192 6.38 16.08 -16.67
CA SER C 192 6.01 16.77 -15.44
C SER C 192 4.77 17.61 -15.68
N GLN C 193 3.92 17.70 -14.67
CA GLN C 193 2.65 18.44 -14.75
C GLN C 193 2.45 19.28 -13.50
N ALA C 194 3.44 20.09 -13.17
CA ALA C 194 3.37 20.84 -11.92
C ALA C 194 2.43 22.04 -12.02
N VAL C 195 1.81 22.36 -10.89
CA VAL C 195 1.00 23.55 -10.71
C VAL C 195 1.49 24.24 -9.44
N HIS C 196 1.80 25.53 -9.55
CA HIS C 196 2.38 26.28 -8.43
C HIS C 196 1.59 27.55 -8.20
N ILE C 197 1.21 27.77 -6.95
CA ILE C 197 0.56 29.01 -6.52
C ILE C 197 1.44 29.64 -5.44
N ARG C 198 1.80 30.90 -5.64
CA ARG C 198 2.65 31.58 -4.68
C ARG C 198 2.41 33.07 -4.78
N PRO C 199 2.57 33.88 -3.59
CA PRO C 199 2.42 35.50 -3.08
C PRO C 199 3.63 35.94 -3.92
N VAL C 200 3.39 36.84 -4.88
CA VAL C 200 4.50 37.37 -5.73
C VAL C 200 4.06 38.83 -5.54
N CYS C 201 5.00 39.77 -5.59
CA CYS C 201 4.66 41.20 -5.39
C CYS C 201 4.00 41.80 -6.65
N ARG C 202 3.38 42.96 -6.50
CA ARG C 202 2.65 43.63 -7.61
C ARG C 202 3.59 44.39 -8.55
N ASN C 203 4.61 45.08 -8.03
CA ASN C 203 5.46 45.89 -8.94
C ASN C 203 6.94 45.89 -8.55
N ALA C 204 7.72 46.69 -9.27
CA ALA C 204 9.16 46.87 -9.10
C ALA C 204 9.55 46.92 -7.63
N ARG C 205 8.81 47.68 -6.83
CA ARG C 205 9.05 47.75 -5.39
C ARG C 205 8.04 46.84 -4.69
N CYS C 206 8.50 45.69 -4.23
CA CYS C 206 7.60 44.64 -3.74
C CYS C 206 7.08 45.04 -2.37
N THR C 207 6.02 45.84 -2.36
CA THR C 207 5.37 46.27 -1.14
C THR C 207 3.95 45.75 -0.98
N SER C 208 3.37 45.14 -2.00
CA SER C 208 2.06 44.53 -1.93
C SER C 208 2.13 43.14 -2.55
N ILE C 209 1.07 42.37 -2.38
CA ILE C 209 1.05 40.95 -2.72
C ILE C 209 0.10 40.72 -3.89
N SER C 210 0.56 40.00 -4.91
CA SER C 210 -0.27 39.56 -6.02
C SER C 210 -0.02 38.08 -6.27
N TRP C 211 -1.09 37.33 -6.48
CA TRP C 211 -1.01 35.87 -6.54
C TRP C 211 -0.66 35.40 -7.94
N GLU C 212 0.31 34.49 -8.01
CA GLU C 212 0.79 33.94 -9.27
C GLU C 212 0.46 32.46 -9.34
N LEU C 213 -0.11 32.04 -10.44
CA LEU C 213 -0.36 30.63 -10.72
C LEU C 213 0.50 30.22 -11.90
N ARG C 214 1.44 29.32 -11.67
CA ARG C 214 2.23 28.73 -12.73
C ARG C 214 1.77 27.31 -12.98
N GLN C 215 1.43 27.01 -14.21
CA GLN C 215 1.12 25.66 -14.64
C GLN C 215 2.25 25.24 -15.57
N THR C 216 3.19 24.48 -15.05
CA THR C 216 4.36 24.07 -15.81
C THR C 216 4.19 22.65 -16.32
N LEU C 217 4.81 22.37 -17.45
CA LEU C 217 4.76 21.04 -18.05
C LEU C 217 6.13 20.77 -18.69
N SER C 218 7.01 20.12 -17.94
CA SER C 218 8.33 19.76 -18.44
C SER C 218 8.27 18.39 -19.07
N VAL C 219 8.87 18.24 -20.23
CA VAL C 219 8.84 17.00 -20.98
C VAL C 219 10.18 16.85 -21.70
N VAL C 220 10.68 15.62 -21.76
CA VAL C 220 11.98 15.34 -22.36
C VAL C 220 11.78 14.33 -23.47
N PHE C 221 12.18 14.69 -24.68
CA PHE C 221 11.99 13.84 -25.85
C PHE C 221 13.28 13.08 -26.11
N ASP C 222 13.21 11.76 -26.05
CA ASP C 222 14.39 10.94 -26.28
C ASP C 222 14.82 10.98 -27.73
N ALA C 223 16.14 10.95 -27.95
CA ALA C 223 16.66 11.02 -29.32
C ALA C 223 16.46 9.71 -30.06
N PHE C 224 16.62 8.58 -29.36
CA PHE C 224 16.45 7.28 -30.00
C PHE C 224 14.99 6.86 -30.09
N ILE C 225 14.12 7.36 -29.21
CA ILE C 225 12.71 7.02 -29.24
C ILE C 225 11.96 7.85 -30.27
N THR C 226 12.13 9.17 -30.21
CA THR C 226 11.37 10.10 -31.02
C THR C 226 12.05 10.41 -32.35
N GLY C 227 13.33 10.82 -32.30
CA GLY C 227 14.04 11.13 -33.53
C GLY C 227 14.56 9.93 -34.29
N GLN C 228 15.50 9.21 -33.69
CA GLN C 228 16.14 8.02 -34.25
C GLN C 228 16.52 8.19 -35.72
N GLY C 229 16.78 9.43 -36.14
CA GLY C 229 17.05 9.71 -37.54
C GLY C 229 17.69 11.07 -37.70
N LYS C 230 17.91 11.42 -38.96
CA LYS C 230 18.58 12.66 -39.33
C LYS C 230 17.62 13.82 -39.56
N LYS C 231 16.34 13.62 -39.32
CA LYS C 231 15.39 14.73 -39.41
C LYS C 231 15.66 15.73 -38.30
N ASP C 232 15.37 17.00 -38.57
CA ASP C 232 15.54 18.03 -37.57
C ASP C 232 14.55 17.82 -36.43
N TRP C 233 14.80 18.52 -35.32
CA TRP C 233 13.90 18.51 -34.17
C TRP C 233 12.86 19.61 -34.37
N SER C 234 11.87 19.30 -35.19
CA SER C 234 10.81 20.27 -35.44
C SER C 234 9.72 20.17 -34.38
N LEU C 235 8.99 21.27 -34.19
CA LEU C 235 7.82 21.23 -33.34
C LEU C 235 6.83 20.18 -33.83
N PHE C 236 6.72 20.01 -35.14
CA PHE C 236 5.83 18.99 -35.69
C PHE C 236 6.29 17.59 -35.32
N ARG C 237 7.60 17.33 -35.36
CA ARG C 237 8.08 16.00 -35.03
C ARG C 237 7.82 15.65 -33.58
N MET C 238 8.05 16.59 -32.66
CA MET C 238 7.99 16.30 -31.25
C MET C 238 6.60 16.45 -30.64
N PHE C 239 5.74 17.29 -31.23
CA PHE C 239 4.40 17.50 -30.70
C PHE C 239 3.29 17.15 -31.69
N SER C 240 3.63 16.63 -32.87
CA SER C 240 2.67 16.25 -33.91
C SER C 240 1.76 17.41 -34.32
N ARG C 241 2.14 18.63 -33.99
CA ARG C 241 1.34 19.79 -34.35
C ARG C 241 2.22 21.03 -34.30
N THR C 242 2.07 21.88 -35.30
CA THR C 242 2.83 23.12 -35.37
C THR C 242 2.14 24.19 -34.52
N LEU C 243 2.59 25.42 -34.61
CA LEU C 243 2.05 26.52 -33.82
C LEU C 243 1.18 27.38 -34.71
N THR C 244 -0.11 27.38 -34.42
CA THR C 244 -1.06 28.29 -35.05
C THR C 244 -1.14 29.56 -34.22
N GLU C 245 -2.16 30.38 -34.46
CA GLU C 245 -2.38 31.67 -33.81
C GLU C 245 -2.09 31.63 -32.31
N PRO C 246 -1.57 32.72 -31.74
CA PRO C 246 -1.22 32.71 -30.31
C PRO C 246 -2.44 32.80 -29.40
N CYS C 247 -2.22 32.75 -28.10
CA CYS C 247 -3.30 32.88 -27.13
C CYS C 247 -3.62 34.36 -26.97
N PRO C 248 -4.80 34.80 -27.42
CA PRO C 248 -5.12 36.24 -27.34
C PRO C 248 -5.15 36.76 -25.92
N LEU C 249 -5.43 35.89 -24.95
CA LEU C 249 -5.45 36.30 -23.55
C LEU C 249 -4.04 36.58 -23.04
N ALA C 250 -3.04 35.92 -23.61
CA ALA C 250 -1.68 36.02 -23.10
C ALA C 250 -1.13 37.42 -23.34
N SER C 251 -0.62 38.04 -22.27
CA SER C 251 0.09 39.31 -22.41
C SER C 251 1.39 39.12 -23.18
N GLU C 252 2.03 37.97 -23.01
CA GLU C 252 3.24 37.64 -23.74
C GLU C 252 3.23 36.14 -24.02
N SER C 253 3.53 35.76 -25.25
CA SER C 253 3.53 34.36 -25.66
C SER C 253 4.78 34.11 -26.48
N ARG C 254 5.75 33.41 -25.90
CA ARG C 254 7.06 33.29 -26.47
C ARG C 254 7.51 31.83 -26.50
N VAL C 255 8.38 31.50 -27.44
CA VAL C 255 9.06 30.22 -27.49
C VAL C 255 10.56 30.50 -27.44
N TYR C 256 11.23 29.93 -26.45
CA TYR C 256 12.67 30.08 -26.31
C TYR C 256 13.33 28.78 -26.74
N VAL C 257 14.32 28.88 -27.63
CA VAL C 257 15.08 27.74 -28.08
C VAL C 257 16.53 27.94 -27.66
N ASP C 258 17.03 27.06 -26.80
CA ASP C 258 18.40 27.15 -26.32
C ASP C 258 19.36 26.85 -27.47
N ILE C 259 20.14 27.83 -27.90
CA ILE C 259 21.10 27.64 -28.96
C ILE C 259 22.47 27.98 -28.37
N THR C 260 23.10 26.99 -27.74
CA THR C 260 24.34 27.22 -27.02
C THR C 260 25.24 26.02 -27.20
N THR C 261 26.44 26.27 -27.69
CA THR C 261 27.46 25.24 -27.83
C THR C 261 28.53 25.44 -26.75
N TYR C 262 29.29 24.38 -26.53
CA TYR C 262 30.36 24.38 -25.55
C TYR C 262 31.66 23.98 -26.24
N ASN C 263 32.77 24.46 -25.66
CA ASN C 263 34.06 24.55 -26.34
C ASN C 263 33.98 25.44 -27.57
N GLN C 264 32.90 26.21 -27.68
CA GLN C 264 32.68 27.16 -28.75
C GLN C 264 32.02 28.38 -28.15
N ASP C 265 32.46 29.57 -28.57
CA ASP C 265 31.86 30.82 -28.15
C ASP C 265 31.00 31.46 -29.22
N ASN C 266 31.08 30.96 -30.45
CA ASN C 266 30.17 31.32 -31.53
C ASN C 266 29.57 30.02 -32.06
N GLU C 267 28.94 30.08 -33.24
CA GLU C 267 28.37 28.90 -33.88
C GLU C 267 27.29 28.28 -33.00
N THR C 268 26.26 29.07 -32.73
CA THR C 268 25.11 28.54 -32.02
C THR C 268 24.40 27.48 -32.87
N LEU C 269 23.39 26.85 -32.27
CA LEU C 269 22.63 25.86 -32.99
C LEU C 269 21.80 26.53 -34.10
N GLU C 270 21.49 25.75 -35.12
CA GLU C 270 20.76 26.27 -36.28
C GLU C 270 19.26 26.02 -36.10
N VAL C 271 18.48 27.09 -36.12
CA VAL C 271 17.03 27.02 -36.07
C VAL C 271 16.50 27.56 -37.39
N HIS C 272 15.64 26.78 -38.05
CA HIS C 272 15.25 27.11 -39.42
C HIS C 272 14.50 28.44 -39.52
N PRO C 273 13.41 28.67 -38.80
CA PRO C 273 12.75 29.97 -38.91
C PRO C 273 13.58 31.03 -38.20
N PRO C 274 13.94 32.11 -38.90
CA PRO C 274 14.71 33.17 -38.28
C PRO C 274 13.98 33.73 -37.07
N PRO C 275 14.57 33.61 -35.89
CA PRO C 275 13.87 34.01 -34.65
C PRO C 275 13.69 35.52 -34.58
N THR C 276 12.74 35.92 -33.73
CA THR C 276 12.48 37.34 -33.51
C THR C 276 13.73 38.04 -33.01
N THR C 277 14.35 37.51 -31.97
CA THR C 277 15.54 38.11 -31.39
C THR C 277 16.30 37.03 -30.63
N THR C 278 17.33 37.45 -29.90
CA THR C 278 18.18 36.53 -29.14
C THR C 278 18.34 37.05 -27.73
N TYR C 279 18.15 36.18 -26.75
CA TYR C 279 18.23 36.52 -25.33
C TYR C 279 19.37 35.72 -24.71
N GLN C 280 20.45 36.40 -24.37
CA GLN C 280 21.61 35.75 -23.77
C GLN C 280 21.63 36.08 -22.28
N ASP C 281 21.69 35.06 -21.43
CA ASP C 281 21.66 35.32 -20.00
C ASP C 281 22.32 34.16 -19.27
N VAL C 282 22.69 34.43 -18.02
CA VAL C 282 23.17 33.40 -17.10
C VAL C 282 21.94 32.76 -16.48
N ILE C 283 21.63 31.54 -16.88
CA ILE C 283 20.32 30.99 -16.54
C ILE C 283 20.40 30.15 -15.27
N LEU C 284 21.14 29.05 -15.32
CA LEU C 284 21.41 28.32 -14.09
C LEU C 284 22.83 28.59 -13.57
N GLY C 285 23.84 28.17 -14.32
CA GLY C 285 25.20 28.51 -13.96
C GLY C 285 25.97 29.13 -15.10
N THR C 286 25.54 28.82 -16.32
CA THR C 286 26.31 29.15 -17.51
C THR C 286 25.59 30.21 -18.33
N ARG C 287 26.38 31.06 -18.97
CA ARG C 287 25.84 32.06 -19.87
C ARG C 287 25.34 31.38 -21.14
N LYS C 288 24.06 31.05 -21.17
CA LYS C 288 23.47 30.39 -22.32
C LYS C 288 22.52 31.36 -23.02
N THR C 289 22.34 31.15 -24.31
CA THR C 289 21.58 32.08 -25.14
C THR C 289 20.46 31.34 -25.84
N TYR C 290 19.37 32.07 -26.04
CA TYR C 290 18.15 31.52 -26.60
C TYR C 290 17.74 32.34 -27.82
N ALA C 291 17.15 31.65 -28.79
CA ALA C 291 16.42 32.31 -29.87
C ALA C 291 14.98 32.45 -29.43
N ILE C 292 14.42 33.65 -29.60
CA ILE C 292 13.08 33.95 -29.15
C ILE C 292 12.14 33.99 -30.36
N TYR C 293 11.00 33.35 -30.22
CA TYR C 293 9.92 33.41 -31.20
C TYR C 293 8.72 34.01 -30.47
N ASP C 294 8.47 35.29 -30.71
CA ASP C 294 7.35 35.97 -30.08
C ASP C 294 6.09 35.64 -30.86
N LEU C 295 5.20 34.84 -30.25
CA LEU C 295 3.95 34.51 -30.90
C LEU C 295 3.04 35.72 -31.06
N LEU C 296 3.18 36.74 -30.21
CA LEU C 296 2.44 37.98 -30.38
C LEU C 296 3.17 38.92 -31.34
N ASP C 297 3.50 38.39 -32.50
CA ASP C 297 4.21 39.14 -33.54
C ASP C 297 3.67 38.64 -34.88
N THR C 298 2.87 39.47 -35.54
CA THR C 298 2.25 39.05 -36.79
C THR C 298 3.28 38.79 -37.89
N ALA C 299 4.48 39.35 -37.77
CA ALA C 299 5.54 39.02 -38.71
C ALA C 299 5.99 37.57 -38.54
N MET C 300 6.13 37.12 -37.30
CA MET C 300 6.57 35.75 -37.05
C MET C 300 5.46 34.76 -37.39
N ILE C 301 4.24 35.03 -36.96
CA ILE C 301 3.14 34.09 -37.14
C ILE C 301 1.87 34.82 -37.58
N ASN C 302 1.56 34.73 -38.86
CA ASN C 302 0.38 35.37 -39.43
C ASN C 302 -0.85 34.55 -39.08
N ASN C 303 -1.99 34.89 -39.71
CA ASN C 303 -3.14 34.00 -39.66
C ASN C 303 -2.95 32.77 -40.54
N SER C 304 -1.98 32.80 -41.46
CA SER C 304 -1.70 31.68 -42.36
C SER C 304 -0.20 31.48 -42.49
N ARG C 305 0.53 31.64 -41.40
CA ARG C 305 1.98 31.43 -41.34
C ARG C 305 2.35 30.60 -40.13
N ASN C 306 1.68 29.46 -39.98
CA ASN C 306 1.91 28.59 -38.83
C ASN C 306 3.40 28.31 -38.65
N LEU C 307 3.84 28.33 -37.40
CA LEU C 307 5.25 28.31 -37.05
C LEU C 307 5.65 26.90 -36.63
N ASN C 308 6.66 26.34 -37.30
CA ASN C 308 7.19 25.02 -37.01
C ASN C 308 8.69 25.18 -36.77
N ILE C 309 9.06 25.49 -35.53
CA ILE C 309 10.45 25.72 -35.19
C ILE C 309 11.23 24.42 -35.33
N GLN C 310 12.33 24.46 -36.09
CA GLN C 310 13.17 23.31 -36.32
C GLN C 310 14.50 23.51 -35.61
N LEU C 311 15.04 22.42 -35.07
CA LEU C 311 16.27 22.47 -34.30
C LEU C 311 17.18 21.34 -34.75
N LYS C 312 18.36 21.68 -35.26
CA LYS C 312 19.33 20.67 -35.65
C LYS C 312 20.17 20.32 -34.43
N TRP C 313 19.98 19.11 -33.90
CA TRP C 313 20.66 18.72 -32.68
C TRP C 313 20.80 17.21 -32.64
N LYS C 314 22.02 16.75 -32.36
CA LYS C 314 22.29 15.34 -32.12
C LYS C 314 23.38 15.25 -31.07
N ARG C 315 23.46 14.08 -30.42
CA ARG C 315 24.36 13.88 -29.29
C ARG C 315 25.78 14.28 -29.68
N PRO C 316 26.32 15.35 -29.09
CA PRO C 316 27.60 15.88 -29.56
C PRO C 316 28.75 14.94 -29.22
N PRO C 317 29.86 15.03 -29.94
CA PRO C 317 31.03 14.21 -29.59
C PRO C 317 31.50 14.52 -28.18
N GLU C 318 32.03 13.50 -27.51
CA GLU C 318 32.33 13.60 -26.08
C GLU C 318 33.30 14.72 -25.76
N ASN C 319 34.10 15.16 -26.73
CA ASN C 319 34.97 16.31 -26.55
C ASN C 319 34.27 17.63 -26.80
N GLU C 320 32.93 17.63 -26.87
CA GLU C 320 32.17 18.84 -27.15
C GLU C 320 30.96 19.01 -26.24
N ALA C 321 30.89 18.27 -25.14
CA ALA C 321 29.72 18.34 -24.27
C ALA C 321 30.08 18.88 -22.89
N PRO C 322 29.12 19.48 -22.18
CA PRO C 322 29.39 19.89 -20.81
C PRO C 322 29.75 18.69 -19.96
N PRO C 323 30.68 18.85 -19.01
CA PRO C 323 31.17 17.68 -18.27
C PRO C 323 30.10 16.96 -17.47
N VAL C 324 29.54 17.66 -16.48
CA VAL C 324 28.58 17.17 -15.48
C VAL C 324 28.10 18.38 -14.70
N PRO C 325 26.88 18.37 -14.16
CA PRO C 325 26.34 19.59 -13.54
C PRO C 325 26.71 19.80 -12.07
N PHE C 326 27.96 19.55 -11.69
CA PHE C 326 28.51 19.94 -10.39
C PHE C 326 27.78 19.32 -9.20
N LEU C 327 26.72 18.54 -9.46
CA LEU C 327 25.96 17.93 -8.38
C LEU C 327 24.94 16.96 -8.95
N HIS C 328 25.05 15.69 -8.56
CA HIS C 328 24.02 14.72 -8.88
C HIS C 328 24.03 13.66 -7.80
N ALA C 329 22.91 12.96 -7.67
CA ALA C 329 22.76 11.94 -6.66
C ALA C 329 22.32 10.65 -7.31
N GLN C 330 22.44 9.56 -6.55
CA GLN C 330 22.04 8.25 -7.03
C GLN C 330 21.71 7.42 -5.80
N ARG C 331 20.43 7.15 -5.58
CA ARG C 331 19.98 6.38 -4.43
C ARG C 331 19.75 4.94 -4.83
N TYR C 332 20.05 4.02 -3.91
CA TYR C 332 19.86 2.59 -4.18
C TYR C 332 19.73 1.86 -2.85
N VAL C 333 19.35 0.60 -2.94
CA VAL C 333 19.12 -0.26 -1.79
C VAL C 333 20.22 -1.30 -1.73
N SER C 334 20.88 -1.41 -0.58
CA SER C 334 21.90 -2.41 -0.36
C SER C 334 21.30 -3.64 0.31
N GLY C 335 22.08 -4.71 0.34
CA GLY C 335 21.59 -5.99 0.81
C GLY C 335 20.78 -6.69 -0.26
N TYR C 336 20.46 -7.95 -0.01
CA TYR C 336 19.75 -8.73 -1.02
C TYR C 336 18.62 -9.59 -0.51
N GLY C 337 18.51 -9.86 0.78
CA GLY C 337 17.44 -10.67 1.29
C GLY C 337 16.25 -9.82 1.69
N LEU C 338 15.45 -10.35 2.60
CA LEU C 338 14.46 -9.57 3.31
C LEU C 338 14.97 -9.34 4.73
N GLN C 339 14.15 -8.66 5.53
CA GLN C 339 14.42 -8.46 6.95
C GLN C 339 15.55 -7.47 7.21
N LYS C 340 16.29 -7.05 6.17
CA LYS C 340 17.44 -6.21 6.43
C LYS C 340 17.93 -5.61 5.13
N GLY C 341 18.47 -4.39 5.21
CA GLY C 341 19.03 -3.73 4.05
C GLY C 341 19.59 -2.39 4.43
N GLU C 342 20.01 -1.64 3.42
CA GLU C 342 20.54 -0.30 3.63
C GLU C 342 20.02 0.64 2.56
N LEU C 343 19.50 1.78 2.99
CA LEU C 343 19.20 2.89 2.08
C LEU C 343 20.45 3.73 1.98
N SER C 344 21.10 3.69 0.83
CA SER C 344 22.30 4.47 0.59
C SER C 344 22.09 5.35 -0.63
N THR C 345 22.49 6.62 -0.51
CA THR C 345 22.34 7.57 -1.61
C THR C 345 23.67 8.29 -1.83
N LEU C 346 24.34 7.90 -2.91
CA LEU C 346 25.55 8.59 -3.33
C LEU C 346 25.17 9.98 -3.82
N LEU C 347 25.96 10.98 -3.44
CA LEU C 347 25.78 12.33 -3.95
C LEU C 347 27.13 12.91 -4.32
N TYR C 348 27.23 13.41 -5.54
CA TYR C 348 28.49 13.73 -6.19
C TYR C 348 28.71 15.22 -6.21
N ASN C 349 29.94 15.64 -5.94
CA ASN C 349 30.35 17.03 -6.11
C ASN C 349 31.49 17.02 -7.12
N THR C 350 31.19 17.35 -8.37
CA THR C 350 32.17 17.28 -9.43
C THR C 350 32.91 18.58 -9.65
N HIS C 351 32.68 19.58 -8.81
CA HIS C 351 33.44 20.81 -8.87
C HIS C 351 34.80 20.60 -8.22
N PRO C 352 35.90 20.71 -8.96
CA PRO C 352 37.21 20.51 -8.32
C PRO C 352 37.80 21.77 -7.72
N TYR C 353 36.97 22.63 -7.14
CA TYR C 353 37.50 23.78 -6.39
C TYR C 353 36.68 24.15 -5.17
N ARG C 354 35.44 23.70 -5.04
CA ARG C 354 34.51 24.30 -4.08
C ARG C 354 33.68 23.22 -3.41
N ALA C 355 33.83 23.11 -2.09
CA ALA C 355 32.87 22.38 -1.27
C ALA C 355 31.56 23.16 -1.24
N PHE C 356 30.45 22.45 -1.27
CA PHE C 356 29.24 23.22 -1.00
C PHE C 356 28.29 22.45 -0.09
N PRO C 357 27.47 23.15 0.68
CA PRO C 357 26.51 22.47 1.55
C PRO C 357 25.33 21.94 0.76
N VAL C 358 24.83 20.78 1.18
CA VAL C 358 23.71 20.10 0.53
C VAL C 358 22.77 19.62 1.61
N LEU C 359 21.50 19.94 1.47
CA LEU C 359 20.47 19.54 2.40
C LEU C 359 19.74 18.33 1.85
N LEU C 360 19.93 17.19 2.49
CA LEU C 360 19.32 15.94 2.07
C LEU C 360 18.13 15.65 2.97
N LEU C 361 16.97 15.45 2.35
CA LEU C 361 15.73 15.10 3.04
C LEU C 361 15.31 13.71 2.61
N ASP C 362 15.10 12.82 3.58
CA ASP C 362 14.69 11.45 3.33
C ASP C 362 13.42 11.15 4.11
N THR C 363 12.45 10.55 3.43
CA THR C 363 11.23 10.07 4.06
C THR C 363 11.14 8.57 3.82
N VAL C 364 11.05 7.80 4.91
CA VAL C 364 11.04 6.35 4.84
C VAL C 364 9.78 5.83 5.53
N PRO C 365 8.96 5.03 4.88
CA PRO C 365 7.57 4.82 5.30
C PRO C 365 7.36 3.74 6.37
N TRP C 366 8.09 3.82 7.46
CA TRP C 366 7.79 3.18 8.74
C TRP C 366 7.53 1.68 8.63
N TYR C 367 7.98 1.02 7.58
CA TYR C 367 7.92 -0.43 7.52
C TYR C 367 9.30 -0.82 7.06
N LEU C 368 10.17 0.15 6.84
CA LEU C 368 11.61 -0.07 6.80
C LEU C 368 12.15 0.59 8.07
N ARG C 369 12.15 -0.16 9.16
CA ARG C 369 12.58 0.38 10.44
C ARG C 369 14.02 0.86 10.35
N LEU C 370 14.24 2.16 10.40
CA LEU C 370 15.57 2.71 10.25
C LEU C 370 16.31 2.66 11.58
N TYR C 371 17.61 2.37 11.50
CA TYR C 371 18.49 2.37 12.66
C TYR C 371 19.46 3.52 12.48
N VAL C 372 19.18 4.64 13.17
CA VAL C 372 19.91 5.88 12.93
C VAL C 372 21.34 5.79 13.46
N HIS C 373 21.63 4.86 14.37
CA HIS C 373 23.00 4.66 14.80
C HIS C 373 23.87 4.08 13.70
N THR C 374 23.27 3.61 12.61
CA THR C 374 23.99 3.09 11.46
C THR C 374 24.14 4.12 10.35
N LEU C 375 23.83 5.39 10.62
CA LEU C 375 23.89 6.44 9.62
C LEU C 375 25.34 6.90 9.47
N THR C 376 25.92 6.63 8.30
CA THR C 376 27.29 7.01 8.01
C THR C 376 27.30 7.97 6.83
N ILE C 377 28.22 8.93 6.87
CA ILE C 377 28.44 9.88 5.79
C ILE C 377 29.96 9.94 5.58
N THR C 378 30.45 9.27 4.54
CA THR C 378 31.89 9.18 4.36
C THR C 378 32.47 10.38 3.65
N SER C 379 32.07 10.58 2.40
CA SER C 379 32.36 11.76 1.56
C SER C 379 33.80 11.84 1.07
N LYS C 380 34.71 11.06 1.64
CA LYS C 380 36.04 10.95 1.05
C LYS C 380 36.69 9.58 1.28
N GLY C 381 35.99 8.63 1.89
CA GLY C 381 36.63 7.55 2.60
C GLY C 381 36.89 7.86 4.05
N LYS C 382 36.91 9.15 4.41
CA LYS C 382 36.89 9.61 5.79
C LYS C 382 35.43 9.67 6.23
N GLU C 383 35.16 10.14 7.44
CA GLU C 383 33.79 10.34 7.91
C GLU C 383 33.43 11.81 7.96
N ASN C 384 32.27 12.15 7.41
CA ASN C 384 31.81 13.53 7.30
C ASN C 384 30.63 13.73 8.25
N LYS C 385 30.87 14.42 9.35
CA LYS C 385 29.80 14.72 10.28
C LYS C 385 28.90 15.80 9.71
N PRO C 386 27.59 15.56 9.59
CA PRO C 386 26.71 16.60 9.03
C PRO C 386 26.65 17.83 9.91
N SER C 387 26.59 19.01 9.26
CA SER C 387 26.49 20.26 9.99
C SER C 387 25.20 20.34 10.79
N TYR C 388 24.10 19.90 10.20
CA TYR C 388 22.79 19.92 10.85
C TYR C 388 22.15 18.57 10.67
N ILE C 389 21.72 17.96 11.77
CA ILE C 389 21.08 16.65 11.75
C ILE C 389 19.72 16.77 12.44
N HIS C 390 18.68 16.33 11.74
CA HIS C 390 17.34 16.25 12.31
C HIS C 390 16.75 14.92 11.92
N TYR C 391 16.13 14.24 12.88
CA TYR C 391 15.60 12.91 12.62
C TYR C 391 14.32 12.73 13.41
N GLN C 392 13.21 12.62 12.73
CA GLN C 392 12.04 12.15 13.45
C GLN C 392 11.83 10.67 13.17
N PRO C 393 11.70 9.87 14.21
CA PRO C 393 11.44 8.44 14.01
C PRO C 393 9.99 8.22 13.64
N ALA C 394 9.70 7.00 13.19
CA ALA C 394 8.39 6.64 12.70
C ALA C 394 7.64 5.83 13.74
N GLN C 395 6.37 6.21 13.95
CA GLN C 395 5.43 5.44 14.80
C GLN C 395 4.65 4.55 13.82
N ASP C 396 4.64 3.24 14.06
CA ASP C 396 3.99 2.25 13.16
C ASP C 396 2.58 2.71 12.75
N ARG C 397 2.35 2.80 11.43
CA ARG C 397 1.05 3.18 10.82
C ARG C 397 0.56 4.61 11.06
N LEU C 398 1.36 5.46 11.72
CA LEU C 398 0.91 6.85 11.98
C LEU C 398 1.86 7.97 11.58
N GLN C 399 3.08 7.63 11.19
CA GLN C 399 4.13 8.59 10.92
C GLN C 399 5.32 7.94 10.22
N PRO C 400 5.94 8.62 9.24
CA PRO C 400 7.14 8.07 8.61
C PRO C 400 8.43 8.58 9.25
N HIS C 401 9.55 7.89 8.99
CA HIS C 401 10.84 8.45 9.35
C HIS C 401 11.13 9.65 8.47
N LEU C 402 11.59 10.74 9.09
CA LEU C 402 12.12 11.88 8.35
C LEU C 402 13.56 12.10 8.79
N LEU C 403 14.44 12.34 7.82
CA LEU C 403 15.85 12.53 8.11
C LEU C 403 16.36 13.68 7.25
N GLU C 404 16.72 14.78 7.90
CA GLU C 404 17.23 15.98 7.23
C GLU C 404 18.66 16.22 7.67
N MET C 405 19.57 16.34 6.71
CA MET C 405 20.98 16.51 7.04
C MET C 405 21.61 17.56 6.13
N LEU C 406 22.46 18.38 6.71
CA LEU C 406 23.26 19.34 5.95
C LEU C 406 24.67 18.75 5.83
N ILE C 407 24.93 18.11 4.70
CA ILE C 407 26.23 17.50 4.40
C ILE C 407 27.03 18.48 3.57
N GLN C 408 28.26 18.77 3.99
CA GLN C 408 29.15 19.62 3.21
C GLN C 408 29.90 18.74 2.22
N LEU C 409 29.51 18.80 0.96
CA LEU C 409 30.19 18.02 -0.07
C LEU C 409 31.58 18.62 -0.30
N PRO C 410 32.66 17.86 -0.07
CA PRO C 410 34.00 18.46 0.09
C PRO C 410 34.63 19.04 -1.16
N ALA C 411 34.69 18.24 -2.22
CA ALA C 411 35.43 18.58 -3.42
C ALA C 411 34.89 17.68 -4.53
N ASN C 412 35.65 17.54 -5.61
CA ASN C 412 35.23 16.58 -6.62
C ASN C 412 35.39 15.31 -5.80
N SER C 413 34.27 14.62 -5.58
CA SER C 413 34.19 13.55 -4.61
C SER C 413 32.78 12.96 -4.63
N VAL C 414 32.66 11.80 -3.99
CA VAL C 414 31.39 11.10 -3.85
C VAL C 414 31.14 10.94 -2.36
N THR C 415 30.02 11.46 -1.90
CA THR C 415 29.61 11.31 -0.52
C THR C 415 28.59 10.18 -0.46
N LYS C 416 28.90 9.13 0.28
CA LYS C 416 28.02 7.98 0.41
C LYS C 416 27.38 8.03 1.79
N VAL C 417 26.22 8.63 1.87
CA VAL C 417 25.39 8.55 3.07
C VAL C 417 24.51 7.31 3.00
N SER C 418 24.66 6.45 3.99
CA SER C 418 23.92 5.20 4.06
C SER C 418 23.31 5.06 5.45
N ILE C 419 22.18 4.36 5.51
CA ILE C 419 21.53 4.09 6.79
C ILE C 419 20.87 2.73 6.70
N GLN C 420 21.07 1.90 7.72
CA GLN C 420 20.55 0.55 7.71
C GLN C 420 19.09 0.54 8.16
N PHE C 421 18.31 -0.35 7.55
CA PHE C 421 16.91 -0.54 7.89
C PHE C 421 16.63 -2.02 7.96
N GLU C 422 15.59 -2.36 8.71
CA GLU C 422 15.09 -3.73 8.79
C GLU C 422 13.67 -3.76 8.28
N ARG C 423 13.41 -4.68 7.35
CA ARG C 423 12.08 -4.78 6.75
C ARG C 423 11.08 -5.33 7.75
N ALA C 424 9.89 -4.76 7.74
CA ALA C 424 8.83 -5.14 8.66
C ALA C 424 7.86 -6.11 7.99
N LEU C 425 7.29 -6.99 8.79
CA LEU C 425 6.19 -7.85 8.36
C LEU C 425 4.89 -7.17 8.78
N LEU C 426 4.00 -6.97 7.82
CA LEU C 426 2.73 -6.29 8.07
C LEU C 426 1.59 -7.29 8.18
N LYS C 427 0.43 -6.77 8.54
CA LYS C 427 -0.77 -7.57 8.54
C LYS C 427 -1.14 -7.95 7.11
N TRP C 428 -1.86 -9.07 6.96
CA TRP C 428 -2.23 -9.51 5.63
C TRP C 428 -3.13 -8.50 4.94
N THR C 429 -3.96 -7.78 5.70
CA THR C 429 -4.76 -6.68 5.15
C THR C 429 -4.03 -5.36 5.25
N GLU C 430 -2.77 -5.34 4.83
CA GLU C 430 -2.00 -4.11 4.80
C GLU C 430 -1.12 -3.99 3.57
N TYR C 431 -1.09 -5.00 2.71
CA TYR C 431 -0.36 -4.95 1.46
C TYR C 431 -1.27 -4.50 0.34
N THR C 432 -0.66 -3.95 -0.71
CA THR C 432 -1.39 -3.53 -1.88
C THR C 432 -1.90 -4.75 -2.64
N PRO C 433 -2.90 -4.57 -3.53
CA PRO C 433 -3.37 -5.70 -4.35
C PRO C 433 -2.26 -6.43 -5.09
N ASP C 434 -1.13 -5.76 -5.29
CA ASP C 434 0.06 -6.40 -5.86
C ASP C 434 1.16 -6.45 -4.80
N PRO C 435 1.02 -7.30 -3.78
CA PRO C 435 2.00 -7.27 -2.68
C PRO C 435 3.40 -7.65 -3.12
N ASN C 436 3.55 -8.51 -4.13
CA ASN C 436 4.87 -8.95 -4.54
C ASN C 436 5.58 -7.96 -5.45
N HIS C 437 4.89 -6.91 -5.88
CA HIS C 437 5.60 -5.84 -6.59
C HIS C 437 6.53 -5.10 -5.65
N GLY C 438 6.11 -4.88 -4.43
CA GLY C 438 6.92 -4.22 -3.42
C GLY C 438 6.33 -2.90 -3.01
N PHE C 439 7.09 -2.19 -2.19
CA PHE C 439 6.71 -0.88 -1.69
C PHE C 439 7.71 0.16 -2.18
N TYR C 440 7.25 1.40 -2.25
CA TYR C 440 8.07 2.49 -2.76
C TYR C 440 8.58 3.33 -1.62
N VAL C 441 9.89 3.50 -1.58
CA VAL C 441 10.53 4.51 -0.76
C VAL C 441 10.55 5.79 -1.57
N SER C 442 10.01 6.85 -0.99
CA SER C 442 9.82 8.09 -1.71
C SER C 442 11.16 8.66 -2.13
N PRO C 443 11.25 9.28 -3.30
CA PRO C 443 12.52 9.89 -3.72
C PRO C 443 12.99 10.93 -2.72
N SER C 444 14.29 10.90 -2.43
CA SER C 444 14.87 11.84 -1.49
C SER C 444 15.16 13.16 -2.16
N VAL C 445 14.99 14.24 -1.39
CA VAL C 445 15.11 15.60 -1.87
C VAL C 445 16.52 16.08 -1.56
N LEU C 446 17.09 16.90 -2.45
CA LEU C 446 18.49 17.28 -2.34
C LEU C 446 18.57 18.76 -2.71
N SER C 447 18.57 19.63 -1.72
CA SER C 447 18.53 21.07 -1.93
C SER C 447 19.93 21.64 -1.75
N ALA C 448 20.44 22.32 -2.78
CA ALA C 448 21.80 22.82 -2.70
C ALA C 448 21.90 24.19 -3.36
N LEU C 449 22.93 24.92 -2.99
CA LEU C 449 23.34 26.15 -3.66
C LEU C 449 24.59 25.80 -4.45
N VAL C 450 24.39 25.32 -5.68
CA VAL C 450 25.51 24.90 -6.51
C VAL C 450 26.24 26.14 -7.04
N PRO C 451 27.56 26.18 -7.00
CA PRO C 451 28.28 27.33 -7.57
C PRO C 451 28.05 27.44 -9.06
N SER C 452 28.00 28.68 -9.54
CA SER C 452 27.75 28.95 -10.94
C SER C 452 29.06 29.23 -11.67
N MET C 453 29.07 28.86 -12.95
CA MET C 453 30.27 29.09 -13.76
C MET C 453 30.56 30.57 -13.92
N VAL C 454 29.51 31.37 -14.16
CA VAL C 454 29.64 32.81 -14.27
C VAL C 454 28.56 33.46 -13.42
N ALA C 455 28.91 34.55 -12.76
CA ALA C 455 28.02 35.17 -11.78
C ALA C 455 26.81 35.77 -12.44
N ALA C 456 25.63 35.48 -11.88
CA ALA C 456 24.37 35.97 -12.43
C ALA C 456 24.09 37.39 -11.94
N LYS C 457 23.11 38.01 -12.57
CA LYS C 457 22.70 39.35 -12.22
C LYS C 457 21.35 39.32 -11.50
N PRO C 458 21.05 40.31 -10.66
CA PRO C 458 19.71 40.39 -10.07
C PRO C 458 18.69 40.92 -11.06
N VAL C 459 17.78 40.06 -11.51
CA VAL C 459 16.86 40.39 -12.60
C VAL C 459 15.44 40.24 -12.10
N ASP C 460 14.59 41.22 -12.44
CA ASP C 460 13.20 41.19 -11.99
C ASP C 460 12.43 40.09 -12.71
N TRP C 461 11.46 39.54 -12.00
CA TRP C 461 10.67 38.42 -12.51
C TRP C 461 9.69 38.81 -13.58
N GLU C 462 9.71 40.05 -14.07
CA GLU C 462 8.83 40.46 -15.15
C GLU C 462 9.56 40.54 -16.48
N GLU C 463 10.74 41.14 -16.52
CA GLU C 463 11.53 41.15 -17.75
C GLU C 463 12.09 39.77 -18.05
N SER C 464 12.40 39.00 -17.02
CA SER C 464 13.06 37.72 -17.21
C SER C 464 12.11 36.70 -17.81
N PRO C 465 12.62 35.76 -18.60
CA PRO C 465 11.77 34.67 -19.11
C PRO C 465 11.23 33.84 -17.96
N LEU C 466 10.17 33.08 -18.26
CA LEU C 466 9.49 32.35 -17.22
C LEU C 466 10.35 31.26 -16.60
N PHE C 467 11.35 30.74 -17.31
CA PHE C 467 12.18 29.69 -16.73
C PHE C 467 13.25 30.23 -15.79
N ASN C 468 13.49 31.54 -15.79
CA ASN C 468 14.51 32.14 -14.94
C ASN C 468 13.94 32.71 -13.65
N SER C 469 12.65 32.54 -13.40
CA SER C 469 11.99 33.10 -12.23
C SER C 469 11.29 32.04 -11.40
N LEU C 470 11.73 30.78 -11.51
CA LEU C 470 11.16 29.72 -10.68
C LEU C 470 11.60 29.87 -9.23
N PHE C 471 12.89 30.06 -9.00
CA PHE C 471 13.44 30.10 -7.66
C PHE C 471 13.94 31.50 -7.32
N PRO C 472 13.69 31.97 -6.10
CA PRO C 472 14.13 33.32 -5.72
C PRO C 472 15.63 33.38 -5.46
N VAL C 473 16.42 33.64 -6.50
CA VAL C 473 17.87 33.70 -6.37
C VAL C 473 18.25 34.64 -5.24
N SER C 474 19.21 34.22 -4.43
CA SER C 474 19.62 34.97 -3.25
C SER C 474 21.05 35.46 -3.31
N ASP C 475 22.01 34.57 -3.64
CA ASP C 475 23.42 34.96 -3.65
C ASP C 475 23.79 35.64 -4.96
N GLY C 476 23.71 34.91 -6.06
CA GLY C 476 24.12 35.44 -7.35
C GLY C 476 25.26 34.66 -7.98
N SER C 477 26.26 34.29 -7.19
CA SER C 477 27.32 33.41 -7.65
C SER C 477 27.01 31.95 -7.42
N ASN C 478 25.92 31.65 -6.73
CA ASN C 478 25.43 30.30 -6.51
C ASN C 478 23.96 30.26 -6.90
N TYR C 479 23.55 29.17 -7.56
CA TYR C 479 22.16 29.00 -7.94
C TYR C 479 21.56 27.83 -7.17
N PHE C 480 20.30 27.98 -6.76
CA PHE C 480 19.63 26.95 -5.99
C PHE C 480 19.11 25.85 -6.91
N VAL C 481 19.35 24.61 -6.51
CA VAL C 481 18.86 23.45 -7.24
C VAL C 481 18.24 22.49 -6.24
N ARG C 482 17.16 21.84 -6.65
CA ARG C 482 16.49 20.84 -5.84
C ARG C 482 16.40 19.55 -6.66
N LEU C 483 17.29 18.62 -6.39
CA LEU C 483 17.30 17.33 -7.05
C LEU C 483 16.37 16.37 -6.33
N TYR C 484 15.88 15.39 -7.07
CA TYR C 484 15.14 14.28 -6.50
C TYR C 484 15.80 12.99 -6.95
N THR C 485 16.06 12.10 -6.01
CA THR C 485 16.68 10.82 -6.36
C THR C 485 15.60 9.89 -6.92
N GLU C 486 15.97 8.66 -7.18
CA GLU C 486 14.99 7.72 -7.70
C GLU C 486 14.11 7.19 -6.58
N PRO C 487 12.86 6.86 -6.89
CA PRO C 487 12.07 6.08 -5.94
C PRO C 487 12.63 4.68 -5.82
N LEU C 488 12.62 4.14 -4.61
CA LEU C 488 13.26 2.85 -4.35
C LEU C 488 12.19 1.77 -4.22
N LEU C 489 12.40 0.65 -4.89
CA LEU C 489 11.48 -0.48 -4.78
C LEU C 489 12.06 -1.44 -3.74
N VAL C 490 11.44 -1.48 -2.57
CA VAL C 490 11.86 -2.35 -1.48
C VAL C 490 10.76 -3.37 -1.24
N ASN C 491 11.13 -4.64 -1.28
CA ASN C 491 10.19 -5.72 -1.04
C ASN C 491 10.14 -6.03 0.45
N LEU C 492 8.94 -6.29 0.94
CA LEU C 492 8.77 -6.72 2.31
C LEU C 492 8.48 -8.21 2.37
N PRO C 493 8.82 -8.87 3.47
CA PRO C 493 8.35 -10.24 3.66
C PRO C 493 6.83 -10.27 3.70
N THR C 494 6.25 -11.31 3.12
CA THR C 494 4.81 -11.35 3.00
C THR C 494 4.23 -12.57 3.69
N PRO C 495 3.14 -12.41 4.43
CA PRO C 495 2.40 -13.58 4.91
C PRO C 495 1.58 -14.21 3.80
N ASP C 496 1.20 -15.46 4.02
CA ASP C 496 0.44 -16.22 3.03
C ASP C 496 -1.00 -15.75 3.07
N PHE C 497 -1.40 -14.96 2.07
CA PHE C 497 -2.73 -14.35 2.06
C PHE C 497 -3.84 -15.36 1.95
N SER C 498 -3.56 -16.57 1.45
CA SER C 498 -4.58 -17.58 1.24
C SER C 498 -4.88 -18.41 2.49
N MET C 499 -4.19 -18.16 3.59
CA MET C 499 -4.32 -18.97 4.81
C MET C 499 -4.52 -18.08 6.03
N PRO C 500 -5.61 -17.28 6.09
CA PRO C 500 -5.88 -16.53 7.32
C PRO C 500 -6.73 -17.34 8.30
N TYR C 501 -7.49 -18.29 7.77
CA TYR C 501 -8.40 -19.07 8.62
C TYR C 501 -7.75 -20.33 9.16
N ASN C 502 -6.89 -20.97 8.36
CA ASN C 502 -6.16 -22.14 8.86
C ASN C 502 -5.21 -21.76 9.97
N VAL C 503 -4.60 -20.57 9.88
CA VAL C 503 -3.65 -20.14 10.91
C VAL C 503 -4.33 -19.98 12.25
N ILE C 504 -5.53 -19.40 12.25
CA ILE C 504 -6.28 -19.25 13.49
C ILE C 504 -6.56 -20.62 14.11
N CYS C 505 -7.01 -21.56 13.28
CA CYS C 505 -7.30 -22.90 13.78
C CYS C 505 -6.06 -23.57 14.33
N LEU C 506 -4.92 -23.44 13.64
CA LEU C 506 -3.71 -24.13 14.06
C LEU C 506 -3.14 -23.55 15.34
N THR C 507 -3.05 -22.23 15.42
CA THR C 507 -2.54 -21.60 16.63
C THR C 507 -3.47 -21.85 17.81
N CYS C 508 -4.78 -21.73 17.61
CA CYS C 508 -5.73 -22.05 18.66
C CYS C 508 -5.67 -23.53 19.02
N THR C 509 -5.26 -24.39 18.09
CA THR C 509 -5.09 -25.80 18.40
C THR C 509 -3.87 -26.03 19.29
N VAL C 510 -2.81 -25.27 19.06
CA VAL C 510 -1.66 -25.35 19.97
C VAL C 510 -2.06 -24.87 21.36
N VAL C 511 -2.78 -23.75 21.43
CA VAL C 511 -3.31 -23.28 22.71
C VAL C 511 -4.20 -24.36 23.33
N ALA C 512 -4.98 -25.05 22.50
CA ALA C 512 -5.92 -26.05 23.00
C ALA C 512 -5.21 -27.29 23.50
N VAL C 513 -4.13 -27.71 22.84
CA VAL C 513 -3.41 -28.87 23.33
C VAL C 513 -2.71 -28.54 24.65
N CYS C 514 -2.20 -27.32 24.79
CA CYS C 514 -1.69 -26.91 26.09
C CYS C 514 -2.79 -26.92 27.15
N TYR C 515 -3.96 -26.37 26.81
CA TYR C 515 -5.06 -26.32 27.75
C TYR C 515 -5.51 -27.71 28.16
N GLY C 516 -5.61 -28.64 27.20
CA GLY C 516 -6.01 -30.00 27.51
C GLY C 516 -4.99 -30.74 28.35
N SER C 517 -3.71 -30.58 28.02
CA SER C 517 -2.68 -31.25 28.80
C SER C 517 -2.66 -30.73 30.24
N PHE C 518 -2.83 -29.42 30.44
CA PHE C 518 -2.85 -28.90 31.80
C PHE C 518 -4.16 -29.20 32.51
N TYR C 519 -5.26 -29.31 31.79
CA TYR C 519 -6.52 -29.74 32.39
C TYR C 519 -6.43 -31.17 32.89
N ASN C 520 -5.88 -32.06 32.07
CA ASN C 520 -5.83 -33.48 32.41
C ASN C 520 -4.69 -33.77 33.39
N LEU C 521 -4.06 -32.73 33.93
CA LEU C 521 -3.07 -32.89 34.97
C LEU C 521 -3.42 -32.17 36.26
N LEU C 522 -4.10 -31.04 36.17
CA LEU C 522 -4.50 -30.27 37.35
C LEU C 522 -5.82 -30.71 37.93
N THR C 523 -6.56 -31.59 37.27
CA THR C 523 -7.88 -31.98 37.73
C THR C 523 -8.00 -33.49 37.86
N ARG C 524 -7.25 -34.24 37.06
CA ARG C 524 -7.31 -35.69 37.08
C ARG C 524 -6.52 -36.21 38.27
N THR C 525 -7.19 -36.96 39.15
CA THR C 525 -6.51 -37.60 40.26
C THR C 525 -5.98 -38.96 39.83
N PHE C 526 -4.74 -39.26 40.21
CA PHE C 526 -4.15 -40.55 39.87
C PHE C 526 -4.87 -41.68 40.59
N HIS C 527 -5.04 -42.80 39.90
CA HIS C 527 -5.73 -43.95 40.47
C HIS C 527 -5.23 -45.26 39.88
N ARG D 39 -40.70 9.70 -24.04
CA ARG D 39 -40.91 10.72 -23.02
C ARG D 39 -40.60 10.20 -21.63
N SER D 40 -39.44 10.59 -21.11
CA SER D 40 -39.01 10.24 -19.77
C SER D 40 -38.92 11.48 -18.89
N GLY D 41 -39.08 11.28 -17.59
CA GLY D 41 -39.05 12.37 -16.64
C GLY D 41 -37.70 12.70 -16.04
N HIS D 42 -36.65 11.98 -16.42
CA HIS D 42 -35.33 12.22 -15.84
C HIS D 42 -34.81 13.60 -16.23
N THR D 43 -33.81 14.05 -15.47
CA THR D 43 -33.20 15.35 -15.73
C THR D 43 -31.68 15.31 -15.73
N ASN D 44 -31.09 14.39 -14.96
CA ASN D 44 -29.67 14.47 -14.64
C ASN D 44 -28.77 13.62 -15.53
N ASN D 45 -29.06 12.32 -15.67
CA ASN D 45 -28.23 11.41 -16.47
C ASN D 45 -26.79 11.32 -15.94
N TRP D 46 -26.68 10.69 -14.77
CA TRP D 46 -25.38 10.31 -14.23
C TRP D 46 -24.89 9.01 -14.89
N ALA D 47 -23.65 8.63 -14.57
CA ALA D 47 -23.07 7.40 -15.08
C ALA D 47 -21.94 6.95 -14.17
N VAL D 48 -21.94 5.67 -13.79
CA VAL D 48 -20.88 5.08 -12.98
C VAL D 48 -20.26 3.94 -13.78
N LEU D 49 -19.01 4.11 -14.19
CA LEU D 49 -18.31 3.12 -14.99
C LEU D 49 -17.13 2.59 -14.20
N VAL D 50 -17.06 1.27 -14.05
CA VAL D 50 -16.14 0.63 -13.12
C VAL D 50 -15.34 -0.42 -13.88
N CYS D 51 -14.03 -0.43 -13.66
CA CYS D 51 -13.12 -1.47 -14.13
C CYS D 51 -12.40 -2.05 -12.93
N THR D 52 -12.75 -3.27 -12.54
CA THR D 52 -12.18 -3.88 -11.34
C THR D 52 -11.05 -4.85 -11.72
N SER D 53 -10.00 -4.29 -12.32
CA SER D 53 -8.94 -5.14 -12.83
C SER D 53 -7.65 -4.35 -12.94
N ARG D 54 -6.54 -5.00 -12.60
CA ARG D 54 -5.21 -4.43 -12.73
C ARG D 54 -4.36 -5.28 -13.68
N PHE D 55 -3.07 -4.97 -13.72
CA PHE D 55 -1.98 -5.83 -14.16
C PHE D 55 -1.76 -5.89 -15.68
N TRP D 56 -2.42 -5.03 -16.45
CA TRP D 56 -2.04 -4.78 -17.84
C TRP D 56 -2.32 -5.95 -18.79
N PHE D 57 -2.60 -7.12 -18.25
CA PHE D 57 -3.15 -8.16 -19.09
C PHE D 57 -4.67 -8.19 -19.02
N ASN D 58 -5.24 -7.43 -18.09
CA ASN D 58 -6.65 -7.09 -18.05
C ASN D 58 -6.93 -5.80 -18.81
N TYR D 59 -6.11 -5.50 -19.82
CA TYR D 59 -6.33 -4.34 -20.69
C TYR D 59 -7.71 -4.37 -21.31
N ARG D 60 -8.25 -5.56 -21.52
CA ARG D 60 -9.59 -5.69 -22.09
C ARG D 60 -10.62 -4.99 -21.21
N HIS D 61 -10.48 -5.06 -19.88
CA HIS D 61 -11.48 -4.46 -19.00
C HIS D 61 -11.39 -2.94 -18.98
N VAL D 62 -10.16 -2.41 -18.94
CA VAL D 62 -9.99 -0.97 -19.05
C VAL D 62 -10.55 -0.48 -20.38
N ALA D 63 -10.35 -1.24 -21.45
CA ALA D 63 -10.89 -0.85 -22.75
C ALA D 63 -12.41 -0.91 -22.76
N ASN D 64 -13.02 -1.89 -22.11
CA ASN D 64 -14.47 -1.92 -21.99
C ASN D 64 -14.98 -0.66 -21.30
N THR D 65 -14.40 -0.35 -20.14
CA THR D 65 -14.86 0.82 -19.40
C THR D 65 -14.65 2.10 -20.19
N LEU D 66 -13.51 2.22 -20.87
CA LEU D 66 -13.24 3.44 -21.60
C LEU D 66 -14.06 3.53 -22.87
N SER D 67 -14.48 2.41 -23.44
CA SER D 67 -15.39 2.46 -24.58
C SER D 67 -16.78 2.93 -24.15
N VAL D 68 -17.28 2.40 -23.04
CA VAL D 68 -18.54 2.89 -22.51
C VAL D 68 -18.42 4.37 -22.15
N TYR D 69 -17.28 4.76 -21.59
CA TYR D 69 -17.04 6.15 -21.23
C TYR D 69 -17.00 7.05 -22.45
N ARG D 70 -16.33 6.61 -23.51
CA ARG D 70 -16.27 7.40 -24.72
C ARG D 70 -17.65 7.58 -25.33
N SER D 71 -18.44 6.50 -25.40
CA SER D 71 -19.78 6.62 -25.95
C SER D 71 -20.64 7.55 -25.11
N VAL D 72 -20.58 7.38 -23.79
CA VAL D 72 -21.41 8.18 -22.88
C VAL D 72 -21.02 9.65 -22.95
N LYS D 73 -19.73 9.96 -22.99
CA LYS D 73 -19.28 11.34 -23.03
C LYS D 73 -19.49 11.96 -24.40
N ARG D 74 -19.50 11.16 -25.46
CA ARG D 74 -19.84 11.67 -26.78
C ARG D 74 -21.33 11.97 -26.88
N LEU D 75 -22.17 11.19 -26.20
CA LEU D 75 -23.61 11.37 -26.28
C LEU D 75 -24.14 12.43 -25.32
N GLY D 76 -23.32 12.96 -24.42
CA GLY D 76 -23.75 14.13 -23.69
C GLY D 76 -23.42 14.23 -22.21
N ILE D 77 -23.26 13.10 -21.53
CA ILE D 77 -23.08 13.17 -20.07
C ILE D 77 -21.76 13.87 -19.76
N PRO D 78 -21.76 14.88 -18.89
CA PRO D 78 -20.52 15.59 -18.58
C PRO D 78 -19.60 14.75 -17.70
N ASP D 79 -18.33 15.16 -17.67
CA ASP D 79 -17.35 14.48 -16.83
C ASP D 79 -17.75 14.54 -15.36
N SER D 80 -18.38 15.64 -14.95
CA SER D 80 -18.76 15.80 -13.55
C SER D 80 -19.82 14.78 -13.15
N HIS D 81 -20.61 14.30 -14.09
CA HIS D 81 -21.67 13.35 -13.82
C HIS D 81 -21.26 11.91 -14.10
N ILE D 82 -20.03 11.68 -14.50
CA ILE D 82 -19.48 10.33 -14.69
C ILE D 82 -18.53 10.07 -13.55
N VAL D 83 -18.75 8.99 -12.81
CA VAL D 83 -17.83 8.54 -11.79
C VAL D 83 -17.10 7.35 -12.40
N LEU D 84 -15.98 7.65 -13.06
CA LEU D 84 -15.19 6.61 -13.77
C LEU D 84 -14.20 5.95 -12.82
N MET D 85 -14.13 4.62 -12.85
CA MET D 85 -13.19 3.87 -11.98
C MET D 85 -12.34 2.95 -12.86
N LEU D 86 -11.02 3.16 -12.86
CA LEU D 86 -10.07 2.31 -13.62
C LEU D 86 -9.07 1.76 -12.61
N ALA D 87 -9.19 0.49 -12.21
CA ALA D 87 -8.31 -0.08 -11.15
C ALA D 87 -6.84 -0.04 -11.58
N ASP D 88 -6.55 0.14 -12.87
CA ASP D 88 -5.15 0.31 -13.32
C ASP D 88 -5.21 1.20 -14.56
N ASP D 89 -4.17 2.00 -14.81
CA ASP D 89 -4.23 2.93 -15.97
C ASP D 89 -4.26 2.10 -17.26
N MET D 90 -3.21 1.30 -17.53
CA MET D 90 -3.11 0.51 -18.78
C MET D 90 -3.38 1.42 -19.97
N ALA D 91 -3.36 2.73 -19.73
CA ALA D 91 -3.62 3.74 -20.79
C ALA D 91 -2.27 4.29 -21.16
N CYS D 92 -1.45 4.60 -20.16
CA CYS D 92 -0.08 4.99 -20.41
C CYS D 92 0.83 4.50 -19.30
N ASN D 93 0.62 3.26 -18.85
CA ASN D 93 1.62 2.60 -18.04
C ASN D 93 2.82 2.25 -18.92
N PRO D 94 3.99 2.01 -18.33
CA PRO D 94 5.19 1.87 -19.16
C PRO D 94 5.15 0.72 -20.15
N ARG D 95 4.32 -0.30 -19.92
CA ARG D 95 4.26 -1.44 -20.82
C ARG D 95 3.48 -1.16 -22.10
N ASN D 96 2.83 -0.03 -22.19
CA ASN D 96 2.00 0.27 -23.36
C ASN D 96 2.87 0.58 -24.56
N PRO D 97 2.78 -0.16 -25.66
CA PRO D 97 3.53 0.21 -26.87
C PRO D 97 3.10 1.55 -27.43
N LYS D 98 1.84 1.93 -27.26
CA LYS D 98 1.34 3.24 -27.66
C LYS D 98 0.89 3.98 -26.41
N PRO D 99 1.72 4.85 -25.85
CA PRO D 99 1.34 5.54 -24.60
C PRO D 99 0.15 6.45 -24.80
N ALA D 100 -0.62 6.64 -23.72
CA ALA D 100 -1.77 7.53 -23.66
C ALA D 100 -2.87 7.15 -24.63
N THR D 101 -2.92 5.87 -25.03
CA THR D 101 -3.98 5.37 -25.89
C THR D 101 -4.47 4.04 -25.37
N VAL D 102 -5.77 3.81 -25.50
CA VAL D 102 -6.37 2.49 -25.33
C VAL D 102 -7.19 2.21 -26.59
N PHE D 103 -7.01 1.03 -27.17
CA PHE D 103 -7.59 0.73 -28.46
C PHE D 103 -8.67 -0.34 -28.33
N SER D 104 -9.65 -0.27 -29.22
CA SER D 104 -10.73 -1.25 -29.26
C SER D 104 -10.49 -2.34 -30.28
N HIS D 105 -9.74 -2.05 -31.34
CA HIS D 105 -9.59 -2.99 -32.44
C HIS D 105 -8.13 -3.07 -32.84
N LYS D 106 -7.78 -4.17 -33.51
CA LYS D 106 -6.42 -4.37 -33.97
C LYS D 106 -5.97 -3.28 -34.93
N ASN D 107 -6.91 -2.69 -35.68
CA ASN D 107 -6.57 -1.63 -36.62
C ASN D 107 -6.09 -0.36 -35.93
N MET D 108 -6.37 -0.22 -34.63
CA MET D 108 -5.86 0.90 -33.83
C MET D 108 -6.33 2.24 -34.37
N GLU D 109 -7.60 2.31 -34.77
CA GLU D 109 -8.14 3.53 -35.37
C GLU D 109 -9.16 4.23 -34.50
N LEU D 110 -9.46 3.71 -33.31
CA LEU D 110 -10.44 4.34 -32.42
C LEU D 110 -9.88 4.24 -31.01
N ASN D 111 -9.32 5.35 -30.52
CA ASN D 111 -8.73 5.43 -29.19
C ASN D 111 -9.82 5.77 -28.19
N VAL D 112 -10.32 4.75 -27.47
CA VAL D 112 -11.35 4.99 -26.47
C VAL D 112 -10.83 5.83 -25.31
N TYR D 113 -9.52 5.91 -25.14
CA TYR D 113 -8.90 6.78 -24.15
C TYR D 113 -8.47 8.08 -24.82
N GLY D 114 -9.46 8.91 -25.10
CA GLY D 114 -9.24 10.10 -25.90
C GLY D 114 -8.45 11.16 -25.16
N ASP D 115 -8.43 12.34 -25.77
CA ASP D 115 -7.75 13.49 -25.19
C ASP D 115 -8.58 14.18 -24.10
N ASP D 116 -9.83 13.77 -23.92
CA ASP D 116 -10.72 14.37 -22.93
C ASP D 116 -11.23 13.23 -22.06
N VAL D 117 -10.50 12.92 -20.97
CA VAL D 117 -10.90 11.81 -20.05
C VAL D 117 -10.55 12.16 -18.60
N GLU D 118 -11.43 11.84 -17.65
CA GLU D 118 -11.17 12.10 -16.20
C GLU D 118 -11.47 10.82 -15.40
N VAL D 119 -10.49 10.32 -14.66
CA VAL D 119 -10.71 9.11 -13.81
C VAL D 119 -10.89 9.55 -12.34
N ASP D 120 -12.10 9.43 -11.80
CA ASP D 120 -12.39 9.89 -10.45
C ASP D 120 -11.78 8.96 -9.40
N TYR D 121 -11.78 7.66 -9.69
CA TYR D 121 -11.19 6.64 -8.79
C TYR D 121 -10.24 5.76 -9.61
N ARG D 122 -8.99 5.61 -9.17
CA ARG D 122 -8.02 4.78 -9.94
C ARG D 122 -7.07 4.05 -8.99
N SER D 123 -6.37 3.05 -9.51
CA SER D 123 -5.37 2.23 -8.76
C SER D 123 -5.98 1.54 -7.55
N TYR D 124 -5.50 1.88 -6.35
CA TYR D 124 -5.94 1.22 -5.08
C TYR D 124 -7.22 1.86 -4.54
N GLU D 125 -7.67 2.95 -5.16
CA GLU D 125 -8.91 3.64 -4.72
C GLU D 125 -10.13 2.84 -5.18
N VAL D 126 -9.96 2.07 -6.26
CA VAL D 126 -11.07 1.29 -6.81
C VAL D 126 -11.18 -0.01 -6.03
N THR D 127 -11.94 0.04 -4.95
CA THR D 127 -12.21 -1.10 -4.09
C THR D 127 -13.71 -1.34 -4.03
N VAL D 128 -14.10 -2.54 -3.61
CA VAL D 128 -15.51 -2.82 -3.39
C VAL D 128 -16.08 -1.88 -2.34
N GLU D 129 -15.29 -1.58 -1.31
CA GLU D 129 -15.70 -0.62 -0.31
C GLU D 129 -16.01 0.73 -0.93
N ASN D 130 -15.08 1.27 -1.72
CA ASN D 130 -15.28 2.59 -2.32
C ASN D 130 -16.46 2.58 -3.29
N PHE D 131 -16.62 1.48 -4.03
CA PHE D 131 -17.74 1.38 -4.96
C PHE D 131 -19.07 1.44 -4.23
N LEU D 132 -19.23 0.61 -3.20
CA LEU D 132 -20.46 0.63 -2.43
C LEU D 132 -20.65 1.97 -1.70
N ARG D 133 -19.55 2.62 -1.31
CA ARG D 133 -19.65 3.95 -0.73
C ARG D 133 -20.21 4.94 -1.73
N VAL D 134 -19.76 4.87 -2.98
CA VAL D 134 -20.23 5.80 -3.99
C VAL D 134 -21.70 5.58 -4.29
N LEU D 135 -22.12 4.31 -4.41
CA LEU D 135 -23.54 4.04 -4.68
C LEU D 135 -24.43 4.39 -3.49
N THR D 136 -24.03 4.03 -2.27
CA THR D 136 -24.91 4.24 -1.13
C THR D 136 -24.78 5.64 -0.52
N GLY D 137 -23.80 6.43 -0.95
CA GLY D 137 -23.62 7.77 -0.43
C GLY D 137 -22.88 7.87 0.88
N ARG D 138 -22.35 6.77 1.40
CA ARG D 138 -21.70 6.74 2.70
C ARG D 138 -20.21 7.05 2.64
N ILE D 139 -19.79 7.81 1.64
CA ILE D 139 -18.38 8.16 1.43
C ILE D 139 -17.88 9.03 2.57
N PRO D 140 -16.57 9.07 2.82
CA PRO D 140 -16.04 9.97 3.85
C PRO D 140 -16.37 11.41 3.52
N PRO D 141 -16.59 12.24 4.55
CA PRO D 141 -17.08 13.61 4.30
C PRO D 141 -16.12 14.49 3.52
N SER D 142 -14.83 14.17 3.48
CA SER D 142 -13.89 14.99 2.73
C SER D 142 -13.92 14.71 1.24
N THR D 143 -14.67 13.71 0.80
CA THR D 143 -14.74 13.37 -0.61
C THR D 143 -15.26 14.55 -1.42
N PRO D 144 -14.63 14.90 -2.53
CA PRO D 144 -15.10 16.03 -3.34
C PRO D 144 -16.37 15.71 -4.10
N ARG D 145 -16.87 16.67 -4.88
CA ARG D 145 -18.06 16.42 -5.69
C ARG D 145 -17.78 15.38 -6.75
N SER D 146 -16.64 15.51 -7.44
CA SER D 146 -16.38 14.69 -8.62
C SER D 146 -16.22 13.23 -8.27
N LYS D 147 -15.99 12.90 -7.01
CA LYS D 147 -15.80 11.52 -6.58
C LYS D 147 -17.01 10.96 -5.87
N ARG D 148 -18.20 11.44 -6.20
CA ARG D 148 -19.41 10.93 -5.57
C ARG D 148 -20.57 11.00 -6.55
N LEU D 149 -21.59 10.19 -6.26
CA LEU D 149 -22.80 10.09 -7.08
C LEU D 149 -23.86 10.95 -6.41
N LEU D 150 -23.92 12.23 -6.81
CA LEU D 150 -24.87 13.16 -6.25
C LEU D 150 -26.16 13.18 -7.06
N SER D 151 -26.76 12.01 -7.19
CA SER D 151 -27.97 11.84 -7.98
C SER D 151 -29.20 12.07 -7.12
N ASP D 152 -30.29 12.44 -7.78
CA ASP D 152 -31.53 12.77 -7.10
C ASP D 152 -32.69 11.96 -7.67
N ASP D 153 -33.92 12.31 -7.28
CA ASP D 153 -35.09 11.56 -7.73
C ASP D 153 -35.34 11.71 -9.21
N ARG D 154 -34.73 12.69 -9.87
CA ARG D 154 -34.92 12.93 -11.29
C ARG D 154 -33.70 12.48 -12.11
N SER D 155 -32.91 11.57 -11.57
CA SER D 155 -31.64 11.18 -12.16
C SER D 155 -31.75 9.82 -12.82
N ASN D 156 -31.32 9.74 -14.08
CA ASN D 156 -31.10 8.47 -14.74
C ASN D 156 -29.64 8.08 -14.55
N ILE D 157 -29.42 6.84 -14.11
CA ILE D 157 -28.07 6.37 -13.80
C ILE D 157 -27.76 5.17 -14.68
N LEU D 158 -26.60 5.20 -15.31
CA LEU D 158 -26.06 4.05 -16.01
C LEU D 158 -24.87 3.53 -15.21
N ILE D 159 -24.92 2.25 -14.86
CA ILE D 159 -23.84 1.63 -14.08
C ILE D 159 -23.26 0.51 -14.92
N TYR D 160 -21.97 0.63 -15.25
CA TYR D 160 -21.28 -0.39 -16.08
C TYR D 160 -20.14 -1.01 -15.30
N MET D 161 -20.26 -2.30 -14.97
CA MET D 161 -19.22 -3.03 -14.20
C MET D 161 -18.53 -4.03 -15.13
N THR D 162 -17.19 -4.04 -15.12
CA THR D 162 -16.41 -4.97 -15.99
C THR D 162 -15.25 -5.55 -15.16
N GLY D 163 -14.86 -6.79 -15.46
CA GLY D 163 -13.75 -7.43 -14.73
C GLY D 163 -13.97 -8.93 -14.63
N HIS D 164 -13.09 -9.62 -13.88
CA HIS D 164 -13.19 -11.09 -13.72
C HIS D 164 -14.48 -11.10 -12.90
N GLY D 165 -15.33 -12.11 -13.08
CA GLY D 165 -16.60 -12.21 -12.35
C GLY D 165 -16.96 -13.68 -12.44
N GLY D 166 -17.41 -14.27 -11.32
CA GLY D 166 -17.80 -15.69 -11.29
C GLY D 166 -19.31 -15.69 -11.09
N ASN D 167 -19.85 -16.74 -10.48
CA ASN D 167 -21.30 -16.84 -10.24
C ASN D 167 -21.87 -15.91 -9.15
N GLY D 168 -22.57 -14.86 -9.57
CA GLY D 168 -23.16 -13.89 -8.61
C GLY D 168 -22.10 -13.20 -7.77
N PHE D 169 -20.95 -12.89 -8.37
CA PHE D 169 -19.84 -12.21 -7.65
C PHE D 169 -18.87 -11.60 -8.66
N LEU D 170 -18.28 -10.46 -8.32
CA LEU D 170 -17.30 -9.77 -9.20
C LEU D 170 -16.02 -9.51 -8.41
N LYS D 171 -14.88 -10.04 -8.90
CA LYS D 171 -13.58 -9.86 -8.20
C LYS D 171 -13.07 -8.43 -8.43
N PHE D 172 -12.71 -7.74 -7.35
CA PHE D 172 -12.17 -6.35 -7.44
C PHE D 172 -10.65 -6.42 -7.32
N GLN D 173 -9.94 -6.17 -8.44
CA GLN D 173 -8.45 -6.22 -8.45
C GLN D 173 -7.90 -7.54 -7.86
N ASP D 174 -8.52 -8.68 -8.20
CA ASP D 174 -8.01 -10.00 -7.85
C ASP D 174 -7.92 -10.25 -6.35
N SER D 175 -8.43 -9.34 -5.52
CA SER D 175 -8.29 -9.49 -4.09
C SER D 175 -9.62 -9.70 -3.39
N GLU D 176 -10.58 -8.81 -3.56
CA GLU D 176 -11.81 -8.77 -2.79
C GLU D 176 -13.00 -9.04 -3.70
N GLU D 177 -14.20 -8.96 -3.12
CA GLU D 177 -15.38 -9.50 -3.76
C GLU D 177 -16.58 -8.58 -3.57
N ILE D 178 -17.37 -8.43 -4.62
CA ILE D 178 -18.71 -7.87 -4.53
C ILE D 178 -19.68 -8.93 -5.03
N THR D 179 -20.70 -9.22 -4.25
CA THR D 179 -21.68 -10.24 -4.59
C THR D 179 -22.98 -9.58 -5.02
N ASN D 180 -23.81 -10.35 -5.73
CA ASN D 180 -25.08 -9.82 -6.20
C ASN D 180 -25.99 -9.44 -5.03
N ILE D 181 -25.82 -10.06 -3.87
CA ILE D 181 -26.60 -9.67 -2.70
C ILE D 181 -26.25 -8.25 -2.28
N GLU D 182 -24.95 -7.96 -2.18
CA GLU D 182 -24.52 -6.62 -1.79
C GLU D 182 -24.91 -5.58 -2.82
N LEU D 183 -24.79 -5.93 -4.11
CA LEU D 183 -25.17 -4.99 -5.16
C LEU D 183 -26.67 -4.70 -5.12
N ALA D 184 -27.49 -5.73 -4.93
CA ALA D 184 -28.93 -5.51 -4.81
C ALA D 184 -29.26 -4.68 -3.59
N ASP D 185 -28.58 -4.92 -2.47
CA ASP D 185 -28.83 -4.15 -1.27
C ASP D 185 -28.46 -2.69 -1.47
N ALA D 186 -27.33 -2.43 -2.15
CA ALA D 186 -26.94 -1.05 -2.43
C ALA D 186 -27.95 -0.37 -3.34
N PHE D 187 -28.44 -1.09 -4.35
CA PHE D 187 -29.45 -0.51 -5.24
C PHE D 187 -30.74 -0.21 -4.47
N GLU D 188 -31.14 -1.11 -3.58
CA GLU D 188 -32.31 -0.84 -2.74
C GLU D 188 -32.09 0.39 -1.88
N GLN D 189 -30.90 0.52 -1.30
CA GLN D 189 -30.59 1.71 -0.48
C GLN D 189 -30.66 2.97 -1.31
N MET D 190 -30.19 2.91 -2.56
CA MET D 190 -30.34 4.05 -3.46
C MET D 190 -31.80 4.38 -3.69
N TRP D 191 -32.63 3.35 -3.91
CA TRP D 191 -34.03 3.61 -4.18
C TRP D 191 -34.78 4.14 -2.97
N GLN D 192 -34.38 3.73 -1.76
CA GLN D 192 -35.05 4.19 -0.55
C GLN D 192 -35.00 5.71 -0.43
N LYS D 193 -33.85 6.31 -0.76
CA LYS D 193 -33.70 7.75 -0.73
C LYS D 193 -34.11 8.44 -2.02
N ARG D 194 -34.62 7.69 -2.99
CA ARG D 194 -34.98 8.24 -4.29
C ARG D 194 -33.79 8.96 -4.91
N ARG D 195 -32.69 8.23 -5.00
CA ARG D 195 -31.47 8.77 -5.58
C ARG D 195 -31.29 8.37 -7.04
N TYR D 196 -32.32 7.76 -7.64
CA TYR D 196 -32.33 7.56 -9.08
C TYR D 196 -33.77 7.49 -9.55
N ASN D 197 -34.00 8.00 -10.76
CA ASN D 197 -35.30 7.88 -11.39
C ASN D 197 -35.44 6.52 -12.07
N GLU D 198 -34.51 6.21 -12.97
CA GLU D 198 -34.39 4.90 -13.60
C GLU D 198 -32.92 4.55 -13.66
N LEU D 199 -32.61 3.26 -13.51
CA LEU D 199 -31.24 2.80 -13.44
C LEU D 199 -31.02 1.71 -14.47
N LEU D 200 -29.98 1.86 -15.28
CA LEU D 200 -29.59 0.85 -16.26
C LEU D 200 -28.28 0.23 -15.80
N PHE D 201 -28.32 -1.05 -15.46
CA PHE D 201 -27.16 -1.79 -15.02
C PHE D 201 -26.64 -2.63 -16.17
N ILE D 202 -25.36 -2.49 -16.50
CA ILE D 202 -24.70 -3.30 -17.52
C ILE D 202 -23.46 -3.91 -16.92
N ILE D 203 -23.31 -5.23 -17.04
CA ILE D 203 -22.13 -5.92 -16.57
C ILE D 203 -21.57 -6.77 -17.70
N ASP D 204 -20.25 -6.76 -17.83
CA ASP D 204 -19.55 -7.41 -18.92
C ASP D 204 -18.50 -8.37 -18.37
N THR D 205 -18.92 -9.23 -17.46
CA THR D 205 -18.05 -10.23 -16.85
C THR D 205 -18.51 -11.62 -17.23
N CYS D 206 -17.82 -12.62 -16.72
CA CYS D 206 -18.21 -14.01 -16.91
C CYS D 206 -19.34 -14.37 -15.97
N GLN D 207 -20.33 -15.09 -16.50
CA GLN D 207 -21.52 -15.46 -15.74
C GLN D 207 -22.20 -14.22 -15.15
N GLY D 208 -22.30 -13.17 -15.96
CA GLY D 208 -22.71 -11.87 -15.50
C GLY D 208 -24.22 -11.71 -15.38
N ALA D 209 -25.01 -12.64 -15.92
CA ALA D 209 -26.45 -12.53 -15.79
C ALA D 209 -26.94 -12.80 -14.38
N SER D 210 -26.07 -13.29 -13.49
CA SER D 210 -26.42 -13.55 -12.11
C SER D 210 -26.00 -12.42 -11.18
N MET D 211 -25.31 -11.40 -11.68
CA MET D 211 -25.04 -10.24 -10.86
C MET D 211 -26.28 -9.37 -10.72
N TYR D 212 -27.22 -9.50 -11.64
CA TYR D 212 -28.49 -8.73 -11.60
C TYR D 212 -29.65 -9.67 -11.29
N GLU D 213 -29.36 -10.83 -10.70
CA GLU D 213 -30.38 -11.86 -10.38
C GLU D 213 -31.03 -11.61 -9.02
N ARG D 214 -30.49 -10.69 -8.22
CA ARG D 214 -31.05 -10.42 -6.87
C ARG D 214 -31.45 -8.96 -6.72
N PHE D 215 -31.95 -8.33 -7.80
CA PHE D 215 -32.36 -6.90 -7.75
C PHE D 215 -33.84 -6.81 -7.36
N TYR D 216 -34.20 -5.83 -6.53
CA TYR D 216 -35.61 -5.63 -6.13
C TYR D 216 -35.99 -4.14 -6.25
N SER D 217 -35.01 -3.24 -6.22
CA SER D 217 -35.28 -1.79 -6.39
C SER D 217 -36.08 -1.64 -7.69
N PRO D 218 -37.42 -0.98 -7.69
CA PRO D 218 -38.52 -0.74 -8.64
C PRO D 218 -38.12 -0.38 -10.06
N ASN D 219 -37.11 0.45 -10.30
CA ASN D 219 -36.78 0.86 -11.68
C ASN D 219 -35.33 0.53 -11.99
N ILE D 220 -35.08 -0.72 -12.36
CA ILE D 220 -33.77 -1.16 -12.81
C ILE D 220 -33.98 -2.14 -13.95
N MET D 221 -33.29 -1.93 -15.05
CA MET D 221 -33.17 -2.93 -16.10
C MET D 221 -31.69 -3.20 -16.31
N ALA D 222 -31.36 -4.46 -16.55
CA ALA D 222 -29.98 -4.89 -16.48
C ALA D 222 -29.60 -5.64 -17.75
N LEU D 223 -28.37 -5.40 -18.20
CA LEU D 223 -27.77 -6.16 -19.28
C LEU D 223 -26.62 -7.00 -18.74
N ALA D 224 -26.21 -8.00 -19.50
CA ALA D 224 -25.12 -8.85 -19.09
C ALA D 224 -24.49 -9.49 -20.31
N SER D 225 -23.17 -9.63 -20.27
CA SER D 225 -22.46 -10.21 -21.41
C SER D 225 -22.76 -11.69 -21.56
N SER D 226 -22.82 -12.42 -20.45
CA SER D 226 -22.99 -13.87 -20.47
C SER D 226 -24.08 -14.26 -19.49
N GLN D 227 -24.44 -15.53 -19.52
CA GLN D 227 -25.51 -16.05 -18.70
C GLN D 227 -24.96 -16.68 -17.41
N VAL D 228 -25.86 -17.23 -16.59
CA VAL D 228 -25.45 -17.87 -15.31
C VAL D 228 -24.22 -18.77 -15.51
N GLY D 229 -24.31 -19.73 -16.45
CA GLY D 229 -23.20 -20.66 -16.72
C GLY D 229 -21.95 -20.49 -17.58
N GLU D 230 -22.13 -19.99 -18.82
CA GLU D 230 -20.99 -19.79 -19.74
C GLU D 230 -19.88 -18.99 -19.04
N ASP D 231 -18.64 -19.50 -19.09
CA ASP D 231 -17.49 -18.82 -18.42
C ASP D 231 -16.31 -18.75 -19.39
N SER D 232 -16.41 -19.45 -20.53
CA SER D 232 -15.33 -19.47 -21.55
C SER D 232 -14.99 -17.97 -21.66
N LEU D 233 -13.71 -17.62 -21.47
CA LEU D 233 -13.27 -16.20 -21.56
C LEU D 233 -12.47 -16.18 -22.86
N SER D 234 -12.79 -15.26 -23.77
CA SER D 234 -12.09 -15.14 -25.08
C SER D 234 -10.65 -14.66 -24.86
N HIS D 235 -9.75 -15.05 -25.78
CA HIS D 235 -8.34 -14.66 -25.68
C HIS D 235 -7.77 -14.60 -27.09
N GLN D 236 -7.62 -13.39 -27.62
CA GLN D 236 -6.99 -13.15 -28.92
C GLN D 236 -6.11 -11.91 -28.83
N PRO D 237 -4.94 -12.03 -28.20
CA PRO D 237 -4.10 -10.85 -27.99
C PRO D 237 -3.65 -10.21 -29.29
N ASP D 238 -3.75 -8.88 -29.34
CA ASP D 238 -3.26 -8.13 -30.48
C ASP D 238 -1.74 -8.27 -30.58
N PRO D 239 -1.21 -8.62 -31.75
CA PRO D 239 0.27 -8.64 -31.87
C PRO D 239 0.92 -7.31 -31.55
N ALA D 240 0.30 -6.19 -31.92
CA ALA D 240 0.90 -4.88 -31.67
C ALA D 240 0.86 -4.54 -30.18
N ILE D 241 -0.35 -4.50 -29.62
CA ILE D 241 -0.51 -4.33 -28.15
C ILE D 241 -0.51 -5.76 -27.59
N GLY D 242 0.49 -6.10 -26.79
CA GLY D 242 0.66 -7.47 -26.25
C GLY D 242 -0.59 -8.12 -25.69
N VAL D 243 -1.41 -7.39 -24.93
CA VAL D 243 -2.60 -7.97 -24.25
C VAL D 243 -3.85 -7.93 -25.14
N HIS D 244 -4.94 -8.53 -24.64
CA HIS D 244 -6.26 -8.57 -25.30
C HIS D 244 -6.84 -7.15 -25.39
N LEU D 245 -7.71 -6.89 -26.37
CA LEU D 245 -8.27 -5.53 -26.54
C LEU D 245 -9.63 -5.37 -25.83
N MET D 246 -10.64 -6.19 -26.18
CA MET D 246 -11.97 -6.03 -25.54
C MET D 246 -12.60 -7.38 -25.19
N ASP D 247 -13.81 -7.34 -24.64
CA ASP D 247 -14.57 -8.52 -24.23
C ASP D 247 -15.57 -8.99 -25.27
N ARG D 248 -15.48 -8.38 -26.47
CA ARG D 248 -16.31 -8.66 -27.67
C ARG D 248 -17.81 -8.33 -27.48
N TYR D 249 -18.25 -8.03 -26.26
CA TYR D 249 -19.65 -7.71 -26.07
C TYR D 249 -19.75 -6.19 -26.09
N THR D 250 -18.99 -5.52 -25.22
CA THR D 250 -18.96 -4.07 -25.25
C THR D 250 -18.32 -3.54 -26.52
N PHE D 251 -17.55 -4.37 -27.23
CA PHE D 251 -17.06 -3.98 -28.54
C PHE D 251 -18.21 -3.76 -29.51
N TYR D 252 -19.20 -4.64 -29.50
CA TYR D 252 -20.38 -4.46 -30.34
C TYR D 252 -21.32 -3.42 -29.76
N VAL D 253 -21.36 -3.29 -28.42
CA VAL D 253 -22.07 -2.18 -27.81
C VAL D 253 -21.44 -0.86 -28.22
N LEU D 254 -20.11 -0.80 -28.23
CA LEU D 254 -19.41 0.39 -28.71
C LEU D 254 -19.72 0.66 -30.17
N GLU D 255 -19.68 -0.39 -31.00
CA GLU D 255 -20.01 -0.21 -32.41
C GLU D 255 -21.46 0.20 -32.59
N PHE D 256 -22.36 -0.35 -31.77
CA PHE D 256 -23.75 0.09 -31.81
C PHE D 256 -23.87 1.54 -31.38
N LEU D 257 -23.14 1.94 -30.35
CA LEU D 257 -23.23 3.30 -29.82
C LEU D 257 -22.42 4.30 -30.62
N GLU D 258 -21.52 3.86 -31.50
CA GLU D 258 -20.78 4.79 -32.32
C GLU D 258 -21.62 5.35 -33.47
N GLU D 259 -22.70 4.68 -33.84
CA GLU D 259 -23.51 5.06 -34.98
C GLU D 259 -24.66 5.98 -34.64
N ILE D 260 -24.85 6.31 -33.37
CA ILE D 260 -25.94 7.19 -32.96
C ILE D 260 -25.41 8.57 -32.63
N ASN D 261 -26.27 9.56 -32.78
CA ASN D 261 -25.98 10.94 -32.44
C ASN D 261 -26.65 11.31 -31.13
N PRO D 262 -26.30 12.45 -30.55
CA PRO D 262 -27.03 12.89 -29.33
C PRO D 262 -28.53 13.00 -29.56
N ALA D 263 -28.96 13.43 -30.74
CA ALA D 263 -30.38 13.53 -31.06
C ALA D 263 -30.84 12.29 -31.84
N SER D 264 -30.65 11.13 -31.24
CA SER D 264 -31.02 9.86 -31.84
C SER D 264 -32.20 9.25 -31.10
N GLN D 265 -33.11 8.63 -31.87
CA GLN D 265 -34.32 8.04 -31.31
C GLN D 265 -34.23 6.53 -31.16
N THR D 266 -33.03 5.97 -31.25
CA THR D 266 -32.83 4.55 -31.00
C THR D 266 -33.23 4.20 -29.57
N ASN D 267 -33.86 3.05 -29.40
CA ASN D 267 -34.44 2.67 -28.12
C ASN D 267 -33.76 1.42 -27.55
N MET D 268 -34.10 1.15 -26.28
CA MET D 268 -33.54 0.00 -25.58
C MET D 268 -33.81 -1.32 -26.26
N ASN D 269 -34.88 -1.42 -27.05
CA ASN D 269 -35.14 -2.67 -27.74
C ASN D 269 -34.14 -2.91 -28.86
N ASP D 270 -33.45 -1.85 -29.29
CA ASP D 270 -32.44 -1.96 -30.37
C ASP D 270 -31.07 -2.26 -29.74
N LEU D 271 -30.99 -2.19 -28.41
CA LEU D 271 -29.72 -2.47 -27.69
C LEU D 271 -29.86 -3.77 -26.90
N PHE D 272 -31.05 -4.38 -26.95
CA PHE D 272 -31.30 -5.66 -26.23
C PHE D 272 -30.86 -6.84 -27.12
N GLN D 273 -30.43 -6.53 -28.34
CA GLN D 273 -29.99 -7.56 -29.32
C GLN D 273 -28.77 -7.02 -30.08
N VAL D 274 -27.93 -6.22 -29.41
CA VAL D 274 -26.73 -5.62 -30.07
C VAL D 274 -25.67 -6.71 -30.28
N CYS D 275 -25.66 -7.73 -29.42
CA CYS D 275 -24.67 -8.84 -29.53
C CYS D 275 -25.41 -10.16 -29.69
N PRO D 276 -25.48 -10.75 -30.91
CA PRO D 276 -26.17 -12.03 -31.13
C PRO D 276 -25.30 -13.22 -30.71
N LYS D 277 -25.88 -14.42 -30.72
CA LYS D 277 -25.15 -15.66 -30.34
C LYS D 277 -24.08 -15.97 -31.39
N SER D 278 -24.35 -15.63 -32.66
CA SER D 278 -23.38 -15.87 -33.77
C SER D 278 -22.11 -15.06 -33.53
N LEU D 279 -22.24 -13.84 -33.01
CA LEU D 279 -21.08 -12.96 -32.74
C LEU D 279 -20.25 -13.00 -31.44
N CYS D 280 -20.92 -13.05 -30.29
CA CYS D 280 -20.19 -13.10 -28.99
C CYS D 280 -20.58 -14.55 -28.68
N VAL D 281 -19.61 -15.38 -28.28
CA VAL D 281 -19.86 -16.82 -27.97
C VAL D 281 -20.91 -16.93 -26.86
N SER D 282 -20.82 -16.09 -25.83
CA SER D 282 -21.78 -16.11 -24.69
C SER D 282 -23.13 -15.51 -25.12
N THR D 283 -24.20 -15.84 -24.38
CA THR D 283 -25.56 -15.33 -24.69
C THR D 283 -25.86 -14.11 -23.83
N PRO D 284 -25.82 -12.87 -24.37
CA PRO D 284 -26.11 -11.66 -23.59
C PRO D 284 -27.59 -11.64 -23.17
N GLY D 285 -27.86 -11.75 -21.88
CA GLY D 285 -29.25 -11.75 -21.37
C GLY D 285 -29.59 -10.47 -20.64
N HIS D 286 -30.70 -9.83 -21.00
CA HIS D 286 -31.16 -8.58 -20.35
C HIS D 286 -32.15 -8.95 -19.23
N ARG D 287 -32.77 -7.93 -18.61
CA ARG D 287 -33.74 -8.20 -17.52
C ARG D 287 -34.63 -6.98 -17.27
N THR D 288 -35.89 -7.04 -17.71
CA THR D 288 -36.85 -5.97 -17.48
C THR D 288 -38.04 -6.60 -16.75
N ASP D 289 -37.88 -6.75 -15.44
CA ASP D 289 -38.98 -7.13 -14.57
C ASP D 289 -39.36 -6.01 -13.63
N LEU D 290 -38.56 -4.95 -13.59
CA LEU D 290 -38.75 -3.82 -12.70
C LEU D 290 -39.19 -2.56 -13.43
N PHE D 291 -38.59 -2.24 -14.58
CA PHE D 291 -38.98 -1.07 -15.34
C PHE D 291 -40.47 -1.03 -15.63
N GLN D 292 -41.08 0.10 -15.28
CA GLN D 292 -42.47 0.33 -15.62
C GLN D 292 -42.62 0.66 -17.10
N ARG D 293 -41.70 1.45 -17.65
CA ARG D 293 -41.78 1.86 -19.04
C ARG D 293 -41.40 0.72 -19.97
N ASP D 294 -42.06 0.69 -21.12
CA ASP D 294 -41.75 -0.31 -22.13
C ASP D 294 -40.38 -0.05 -22.72
N PRO D 295 -39.51 -1.05 -22.82
CA PRO D 295 -38.17 -0.80 -23.39
C PRO D 295 -38.18 -0.24 -24.79
N LYS D 296 -39.21 -0.53 -25.59
CA LYS D 296 -39.28 0.03 -26.93
C LYS D 296 -39.51 1.53 -26.93
N ASN D 297 -39.89 2.12 -25.80
CA ASN D 297 -40.03 3.56 -25.68
C ASN D 297 -38.88 4.23 -24.94
N VAL D 298 -38.05 3.45 -24.25
CA VAL D 298 -36.90 3.99 -23.53
C VAL D 298 -35.77 4.23 -24.52
N LEU D 299 -35.45 5.49 -24.79
CA LEU D 299 -34.35 5.81 -25.69
C LEU D 299 -33.03 5.37 -25.06
N ILE D 300 -32.07 5.02 -25.91
CA ILE D 300 -30.74 4.69 -25.42
C ILE D 300 -29.98 5.93 -25.00
N THR D 301 -30.45 7.11 -25.39
CA THR D 301 -29.87 8.35 -24.91
C THR D 301 -30.37 8.68 -23.51
N ASP D 302 -31.44 8.03 -23.05
CA ASP D 302 -31.92 8.21 -21.68
C ASP D 302 -30.94 7.71 -20.64
N PHE D 303 -29.94 6.90 -21.04
CA PHE D 303 -28.91 6.46 -20.11
C PHE D 303 -27.52 6.77 -20.66
N PHE D 304 -27.35 6.64 -21.97
CA PHE D 304 -26.10 6.99 -22.64
C PHE D 304 -26.28 8.38 -23.24
N GLY D 305 -25.88 9.39 -22.49
CA GLY D 305 -26.05 10.74 -22.96
C GLY D 305 -27.07 11.50 -22.14
N SER D 306 -27.07 12.82 -22.30
CA SER D 306 -27.89 13.71 -21.49
C SER D 306 -28.64 14.67 -22.40
N VAL D 307 -29.86 14.30 -22.78
CA VAL D 307 -30.77 15.19 -23.47
C VAL D 307 -31.52 15.97 -22.39
N ARG D 308 -31.17 17.25 -22.24
CA ARG D 308 -31.74 18.07 -21.19
C ARG D 308 -33.11 18.59 -21.58
N LYS D 309 -34.04 18.57 -20.64
CA LYS D 309 -35.31 19.24 -20.86
C LYS D 309 -35.07 20.73 -20.98
N VAL D 310 -35.67 21.36 -21.98
CA VAL D 310 -35.46 22.77 -22.27
C VAL D 310 -36.79 23.49 -22.18
N GLU D 311 -36.84 24.54 -21.37
CA GLU D 311 -37.96 25.44 -21.31
C GLU D 311 -37.49 26.81 -21.75
N ILE D 312 -38.17 27.38 -22.73
CA ILE D 312 -37.83 28.72 -23.22
C ILE D 312 -38.33 29.74 -22.21
N THR D 313 -37.41 30.55 -21.69
CA THR D 313 -37.79 31.55 -20.70
C THR D 313 -38.44 32.75 -21.39
N THR D 314 -39.64 33.10 -20.93
CA THR D 314 -40.33 34.28 -21.42
C THR D 314 -40.51 35.35 -20.36
N GLU D 315 -40.38 34.99 -19.09
CA GLU D 315 -40.53 35.94 -17.99
C GLU D 315 -39.31 36.84 -17.90
N THR D 316 -39.52 38.00 -17.29
CA THR D 316 -38.47 38.99 -17.09
C THR D 316 -38.77 39.73 -15.79
N ILE D 317 -37.73 40.05 -15.03
CA ILE D 317 -37.91 40.57 -13.69
C ILE D 317 -38.12 42.08 -13.67
N LYS D 318 -37.58 42.80 -14.65
CA LYS D 318 -37.65 44.27 -14.70
C LYS D 318 -37.00 44.89 -13.46
N LEU D 319 -35.69 44.70 -13.40
CA LEU D 319 -34.89 45.31 -12.34
C LEU D 319 -34.88 46.82 -12.49
N GLN D 320 -34.88 47.50 -11.33
CA GLN D 320 -35.04 48.95 -11.33
C GLN D 320 -33.88 49.65 -12.05
N GLN D 321 -32.66 49.20 -11.81
CA GLN D 321 -31.45 49.88 -12.28
C GLN D 321 -31.43 51.33 -11.81
N MET D 340 4.18 49.82 2.92
CA MET D 340 5.25 50.80 2.95
C MET D 340 6.61 50.13 2.74
N GLU D 341 7.05 49.37 3.74
CA GLU D 341 8.35 48.70 3.65
C GLU D 341 8.26 47.52 2.68
N PRO D 342 9.35 47.20 1.99
CA PRO D 342 9.30 46.16 0.96
C PRO D 342 9.20 44.76 1.56
N LEU D 343 8.83 43.82 0.71
CA LEU D 343 8.66 42.42 1.08
C LEU D 343 9.75 41.59 0.43
N LYS D 344 10.20 40.56 1.13
CA LYS D 344 11.33 39.75 0.69
C LYS D 344 10.89 38.33 0.40
N TYR D 345 11.49 37.73 -0.63
CA TYR D 345 11.34 36.31 -0.87
C TYR D 345 12.20 35.53 0.10
N ALA D 346 11.75 34.32 0.41
CA ALA D 346 12.48 33.50 1.38
C ALA D 346 13.81 33.03 0.78
N GLU D 347 14.77 32.77 1.67
CA GLU D 347 16.06 32.22 1.25
C GLU D 347 15.94 30.70 1.17
N GLN D 348 16.23 30.15 -0.02
CA GLN D 348 15.94 28.75 -0.26
C GLN D 348 16.80 27.82 0.58
N LEU D 349 18.08 28.15 0.74
CA LEU D 349 18.99 27.38 1.58
C LEU D 349 19.74 28.32 2.50
N PRO D 350 19.15 28.71 3.61
CA PRO D 350 19.85 29.57 4.59
C PRO D 350 20.75 28.72 5.48
N VAL D 351 21.95 28.45 4.99
CA VAL D 351 22.85 27.50 5.65
C VAL D 351 23.17 27.95 7.06
N ALA D 352 23.53 29.23 7.23
CA ALA D 352 23.87 29.73 8.54
C ALA D 352 22.67 29.66 9.49
N GLN D 353 21.48 29.98 8.98
CA GLN D 353 20.31 30.03 9.85
C GLN D 353 19.87 28.64 10.31
N ILE D 354 19.93 27.65 9.43
CA ILE D 354 19.38 26.34 9.77
C ILE D 354 20.31 25.54 10.65
N ILE D 355 21.60 25.85 10.67
CA ILE D 355 22.50 25.19 11.63
C ILE D 355 22.17 25.65 13.05
N HIS D 356 21.99 26.96 13.24
CA HIS D 356 21.74 27.52 14.57
C HIS D 356 20.30 27.36 15.03
N GLN D 357 19.39 26.89 14.18
CA GLN D 357 18.00 26.75 14.60
C GLN D 357 17.81 25.60 15.56
N LYS D 358 18.75 24.68 15.62
CA LYS D 358 18.68 23.52 16.49
C LYS D 358 19.61 23.69 17.69
N PRO D 359 19.17 23.36 18.90
CA PRO D 359 20.09 23.37 20.04
C PRO D 359 21.23 22.40 19.81
N LYS D 360 22.41 22.79 20.29
CA LYS D 360 23.64 22.08 19.96
C LYS D 360 23.55 20.62 20.37
N LEU D 361 23.99 19.74 19.47
CA LEU D 361 23.99 18.31 19.73
C LEU D 361 25.03 17.99 20.79
N LYS D 362 24.57 17.73 22.01
CA LYS D 362 25.44 17.34 23.11
C LYS D 362 25.18 15.89 23.46
N ASP D 363 26.25 15.18 23.83
CA ASP D 363 26.11 13.79 24.24
C ASP D 363 25.17 13.69 25.43
N TRP D 364 24.22 12.77 25.34
CA TRP D 364 23.24 12.60 26.40
C TRP D 364 23.86 11.92 27.62
N HIS D 365 23.40 12.33 28.79
CA HIS D 365 23.74 11.70 30.05
C HIS D 365 22.52 11.70 30.95
N PRO D 366 22.37 10.69 31.80
CA PRO D 366 21.21 10.65 32.69
C PRO D 366 21.25 11.82 33.66
N PRO D 367 20.09 12.30 34.10
CA PRO D 367 20.07 13.42 35.04
C PRO D 367 20.70 13.04 36.37
N GLY D 368 21.18 14.06 37.08
CA GLY D 368 21.68 13.84 38.42
C GLY D 368 20.62 13.32 39.38
N GLY D 369 19.35 13.62 39.11
CA GLY D 369 18.28 13.12 39.96
C GLY D 369 18.16 11.61 39.92
N PHE D 370 18.24 11.02 38.72
CA PHE D 370 18.12 9.57 38.61
C PHE D 370 19.34 8.87 39.17
N ILE D 371 20.54 9.36 38.86
CA ILE D 371 21.76 8.72 39.36
C ILE D 371 21.81 8.78 40.87
N LEU D 372 21.52 9.95 41.43
CA LEU D 372 21.48 10.07 42.89
C LEU D 372 20.37 9.20 43.47
N GLY D 373 19.19 9.21 42.84
CA GLY D 373 18.09 8.41 43.36
C GLY D 373 18.37 6.92 43.29
N LEU D 374 18.86 6.43 42.16
CA LEU D 374 19.12 5.01 42.02
C LEU D 374 20.27 4.57 42.91
N TRP D 375 21.35 5.34 42.93
CA TRP D 375 22.53 4.97 43.71
C TRP D 375 22.22 4.97 45.20
N ALA D 376 21.38 5.90 45.66
CA ALA D 376 21.03 5.94 47.07
C ALA D 376 20.28 4.68 47.51
N LEU D 377 19.34 4.22 46.70
CA LEU D 377 18.55 3.04 47.06
C LEU D 377 19.31 1.74 46.86
N ILE D 378 20.28 1.69 45.95
CA ILE D 378 21.14 0.51 45.85
C ILE D 378 21.91 0.31 47.15
N ILE D 379 22.43 1.41 47.71
CA ILE D 379 23.09 1.34 49.02
C ILE D 379 22.08 1.00 50.11
N MET D 380 20.84 1.50 49.98
CA MET D 380 19.84 1.28 51.03
C MET D 380 19.52 -0.20 51.18
N VAL D 381 19.35 -0.91 50.06
CA VAL D 381 19.08 -2.34 50.14
C VAL D 381 20.29 -3.09 50.71
N PHE D 382 21.49 -2.57 50.49
CA PHE D 382 22.69 -3.17 51.05
C PHE D 382 22.73 -3.10 52.56
N PHE D 383 21.91 -2.26 53.18
CA PHE D 383 21.93 -2.08 54.63
C PHE D 383 20.79 -2.77 55.34
N LYS D 384 19.65 -2.99 54.68
CA LYS D 384 18.61 -3.81 55.27
C LYS D 384 19.04 -5.27 55.38
N THR D 385 19.80 -5.75 54.39
CA THR D 385 20.30 -7.12 54.46
C THR D 385 21.58 -7.21 55.28
N TYR D 386 22.42 -6.18 55.23
CA TYR D 386 23.60 -6.11 56.09
C TYR D 386 23.39 -5.08 57.19
N VAL E 8 1.57 -54.98 27.84
CA VAL E 8 0.32 -55.42 27.22
C VAL E 8 0.24 -54.86 25.81
N ARG E 9 -0.03 -53.56 25.69
CA ARG E 9 -0.08 -52.90 24.40
C ARG E 9 1.28 -52.34 24.00
N ARG E 10 2.00 -51.74 24.95
CA ARG E 10 3.33 -51.21 24.67
C ARG E 10 4.27 -52.32 24.22
N ARG E 11 4.25 -53.46 24.92
CA ARG E 11 5.10 -54.58 24.55
C ARG E 11 4.65 -55.20 23.24
N ALA E 12 3.34 -55.23 22.98
CA ALA E 12 2.86 -55.72 21.70
C ALA E 12 3.42 -54.89 20.55
N LEU E 13 3.29 -53.57 20.65
CA LEU E 13 3.82 -52.71 19.59
C LEU E 13 5.34 -52.85 19.47
N ALA E 14 6.04 -52.89 20.60
CA ALA E 14 7.49 -53.01 20.56
C ALA E 14 7.93 -54.30 19.89
N ARG E 15 7.27 -55.42 20.22
CA ARG E 15 7.65 -56.68 19.61
C ARG E 15 7.31 -56.70 18.13
N LEU E 16 6.18 -56.11 17.75
CA LEU E 16 5.81 -56.09 16.34
C LEU E 16 6.72 -55.18 15.53
N VAL E 17 7.35 -54.19 16.16
CA VAL E 17 8.25 -53.31 15.41
C VAL E 17 9.69 -53.82 15.39
N LEU E 18 10.17 -54.46 16.46
CA LEU E 18 11.48 -55.11 16.38
C LEU E 18 11.46 -56.40 15.58
N ARG E 19 10.30 -57.05 15.47
CA ARG E 19 10.19 -58.20 14.57
C ARG E 19 10.43 -57.78 13.13
N LEU E 20 10.24 -56.50 12.82
CA LEU E 20 10.40 -55.97 11.48
C LEU E 20 11.43 -54.84 11.45
N ASN E 21 12.56 -55.02 12.14
CA ASN E 21 13.57 -53.97 12.11
C ASN E 21 14.24 -53.94 10.74
N ALA E 22 14.92 -55.03 10.40
CA ALA E 22 15.61 -55.12 9.12
C ALA E 22 14.65 -55.05 7.93
N PRO E 23 13.53 -55.80 7.90
CA PRO E 23 12.67 -55.71 6.72
C PRO E 23 12.02 -54.36 6.55
N LEU E 24 11.56 -53.72 7.63
CA LEU E 24 10.98 -52.38 7.47
C LEU E 24 12.02 -51.38 7.02
N CYS E 25 13.25 -51.48 7.54
CA CYS E 25 14.29 -50.54 7.13
C CYS E 25 14.63 -50.72 5.65
N VAL E 26 14.82 -51.97 5.19
CA VAL E 26 15.15 -52.18 3.79
C VAL E 26 13.97 -51.82 2.89
N LEU E 27 12.75 -52.08 3.36
CA LEU E 27 11.57 -51.71 2.59
C LEU E 27 11.47 -50.20 2.44
N SER E 28 11.75 -49.46 3.50
CA SER E 28 11.73 -48.00 3.42
C SER E 28 12.80 -47.49 2.46
N TYR E 29 14.01 -48.07 2.51
CA TYR E 29 15.06 -47.63 1.61
C TYR E 29 14.68 -47.89 0.15
N VAL E 30 14.20 -49.10 -0.14
CA VAL E 30 13.84 -49.40 -1.52
C VAL E 30 12.64 -48.59 -1.94
N ALA E 31 11.73 -48.26 -1.01
CA ALA E 31 10.60 -47.41 -1.34
C ALA E 31 11.07 -46.01 -1.72
N GLY E 32 12.03 -45.46 -0.98
CA GLY E 32 12.56 -44.16 -1.36
C GLY E 32 13.24 -44.17 -2.72
N ILE E 33 14.04 -45.19 -2.99
CA ILE E 33 14.69 -45.29 -4.29
C ILE E 33 13.65 -45.44 -5.41
N ALA E 34 12.63 -46.26 -5.17
CA ALA E 34 11.58 -46.46 -6.18
C ALA E 34 10.78 -45.19 -6.41
N TRP E 35 10.50 -44.44 -5.34
CA TRP E 35 9.80 -43.17 -5.49
C TRP E 35 10.61 -42.20 -6.32
N PHE E 36 11.93 -42.15 -6.10
CA PHE E 36 12.76 -41.30 -6.94
C PHE E 36 12.74 -41.76 -8.39
N LEU E 37 12.83 -43.08 -8.62
CA LEU E 37 12.80 -43.59 -9.98
C LEU E 37 11.47 -43.32 -10.66
N ALA E 38 10.39 -43.23 -9.89
CA ALA E 38 9.05 -42.99 -10.41
C ALA E 38 8.75 -41.51 -10.63
N LEU E 39 9.75 -40.63 -10.49
CA LEU E 39 9.59 -39.21 -10.73
C LEU E 39 9.82 -38.84 -12.19
N VAL E 40 9.63 -39.77 -13.12
CA VAL E 40 9.77 -39.49 -14.54
C VAL E 40 8.52 -39.97 -15.26
N PHE E 41 7.48 -40.31 -14.50
CA PHE E 41 6.26 -40.87 -15.03
C PHE E 41 5.11 -39.87 -14.96
N PRO E 42 4.10 -40.01 -15.81
CA PRO E 42 3.08 -38.96 -15.97
C PRO E 42 2.38 -38.57 -14.68
N PRO E 43 1.99 -39.51 -13.80
CA PRO E 43 1.24 -39.07 -12.60
C PRO E 43 2.03 -38.11 -11.73
N LEU E 44 3.35 -38.25 -11.66
CA LEU E 44 4.16 -37.36 -10.85
C LEU E 44 4.76 -36.20 -11.63
N THR E 45 4.81 -36.30 -12.97
CA THR E 45 5.46 -35.28 -13.79
C THR E 45 4.48 -34.67 -14.77
N GLN E 46 3.30 -34.27 -14.28
CA GLN E 46 2.13 -34.03 -15.12
C GLN E 46 2.43 -33.23 -16.40
N ARG E 47 2.85 -31.98 -16.28
CA ARG E 47 3.35 -31.16 -17.39
C ARG E 47 3.66 -29.78 -16.84
N THR E 48 4.47 -29.03 -17.58
CA THR E 48 4.77 -27.66 -17.19
C THR E 48 3.76 -26.70 -17.80
N TYR E 49 3.57 -25.56 -17.16
CA TYR E 49 2.59 -24.59 -17.61
C TYR E 49 2.97 -23.22 -17.07
N MET E 50 2.40 -22.19 -17.70
CA MET E 50 2.64 -20.80 -17.29
C MET E 50 1.56 -20.41 -16.28
N SER E 51 1.93 -20.43 -15.00
CA SER E 51 0.95 -20.10 -13.96
C SER E 51 0.70 -18.59 -13.89
N GLU E 52 1.70 -17.79 -14.20
CA GLU E 52 1.58 -16.34 -14.10
C GLU E 52 0.86 -15.80 -15.34
N ASN E 53 -0.33 -15.24 -15.14
CA ASN E 53 -1.09 -14.69 -16.25
C ASN E 53 -0.47 -13.41 -16.80
N ALA E 54 0.37 -12.73 -16.01
CA ALA E 54 0.95 -11.48 -16.46
C ALA E 54 1.75 -11.63 -17.74
N MET E 55 2.24 -12.84 -18.02
CA MET E 55 2.91 -13.11 -19.27
C MET E 55 2.37 -14.32 -20.01
N GLY E 56 1.50 -15.12 -19.38
CA GLY E 56 0.79 -16.15 -20.12
C GLY E 56 -0.41 -15.64 -20.88
N SER E 57 -1.01 -14.55 -20.42
CA SER E 57 -2.15 -13.94 -21.08
C SER E 57 -1.75 -12.83 -22.05
N THR E 58 -0.48 -12.77 -22.43
CA THR E 58 0.02 -11.78 -23.36
C THR E 58 0.75 -12.49 -24.49
N MET E 59 1.06 -11.74 -25.55
CA MET E 59 1.83 -12.28 -26.65
C MET E 59 2.83 -11.24 -27.12
N VAL E 60 3.89 -11.70 -27.77
CA VAL E 60 4.97 -10.84 -28.23
C VAL E 60 5.12 -11.03 -29.73
N GLU E 61 5.11 -9.91 -30.46
CA GLU E 61 5.40 -9.90 -31.89
C GLU E 61 6.82 -9.38 -32.06
N GLU E 62 7.77 -10.27 -32.23
CA GLU E 62 9.18 -9.90 -32.28
C GLU E 62 9.49 -9.17 -33.58
N GLN E 63 10.34 -8.15 -33.48
CA GLN E 63 10.78 -7.42 -34.66
C GLN E 63 12.30 -7.29 -34.75
N PHE E 64 13.04 -8.01 -33.90
CA PHE E 64 14.49 -8.00 -33.99
C PHE E 64 14.94 -8.51 -35.35
N ALA E 65 15.56 -7.63 -36.13
CA ALA E 65 16.05 -7.99 -37.46
C ALA E 65 17.42 -7.39 -37.68
N GLY E 66 18.30 -7.49 -36.69
CA GLY E 66 19.63 -6.93 -36.78
C GLY E 66 20.73 -7.96 -36.65
N GLY E 67 20.48 -9.18 -37.16
CA GLY E 67 21.47 -10.24 -37.05
C GLY E 67 22.78 -9.88 -37.73
N ASP E 68 22.71 -9.17 -38.86
CA ASP E 68 23.93 -8.74 -39.53
C ASP E 68 24.71 -7.76 -38.66
N ARG E 69 24.01 -6.86 -37.98
CA ARG E 69 24.68 -5.97 -37.03
C ARG E 69 25.31 -6.76 -35.90
N ALA E 70 24.63 -7.81 -35.44
CA ALA E 70 25.22 -8.67 -34.42
C ALA E 70 26.51 -9.32 -34.92
N ARG E 71 26.52 -9.76 -36.18
CA ARG E 71 27.74 -10.36 -36.72
C ARG E 71 28.87 -9.34 -36.85
N ALA E 72 28.54 -8.13 -37.30
CA ALA E 72 29.57 -7.09 -37.39
C ALA E 72 30.13 -6.75 -36.02
N PHE E 73 29.25 -6.63 -35.01
CA PHE E 73 29.68 -6.37 -33.66
C PHE E 73 30.55 -7.51 -33.14
N ALA E 74 30.19 -8.75 -33.44
CA ALA E 74 31.00 -9.89 -33.01
C ALA E 74 32.39 -9.84 -33.64
N ARG E 75 32.47 -9.49 -34.92
CA ARG E 75 33.78 -9.40 -35.58
C ARG E 75 34.63 -8.32 -34.95
N ASP E 76 34.05 -7.13 -34.72
CA ASP E 76 34.81 -6.06 -34.10
C ASP E 76 35.26 -6.43 -32.69
N PHE E 77 34.37 -7.06 -31.92
CA PHE E 77 34.71 -7.47 -30.56
C PHE E 77 35.84 -8.49 -30.57
N ALA E 78 35.78 -9.46 -31.49
CA ALA E 78 36.84 -10.46 -31.57
C ALA E 78 38.18 -9.82 -31.94
N ALA E 79 38.15 -8.87 -32.88
CA ALA E 79 39.39 -8.20 -33.27
C ALA E 79 39.99 -7.42 -32.11
N HIS E 80 39.17 -6.61 -31.43
CA HIS E 80 39.69 -5.81 -30.33
C HIS E 80 40.09 -6.67 -29.13
N ARG E 81 39.39 -7.79 -28.92
CA ARG E 81 39.75 -8.74 -27.88
C ARG E 81 41.01 -9.50 -28.21
N LYS E 82 41.35 -9.61 -29.49
CA LYS E 82 42.67 -10.09 -29.87
C LYS E 82 43.74 -9.04 -29.60
N LYS E 83 43.45 -7.78 -29.92
CA LYS E 83 44.39 -6.70 -29.59
C LYS E 83 44.51 -6.53 -28.08
N SER E 84 43.42 -6.13 -27.43
CA SER E 84 43.39 -6.03 -25.98
C SER E 84 43.23 -7.44 -25.40
N GLY E 85 44.28 -7.93 -24.74
CA GLY E 85 44.34 -9.35 -24.42
C GLY E 85 43.16 -9.86 -23.62
N ALA E 86 42.73 -9.10 -22.62
CA ALA E 86 41.74 -9.60 -21.67
C ALA E 86 40.31 -9.31 -22.12
N LEU E 87 39.95 -8.04 -22.25
CA LEU E 87 38.61 -7.65 -22.66
C LEU E 87 38.66 -6.22 -23.19
N PRO E 88 38.17 -5.97 -24.40
CA PRO E 88 38.23 -4.61 -24.94
C PRO E 88 37.26 -3.69 -24.24
N VAL E 89 37.77 -2.83 -23.37
CA VAL E 89 36.94 -1.97 -22.56
C VAL E 89 36.61 -0.67 -23.29
N ALA E 90 37.61 -0.06 -23.92
CA ALA E 90 37.34 1.16 -24.70
C ALA E 90 36.40 0.88 -25.85
N TRP E 91 36.60 -0.23 -26.54
CA TRP E 91 35.70 -0.57 -27.64
C TRP E 91 34.29 -0.85 -27.14
N LEU E 92 34.17 -1.57 -26.03
CA LEU E 92 32.85 -1.86 -25.49
C LEU E 92 32.13 -0.60 -25.06
N GLU E 93 32.85 0.32 -24.41
CA GLU E 93 32.25 1.59 -24.03
C GLU E 93 31.80 2.38 -25.26
N ARG E 94 32.65 2.44 -26.28
CA ARG E 94 32.28 3.17 -27.49
C ARG E 94 31.06 2.56 -28.16
N THR E 95 31.02 1.23 -28.25
CA THR E 95 29.91 0.57 -28.93
C THR E 95 28.62 0.68 -28.14
N MET E 96 28.70 0.58 -26.82
CA MET E 96 27.49 0.68 -26.00
C MET E 96 26.97 2.11 -25.97
N ARG E 97 27.87 3.10 -25.99
CA ARG E 97 27.42 4.47 -26.09
C ARG E 97 26.96 4.84 -27.49
N SER E 98 27.34 4.06 -28.50
CA SER E 98 26.83 4.29 -29.83
C SER E 98 25.39 3.80 -29.99
N VAL E 99 25.02 2.76 -29.25
CA VAL E 99 23.66 2.22 -29.32
C VAL E 99 22.81 2.88 -28.24
N GLY E 100 23.30 3.98 -27.68
CA GLY E 100 22.50 4.78 -26.79
C GLY E 100 22.32 4.26 -25.39
N LEU E 101 23.30 3.55 -24.85
CA LEU E 101 23.25 3.07 -23.48
C LEU E 101 24.04 4.01 -22.57
N GLU E 102 23.74 3.93 -21.28
CA GLU E 102 24.53 4.59 -20.25
C GLU E 102 25.60 3.62 -19.79
N VAL E 103 26.84 3.90 -20.15
CA VAL E 103 27.93 2.93 -20.04
C VAL E 103 28.67 3.12 -18.73
N TYR E 104 28.84 2.04 -17.98
CA TYR E 104 29.63 2.05 -16.77
C TYR E 104 30.61 0.89 -16.79
N THR E 105 31.74 1.07 -16.13
CA THR E 105 32.71 0.02 -15.95
C THR E 105 32.94 -0.22 -14.46
N GLN E 106 33.30 -1.46 -14.12
CA GLN E 106 33.61 -1.83 -12.75
C GLN E 106 34.92 -2.59 -12.74
N SER E 107 35.93 -2.02 -12.10
CA SER E 107 37.20 -2.71 -11.94
C SER E 107 37.17 -3.57 -10.69
N PHE E 108 37.49 -4.85 -10.84
CA PHE E 108 37.44 -5.79 -9.73
C PHE E 108 38.72 -6.61 -9.68
N SER E 109 39.12 -6.99 -8.47
CA SER E 109 40.30 -7.82 -8.29
C SER E 109 40.07 -8.74 -7.09
N ARG E 110 40.68 -9.92 -7.14
CA ARG E 110 40.43 -10.94 -6.14
C ARG E 110 41.70 -11.74 -5.89
N LYS E 111 41.94 -12.08 -4.63
CA LYS E 111 43.04 -12.96 -4.24
C LYS E 111 42.49 -14.36 -4.09
N LEU E 112 42.70 -15.20 -5.10
CA LEU E 112 42.28 -16.58 -5.00
C LEU E 112 43.12 -17.32 -3.97
N PRO E 113 42.54 -18.29 -3.27
CA PRO E 113 43.32 -19.07 -2.30
C PRO E 113 44.48 -19.83 -2.91
N PHE E 114 44.35 -20.32 -4.14
CA PHE E 114 45.42 -21.06 -4.78
C PHE E 114 45.22 -20.97 -6.30
N PRO E 115 46.29 -21.21 -7.08
CA PRO E 115 46.24 -20.91 -8.53
C PRO E 115 45.19 -21.64 -9.35
N ASP E 116 44.37 -22.47 -8.71
CA ASP E 116 43.17 -23.08 -9.30
C ASP E 116 43.48 -24.20 -10.29
N GLU E 117 44.74 -24.30 -10.74
CA GLU E 117 45.20 -25.37 -11.63
C GLU E 117 44.24 -25.62 -12.79
N THR E 118 43.41 -24.66 -13.14
CA THR E 118 42.48 -24.79 -14.25
C THR E 118 42.53 -23.61 -15.20
N HIS E 119 42.67 -22.39 -14.68
CA HIS E 119 42.80 -21.20 -15.50
C HIS E 119 44.11 -20.49 -15.26
N GLU E 120 45.01 -21.06 -14.44
CA GLU E 120 46.32 -20.49 -14.15
C GLU E 120 46.22 -19.09 -13.56
N ARG E 121 45.06 -18.72 -13.03
CA ARG E 121 44.84 -17.41 -12.45
C ARG E 121 44.95 -17.48 -10.94
N TYR E 122 45.78 -16.63 -10.37
CA TYR E 122 45.93 -16.50 -8.92
C TYR E 122 45.54 -15.11 -8.43
N MET E 123 46.01 -14.06 -9.10
CA MET E 123 45.63 -12.68 -8.83
C MET E 123 44.65 -12.27 -9.92
N VAL E 124 43.38 -12.56 -9.70
CA VAL E 124 42.35 -12.21 -10.68
C VAL E 124 42.11 -10.71 -10.63
N SER E 125 42.14 -10.07 -11.78
CA SER E 125 41.90 -8.64 -11.88
C SER E 125 41.33 -8.34 -13.25
N GLY E 126 40.19 -7.66 -13.28
CA GLY E 126 39.55 -7.36 -14.55
C GLY E 126 38.52 -6.27 -14.38
N THR E 127 37.87 -5.94 -15.49
CA THR E 127 36.84 -4.91 -15.50
C THR E 127 35.57 -5.48 -16.11
N ASN E 128 34.44 -5.27 -15.43
CA ASN E 128 33.14 -5.52 -16.02
C ASN E 128 32.64 -4.26 -16.69
N VAL E 129 32.11 -4.40 -17.90
CA VAL E 129 31.54 -3.28 -18.64
C VAL E 129 30.06 -3.55 -18.78
N TYR E 130 29.24 -2.64 -18.26
CA TYR E 130 27.80 -2.78 -18.38
C TYR E 130 27.19 -1.47 -18.85
N GLY E 131 26.12 -1.60 -19.62
CA GLY E 131 25.35 -0.45 -20.05
C GLY E 131 23.91 -0.63 -19.67
N ILE E 132 23.27 0.48 -19.30
CA ILE E 132 21.93 0.45 -18.75
C ILE E 132 20.98 1.10 -19.75
N LEU E 133 20.05 0.30 -20.26
CA LEU E 133 18.90 0.82 -20.98
C LEU E 133 17.93 1.43 -19.98
N ARG E 134 17.75 2.73 -20.06
CA ARG E 134 16.96 3.48 -19.10
C ARG E 134 15.52 3.45 -19.61
N ALA E 135 14.66 2.72 -18.91
CA ALA E 135 13.24 2.67 -19.21
C ALA E 135 12.67 4.07 -19.24
N PRO E 136 12.23 4.56 -20.39
CA PRO E 136 11.80 5.95 -20.50
C PRO E 136 10.59 6.30 -19.63
N ARG E 137 9.51 5.52 -19.76
CA ARG E 137 8.31 5.81 -19.01
C ARG E 137 8.39 5.41 -17.55
N ALA E 138 9.32 4.55 -17.18
CA ALA E 138 9.48 4.14 -15.80
C ALA E 138 10.39 5.10 -15.05
N ALA E 139 10.46 4.93 -13.73
CA ALA E 139 11.30 5.73 -12.88
C ALA E 139 12.58 5.01 -12.47
N SER E 140 12.98 3.99 -13.23
CA SER E 140 14.19 3.20 -12.97
C SER E 140 14.17 2.59 -11.57
N THR E 141 13.16 1.74 -11.34
CA THR E 141 13.01 1.05 -10.07
C THR E 141 13.21 -0.46 -10.18
N GLU E 142 12.84 -1.07 -11.31
CA GLU E 142 13.10 -2.46 -11.59
C GLU E 142 14.03 -2.55 -12.78
N SER E 143 14.67 -3.70 -12.95
CA SER E 143 15.56 -3.87 -14.08
C SER E 143 15.62 -5.34 -14.49
N LEU E 144 16.06 -5.57 -15.71
CA LEU E 144 16.37 -6.90 -16.22
C LEU E 144 17.80 -6.89 -16.72
N VAL E 145 18.49 -8.00 -16.57
CA VAL E 145 19.92 -8.08 -16.87
C VAL E 145 20.12 -9.06 -18.00
N LEU E 146 20.71 -8.58 -19.09
CA LEU E 146 21.21 -9.44 -20.17
C LEU E 146 22.73 -9.43 -20.07
N THR E 147 23.31 -10.57 -19.72
CA THR E 147 24.73 -10.64 -19.44
C THR E 147 25.40 -11.70 -20.31
N VAL E 148 26.59 -11.36 -20.81
CA VAL E 148 27.44 -12.28 -21.54
C VAL E 148 28.70 -12.51 -20.71
N PRO E 149 28.91 -13.71 -20.19
CA PRO E 149 30.11 -13.99 -19.38
C PRO E 149 31.35 -14.28 -20.23
N CYS E 150 32.01 -13.21 -20.66
CA CYS E 150 33.24 -13.36 -21.43
C CYS E 150 34.34 -13.95 -20.56
N GLY E 151 35.17 -14.80 -21.16
CA GLY E 151 36.29 -15.38 -20.46
C GLY E 151 37.63 -14.95 -21.04
N SER E 152 38.68 -15.69 -20.73
CA SER E 152 40.02 -15.39 -21.23
C SER E 152 40.33 -16.10 -22.53
N ASP E 153 39.31 -16.54 -23.26
CA ASP E 153 39.48 -17.23 -24.53
C ASP E 153 38.63 -16.57 -25.61
N SER E 154 38.54 -17.19 -26.78
CA SER E 154 37.87 -16.59 -27.92
C SER E 154 36.36 -16.80 -27.93
N THR E 155 35.81 -17.49 -26.93
CA THR E 155 34.38 -17.78 -26.94
C THR E 155 33.56 -16.54 -26.63
N ASN E 156 32.27 -16.64 -26.90
CA ASN E 156 31.27 -15.63 -26.56
C ASN E 156 31.50 -14.31 -27.28
N SER E 157 32.19 -14.32 -28.41
CA SER E 157 32.30 -13.11 -29.21
C SER E 157 31.02 -12.83 -29.98
N GLN E 158 30.27 -13.87 -30.35
CA GLN E 158 28.98 -13.68 -30.99
C GLN E 158 27.92 -13.23 -29.99
N ALA E 159 28.01 -13.73 -28.75
CA ALA E 159 27.05 -13.33 -27.72
C ALA E 159 27.19 -11.86 -27.37
N VAL E 160 28.41 -11.32 -27.39
CA VAL E 160 28.58 -9.89 -27.21
C VAL E 160 27.98 -9.13 -28.38
N GLY E 161 28.19 -9.62 -29.60
CA GLY E 161 27.57 -8.99 -30.75
C GLY E 161 26.06 -9.04 -30.69
N LEU E 162 25.49 -10.18 -30.29
CA LEU E 162 24.05 -10.29 -30.17
C LEU E 162 23.51 -9.39 -29.07
N LEU E 163 24.24 -9.29 -27.95
CA LEU E 163 23.84 -8.40 -26.87
C LEU E 163 23.84 -6.95 -27.33
N LEU E 164 24.86 -6.55 -28.08
CA LEU E 164 24.91 -5.17 -28.57
C LEU E 164 23.82 -4.92 -29.61
N ALA E 165 23.53 -5.92 -30.44
CA ALA E 165 22.46 -5.76 -31.43
C ALA E 165 21.10 -5.66 -30.77
N LEU E 166 20.87 -6.43 -29.70
CA LEU E 166 19.62 -6.34 -28.97
C LEU E 166 19.52 -5.01 -28.23
N ALA E 167 20.63 -4.52 -27.69
CA ALA E 167 20.63 -3.20 -27.08
C ALA E 167 20.31 -2.13 -28.11
N ALA E 168 20.81 -2.29 -29.33
CA ALA E 168 20.47 -1.36 -30.40
C ALA E 168 18.98 -1.40 -30.72
N HIS E 169 18.36 -2.57 -30.62
CA HIS E 169 16.93 -2.68 -30.88
C HIS E 169 16.11 -2.20 -29.70
N PHE E 170 16.45 -2.65 -28.50
CA PHE E 170 15.68 -2.27 -27.31
C PHE E 170 15.71 -0.76 -27.11
N ARG E 171 16.88 -0.14 -27.29
CA ARG E 171 16.96 1.31 -27.34
C ARG E 171 16.19 1.80 -28.56
N GLY E 172 15.25 2.73 -28.34
CA GLY E 172 14.32 3.12 -29.38
C GLY E 172 12.92 2.61 -29.15
N GLN E 173 12.69 1.85 -28.10
CA GLN E 173 11.37 1.35 -27.74
C GLN E 173 10.86 2.09 -26.51
N ILE E 174 9.59 2.49 -26.56
CA ILE E 174 8.96 3.22 -25.45
C ILE E 174 8.31 2.30 -24.44
N TYR E 175 8.13 1.03 -24.77
CA TYR E 175 7.44 0.05 -23.93
C TYR E 175 8.35 -0.70 -22.94
N TRP E 176 9.21 0.01 -22.23
CA TRP E 176 10.06 -0.61 -21.23
C TRP E 176 9.62 -0.14 -19.85
N ALA E 177 9.05 -1.07 -19.07
CA ALA E 177 8.73 -0.80 -17.68
C ALA E 177 9.90 -1.05 -16.75
N LYS E 178 10.93 -1.75 -17.22
CA LYS E 178 12.10 -2.05 -16.43
C LYS E 178 13.33 -1.68 -17.23
N ASP E 179 14.37 -1.20 -16.53
CA ASP E 179 15.64 -0.97 -17.19
C ASP E 179 16.24 -2.30 -17.64
N ILE E 180 16.97 -2.26 -18.75
CA ILE E 180 17.70 -3.42 -19.22
C ILE E 180 19.18 -3.14 -19.03
N VAL E 181 19.85 -4.00 -18.28
CA VAL E 181 21.28 -3.90 -18.04
C VAL E 181 21.97 -4.88 -18.97
N PHE E 182 22.89 -4.37 -19.78
CA PHE E 182 23.67 -5.18 -20.70
C PHE E 182 25.07 -5.28 -20.13
N LEU E 183 25.38 -6.44 -19.54
CA LEU E 183 26.58 -6.61 -18.74
C LEU E 183 27.52 -7.59 -19.45
N VAL E 184 28.75 -7.16 -19.69
CA VAL E 184 29.79 -8.01 -20.27
C VAL E 184 30.85 -8.18 -19.20
N THR E 185 30.86 -9.34 -18.54
CA THR E 185 31.79 -9.57 -17.45
C THR E 185 33.17 -9.92 -17.97
N GLU E 186 34.17 -9.72 -17.11
CA GLU E 186 35.55 -9.95 -17.51
C GLU E 186 35.89 -11.44 -17.50
N HIS E 187 35.58 -12.12 -16.41
CA HIS E 187 35.84 -13.55 -16.29
C HIS E 187 34.52 -14.31 -16.26
N ASP E 188 34.62 -15.64 -16.35
CA ASP E 188 33.44 -16.45 -16.59
C ASP E 188 32.42 -16.28 -15.46
N LEU E 189 32.87 -16.32 -14.21
CA LEU E 189 31.99 -16.16 -13.08
C LEU E 189 32.53 -15.22 -12.01
N LEU E 190 33.83 -14.98 -11.95
CA LEU E 190 34.35 -14.04 -10.96
C LEU E 190 33.92 -12.62 -11.29
N GLY E 191 33.85 -12.28 -12.57
CA GLY E 191 33.34 -10.97 -12.95
C GLY E 191 31.86 -10.81 -12.63
N THR E 192 31.07 -11.86 -12.87
CA THR E 192 29.66 -11.81 -12.53
C THR E 192 29.47 -11.68 -11.03
N GLU E 193 30.25 -12.41 -10.24
CA GLU E 193 30.18 -12.28 -8.79
C GLU E 193 30.57 -10.89 -8.34
N ALA E 194 31.62 -10.32 -8.93
CA ALA E 194 32.05 -8.98 -8.57
C ALA E 194 30.95 -7.96 -8.86
N TRP E 195 30.35 -8.05 -10.05
CA TRP E 195 29.29 -7.11 -10.40
C TRP E 195 28.08 -7.28 -9.50
N LEU E 196 27.72 -8.52 -9.19
CA LEU E 196 26.55 -8.75 -8.34
C LEU E 196 26.79 -8.31 -6.91
N GLU E 197 28.03 -8.42 -6.43
CA GLU E 197 28.34 -7.93 -5.09
C GLU E 197 28.34 -6.42 -5.03
N ALA E 198 28.94 -5.76 -6.02
CA ALA E 198 28.99 -4.31 -5.98
C ALA E 198 27.65 -3.68 -6.30
N TYR E 199 26.78 -4.39 -7.04
CA TYR E 199 25.47 -3.84 -7.35
C TYR E 199 24.59 -3.80 -6.11
N HIS E 200 24.54 -4.89 -5.35
CA HIS E 200 23.84 -4.90 -4.07
C HIS E 200 24.69 -4.35 -2.95
N ASP E 201 25.92 -3.98 -3.22
CA ASP E 201 26.81 -3.34 -2.25
C ASP E 201 27.00 -4.20 -1.00
N VAL E 202 27.06 -5.51 -1.21
CA VAL E 202 27.41 -6.45 -0.16
C VAL E 202 28.83 -6.98 -0.44
N ASN E 203 29.37 -7.71 0.53
CA ASN E 203 30.72 -8.26 0.44
C ASN E 203 30.70 -9.74 0.81
N VAL E 204 29.80 -10.49 0.18
CA VAL E 204 29.57 -11.88 0.58
C VAL E 204 30.81 -12.74 0.35
N THR E 205 31.56 -12.48 -0.71
CA THR E 205 32.73 -13.29 -1.03
C THR E 205 34.04 -12.57 -0.75
N GLY E 206 34.00 -11.38 -0.15
CA GLY E 206 35.22 -10.66 0.16
C GLY E 206 36.03 -10.27 -1.04
N MET E 207 35.37 -9.91 -2.14
CA MET E 207 36.04 -9.49 -3.35
C MET E 207 36.01 -7.98 -3.43
N GLN E 208 37.12 -7.39 -3.85
CA GLN E 208 37.25 -5.94 -3.90
C GLN E 208 36.96 -5.43 -5.30
N SER E 209 36.37 -4.23 -5.38
CA SER E 209 35.98 -3.64 -6.64
C SER E 209 35.90 -2.13 -6.48
N SER E 210 35.60 -1.46 -7.56
CA SER E 210 35.38 -0.03 -7.53
C SER E 210 33.90 0.27 -7.31
N PRO E 211 33.56 1.41 -6.73
CA PRO E 211 32.14 1.75 -6.54
C PRO E 211 31.43 1.89 -7.88
N LEU E 212 30.19 1.43 -7.92
CA LEU E 212 29.40 1.50 -9.14
C LEU E 212 28.87 2.92 -9.33
N GLN E 213 29.21 3.52 -10.46
CA GLN E 213 28.72 4.85 -10.78
C GLN E 213 27.26 4.86 -11.19
N GLY E 214 26.66 3.70 -11.41
CA GLY E 214 25.29 3.65 -11.88
C GLY E 214 24.62 2.30 -11.68
N ARG E 215 23.41 2.32 -11.13
CA ARG E 215 22.59 1.14 -10.94
C ARG E 215 21.28 1.33 -11.67
N ALA E 216 20.51 0.26 -11.78
CA ALA E 216 19.25 0.27 -12.51
C ALA E 216 18.05 -0.10 -11.66
N GLY E 217 18.19 -0.24 -10.36
CA GLY E 217 17.09 -0.63 -9.51
C GLY E 217 17.14 -2.10 -9.16
N ALA E 218 16.05 -2.55 -8.54
CA ALA E 218 15.94 -3.96 -8.15
C ALA E 218 15.90 -4.84 -9.38
N ILE E 219 16.84 -5.78 -9.48
CA ILE E 219 16.87 -6.70 -10.61
C ILE E 219 15.77 -7.74 -10.42
N GLN E 220 14.97 -7.93 -11.46
CA GLN E 220 13.86 -8.88 -11.43
C GLN E 220 14.24 -10.21 -12.05
N ALA E 221 14.85 -10.19 -13.24
CA ALA E 221 15.24 -11.40 -13.94
C ALA E 221 16.60 -11.17 -14.58
N ALA E 222 17.24 -12.27 -14.95
CA ALA E 222 18.57 -12.21 -15.54
C ALA E 222 18.74 -13.32 -16.56
N VAL E 223 19.38 -12.98 -17.67
CA VAL E 223 19.67 -13.92 -18.75
C VAL E 223 21.15 -13.87 -19.04
N ALA E 224 21.74 -15.04 -19.27
CA ALA E 224 23.19 -15.20 -19.31
C ALA E 224 23.67 -15.79 -20.61
N LEU E 225 23.26 -15.20 -21.73
CA LEU E 225 23.57 -15.71 -23.06
C LEU E 225 25.04 -16.02 -23.25
N GLU E 226 25.35 -17.29 -23.49
CA GLU E 226 26.64 -17.74 -23.97
C GLU E 226 26.45 -18.23 -25.40
N LEU E 227 27.23 -17.68 -26.33
CA LEU E 227 27.09 -18.02 -27.74
C LEU E 227 28.38 -17.67 -28.45
N SER E 228 29.09 -18.70 -28.92
CA SER E 228 30.38 -18.53 -29.58
C SER E 228 30.37 -19.05 -31.00
N SER E 229 29.22 -18.97 -31.67
CA SER E 229 29.11 -19.39 -33.06
C SER E 229 28.08 -18.50 -33.74
N ASP E 230 28.26 -18.27 -35.04
CA ASP E 230 27.33 -17.44 -35.77
C ASP E 230 25.99 -18.13 -35.90
N VAL E 231 25.94 -19.25 -36.60
CA VAL E 231 24.75 -20.06 -36.67
C VAL E 231 24.73 -21.00 -35.48
N VAL E 232 23.55 -21.52 -35.16
CA VAL E 232 23.38 -22.41 -34.03
C VAL E 232 22.40 -23.51 -34.42
N THR E 233 22.67 -24.72 -33.93
CA THR E 233 21.80 -25.86 -34.19
C THR E 233 20.72 -26.00 -33.14
N SER E 234 21.08 -25.92 -31.87
CA SER E 234 20.13 -26.04 -30.79
C SER E 234 20.51 -25.04 -29.70
N LEU E 235 19.53 -24.71 -28.88
CA LEU E 235 19.72 -23.76 -27.80
C LEU E 235 19.62 -24.51 -26.47
N ASP E 236 20.67 -24.40 -25.66
CA ASP E 236 20.81 -25.22 -24.46
C ASP E 236 20.60 -24.35 -23.23
N VAL E 237 19.44 -24.52 -22.59
CA VAL E 237 19.18 -23.76 -21.38
C VAL E 237 19.81 -24.47 -20.19
N ALA E 238 20.10 -23.69 -19.14
CA ALA E 238 20.65 -24.24 -17.90
C ALA E 238 19.98 -23.52 -16.75
N VAL E 239 19.23 -24.27 -15.94
CA VAL E 239 18.63 -23.69 -14.73
C VAL E 239 18.99 -24.52 -13.51
N GLU E 240 20.15 -24.22 -12.93
CA GLU E 240 20.61 -24.77 -11.66
C GLU E 240 21.61 -23.75 -11.13
N GLY E 241 21.40 -23.27 -9.91
CA GLY E 241 22.20 -22.20 -9.35
C GLY E 241 23.15 -22.66 -8.26
N LEU E 242 23.87 -21.68 -7.73
CA LEU E 242 24.77 -21.93 -6.62
C LEU E 242 24.01 -22.47 -5.42
N ASN E 243 24.59 -23.48 -4.78
CA ASN E 243 24.01 -24.10 -3.58
C ASN E 243 22.67 -24.76 -3.88
N GLY E 244 22.49 -25.25 -5.10
CA GLY E 244 21.30 -25.97 -5.47
C GLY E 244 20.07 -25.13 -5.71
N GLN E 245 20.19 -23.81 -5.66
CA GLN E 245 19.03 -22.94 -5.86
C GLN E 245 18.58 -22.97 -7.31
N LEU E 246 17.30 -22.75 -7.52
CA LEU E 246 16.70 -22.77 -8.85
C LEU E 246 15.93 -21.50 -9.10
N PRO E 247 15.85 -21.07 -10.36
CA PRO E 247 14.95 -19.96 -10.70
C PRO E 247 13.49 -20.41 -10.64
N ASN E 248 12.60 -19.44 -10.51
CA ASN E 248 11.18 -19.71 -10.58
C ASN E 248 10.85 -20.38 -11.90
N LEU E 249 10.00 -21.42 -11.84
CA LEU E 249 9.75 -22.27 -13.00
C LEU E 249 9.14 -21.50 -14.17
N ASP E 250 8.47 -20.38 -13.90
CA ASP E 250 7.85 -19.61 -14.99
C ASP E 250 8.89 -19.10 -15.98
N LEU E 251 10.10 -18.80 -15.51
CA LEU E 251 11.15 -18.34 -16.43
C LEU E 251 11.50 -19.42 -17.43
N LEU E 252 11.62 -20.67 -16.97
CA LEU E 252 11.91 -21.77 -17.89
C LEU E 252 10.71 -22.07 -18.77
N ASN E 253 9.49 -21.96 -18.24
CA ASN E 253 8.30 -22.09 -19.06
C ASN E 253 8.27 -21.01 -20.14
N LEU E 254 8.65 -19.78 -19.77
CA LEU E 254 8.71 -18.71 -20.74
C LEU E 254 9.71 -19.02 -21.84
N PHE E 255 10.88 -19.53 -21.47
CA PHE E 255 11.88 -19.92 -22.45
C PHE E 255 11.36 -21.01 -23.38
N GLN E 256 10.70 -22.02 -22.82
CA GLN E 256 10.22 -23.14 -23.63
C GLN E 256 9.11 -22.70 -24.57
N THR E 257 8.22 -21.81 -24.11
CA THR E 257 7.17 -21.32 -25.00
C THR E 257 7.73 -20.45 -26.11
N PHE E 258 8.78 -19.68 -25.84
CA PHE E 258 9.37 -18.90 -26.92
C PHE E 258 10.28 -19.73 -27.81
N CYS E 259 10.68 -20.91 -27.36
CA CYS E 259 11.31 -21.86 -28.28
C CYS E 259 10.27 -22.51 -29.19
N GLN E 260 9.13 -22.90 -28.63
CA GLN E 260 8.07 -23.47 -29.45
C GLN E 260 7.56 -22.46 -30.47
N LYS E 261 7.36 -21.21 -30.05
CA LYS E 261 6.80 -20.20 -30.94
C LYS E 261 7.73 -19.91 -32.12
N GLY E 262 9.02 -19.79 -31.85
CA GLY E 262 9.99 -19.48 -32.88
C GLY E 262 10.57 -20.66 -33.62
N GLY E 263 10.14 -21.88 -33.31
CA GLY E 263 10.63 -23.06 -33.97
C GLY E 263 12.00 -23.53 -33.52
N LEU E 264 12.59 -22.87 -32.53
CA LEU E 264 13.94 -23.21 -32.09
C LEU E 264 13.96 -24.59 -31.44
N LEU E 265 15.06 -25.31 -31.66
CA LEU E 265 15.24 -26.64 -31.09
C LEU E 265 15.99 -26.50 -29.76
N CYS E 266 15.20 -26.30 -28.70
CA CYS E 266 15.78 -26.01 -27.40
C CYS E 266 15.89 -27.27 -26.55
N THR E 267 17.00 -27.39 -25.83
CA THR E 267 17.34 -28.60 -25.11
C THR E 267 17.74 -28.25 -23.68
N LEU E 268 17.49 -29.17 -22.76
CA LEU E 268 17.94 -29.05 -21.38
C LEU E 268 19.08 -30.03 -21.14
N GLN E 269 20.26 -29.49 -20.82
CA GLN E 269 21.44 -30.30 -20.52
C GLN E 269 21.84 -31.16 -21.71
N GLY E 270 21.48 -30.72 -22.92
CA GLY E 270 21.84 -31.43 -24.12
C GLY E 270 20.96 -32.60 -24.48
N LYS E 271 19.78 -32.72 -23.88
CA LYS E 271 18.91 -33.87 -24.10
C LYS E 271 17.58 -33.41 -24.67
N LEU E 272 17.00 -34.25 -25.52
CA LEU E 272 15.74 -33.94 -26.20
C LEU E 272 14.70 -35.01 -25.90
N GLN E 273 13.43 -34.59 -25.82
CA GLN E 273 12.29 -35.49 -25.81
C GLN E 273 11.16 -34.84 -26.60
N PRO E 274 10.72 -35.44 -27.70
CA PRO E 274 9.59 -34.85 -28.43
C PRO E 274 8.33 -34.87 -27.56
N GLU E 275 7.98 -36.07 -27.11
CA GLU E 275 6.97 -36.25 -26.07
C GLU E 275 7.43 -37.42 -25.21
N ASP E 276 7.34 -37.27 -23.89
CA ASP E 276 7.81 -38.32 -23.00
C ASP E 276 6.99 -39.59 -23.18
N TRP E 277 5.75 -39.46 -23.62
CA TRP E 277 4.87 -40.62 -23.79
C TRP E 277 5.29 -41.36 -25.06
N THR E 278 6.38 -42.12 -24.93
CA THR E 278 6.77 -43.11 -25.93
C THR E 278 6.70 -44.54 -25.42
N SER E 279 6.63 -44.72 -24.10
CA SER E 279 6.45 -45.98 -23.40
C SER E 279 7.63 -46.93 -23.54
N LEU E 280 8.68 -46.56 -24.27
CA LEU E 280 9.82 -47.43 -24.41
C LEU E 280 11.13 -46.74 -24.04
N ASP E 281 11.31 -45.48 -24.43
CA ASP E 281 12.51 -44.73 -24.11
C ASP E 281 12.24 -43.38 -23.46
N GLY E 282 11.03 -42.85 -23.57
CA GLY E 282 10.68 -41.61 -22.92
C GLY E 282 10.96 -41.63 -21.42
N PRO E 283 10.52 -42.67 -20.72
CA PRO E 283 10.93 -42.80 -19.31
C PRO E 283 12.43 -42.87 -19.12
N LEU E 284 13.16 -43.53 -20.03
CA LEU E 284 14.61 -43.62 -19.89
C LEU E 284 15.27 -42.26 -20.09
N GLN E 285 14.84 -41.51 -21.09
CA GLN E 285 15.41 -40.17 -21.29
C GLN E 285 15.05 -39.24 -20.15
N GLY E 286 13.82 -39.34 -19.64
CA GLY E 286 13.43 -38.55 -18.49
C GLY E 286 14.28 -38.88 -17.27
N LEU E 287 14.51 -40.18 -17.03
CA LEU E 287 15.35 -40.58 -15.92
C LEU E 287 16.78 -40.09 -16.09
N GLN E 288 17.30 -40.17 -17.32
CA GLN E 288 18.68 -39.74 -17.55
C GLN E 288 18.84 -38.24 -17.32
N THR E 289 17.92 -37.44 -17.87
CA THR E 289 18.05 -36.00 -17.71
C THR E 289 17.77 -35.57 -16.28
N LEU E 290 16.84 -36.25 -15.59
CA LEU E 290 16.61 -35.92 -14.19
C LEU E 290 17.79 -36.31 -13.32
N LEU E 291 18.46 -37.42 -13.65
CA LEU E 291 19.68 -37.79 -12.94
C LEU E 291 20.77 -36.74 -13.19
N LEU E 292 20.88 -36.25 -14.42
CA LEU E 292 21.85 -35.21 -14.71
C LEU E 292 21.55 -33.95 -13.91
N MET E 293 20.26 -33.58 -13.82
CA MET E 293 19.88 -32.41 -13.04
C MET E 293 20.18 -32.62 -11.56
N VAL E 294 19.91 -33.82 -11.04
CA VAL E 294 20.19 -34.10 -9.63
C VAL E 294 21.68 -34.02 -9.35
N LEU E 295 22.50 -34.60 -10.22
CA LEU E 295 23.95 -34.55 -10.01
C LEU E 295 24.47 -33.14 -10.15
N ARG E 296 23.88 -32.35 -11.03
CA ARG E 296 24.33 -30.97 -11.23
C ARG E 296 23.91 -30.09 -10.06
N GLN E 297 22.70 -30.32 -9.52
CA GLN E 297 22.23 -29.53 -8.39
C GLN E 297 22.96 -29.91 -7.11
N ALA E 298 23.22 -31.20 -6.90
CA ALA E 298 23.98 -31.62 -5.73
C ALA E 298 25.39 -31.06 -5.77
N SER E 299 25.94 -30.88 -6.97
CA SER E 299 27.25 -30.23 -7.09
C SER E 299 27.22 -28.84 -6.48
N GLY E 300 26.15 -28.09 -6.72
CA GLY E 300 25.96 -26.81 -6.06
C GLY E 300 26.73 -25.65 -6.65
N ARG E 301 27.50 -25.86 -7.71
CA ARG E 301 28.28 -24.77 -8.27
C ARG E 301 27.45 -23.97 -9.26
N PRO E 302 27.82 -22.72 -9.51
CA PRO E 302 27.06 -21.89 -10.45
C PRO E 302 27.34 -22.24 -11.91
N HIS E 303 26.63 -23.21 -12.46
CA HIS E 303 26.86 -23.63 -13.84
C HIS E 303 26.30 -22.36 -14.46
N GLY E 304 27.17 -21.64 -15.14
CA GLY E 304 26.87 -20.34 -15.68
C GLY E 304 26.63 -19.16 -14.75
N SER E 305 26.64 -17.96 -15.35
CA SER E 305 26.46 -16.75 -14.55
C SER E 305 25.08 -16.69 -13.91
N HIS E 306 24.10 -17.39 -14.47
CA HIS E 306 22.75 -17.37 -13.89
C HIS E 306 22.74 -17.92 -12.48
N GLY E 307 23.70 -18.79 -12.13
CA GLY E 307 23.73 -19.36 -10.80
C GLY E 307 24.10 -18.37 -9.72
N LEU E 308 24.79 -17.29 -10.07
CA LEU E 308 25.16 -16.28 -9.10
C LEU E 308 24.04 -15.29 -8.81
N PHE E 309 23.10 -15.12 -9.74
CA PHE E 309 22.00 -14.19 -9.50
C PHE E 309 20.99 -14.76 -8.52
N LEU E 310 20.87 -16.09 -8.45
CA LEU E 310 19.83 -16.71 -7.63
C LEU E 310 20.02 -16.41 -6.15
N ARG E 311 21.25 -16.13 -5.72
CA ARG E 311 21.48 -15.79 -4.32
C ARG E 311 20.81 -14.48 -3.96
N TYR E 312 20.67 -13.58 -4.93
CA TYR E 312 20.09 -12.27 -4.70
C TYR E 312 18.59 -12.23 -5.00
N ARG E 313 17.92 -13.37 -4.92
CA ARG E 313 16.49 -13.48 -5.20
C ARG E 313 16.16 -12.94 -6.59
N VAL E 314 17.02 -13.26 -7.55
CA VAL E 314 16.83 -12.89 -8.94
C VAL E 314 16.68 -14.16 -9.75
N GLU E 315 15.58 -14.26 -10.48
CA GLU E 315 15.34 -15.42 -11.34
C GLU E 315 16.22 -15.30 -12.57
N ALA E 316 17.19 -16.21 -12.70
CA ALA E 316 18.19 -16.11 -13.76
C ALA E 316 18.21 -17.39 -14.57
N LEU E 317 18.72 -17.27 -15.79
CA LEU E 317 18.66 -18.36 -16.74
C LEU E 317 19.77 -18.19 -17.77
N THR E 318 20.50 -19.26 -18.04
CA THR E 318 21.58 -19.25 -19.04
C THR E 318 21.11 -19.93 -20.31
N LEU E 319 21.32 -19.27 -21.44
CA LEU E 319 21.07 -19.86 -22.76
C LEU E 319 22.42 -20.06 -23.44
N ARG E 320 22.74 -21.31 -23.75
CA ARG E 320 24.03 -21.64 -24.36
C ARG E 320 23.77 -22.14 -25.78
N GLY E 321 24.08 -21.30 -26.76
CA GLY E 321 23.97 -21.69 -28.14
C GLY E 321 25.07 -22.64 -28.56
N ILE E 322 24.70 -23.86 -28.96
CA ILE E 322 25.65 -24.90 -29.33
C ILE E 322 25.48 -25.23 -30.80
N ASN E 323 26.60 -25.34 -31.50
CA ASN E 323 26.62 -25.62 -32.94
C ASN E 323 27.13 -27.03 -33.15
N SER E 324 26.21 -27.98 -33.32
CA SER E 324 26.55 -29.38 -33.50
C SER E 324 26.68 -29.70 -34.99
N PHE E 325 26.69 -30.99 -35.33
CA PHE E 325 26.77 -31.45 -36.71
C PHE E 325 25.43 -31.47 -37.42
N ARG E 326 24.34 -31.09 -36.75
CA ARG E 326 23.05 -31.00 -37.42
C ARG E 326 23.12 -30.00 -38.57
N GLN E 327 22.70 -30.44 -39.76
CA GLN E 327 22.82 -29.60 -40.94
C GLN E 327 21.84 -28.43 -40.94
N TYR E 328 20.84 -28.43 -40.07
CA TYR E 328 19.89 -27.33 -39.99
C TYR E 328 20.38 -26.35 -38.93
N LYS E 329 20.51 -25.08 -39.32
CA LYS E 329 21.04 -24.05 -38.46
C LYS E 329 20.05 -22.90 -38.33
N TYR E 330 20.10 -22.28 -37.15
CA TYR E 330 19.32 -21.08 -36.81
C TYR E 330 20.35 -19.97 -36.65
N ASP E 331 20.10 -18.79 -37.24
CA ASP E 331 21.07 -17.68 -37.14
C ASP E 331 20.75 -16.83 -35.90
N LEU E 332 21.40 -15.67 -35.78
CA LEU E 332 21.14 -14.77 -34.63
C LEU E 332 19.65 -14.41 -34.56
N VAL E 333 19.03 -14.12 -35.73
CA VAL E 333 17.59 -13.79 -35.80
C VAL E 333 16.74 -14.81 -35.01
N ALA E 334 16.91 -16.13 -35.19
CA ALA E 334 16.05 -16.98 -34.38
C ALA E 334 16.36 -16.80 -32.91
N VAL E 335 17.64 -16.87 -32.55
CA VAL E 335 18.03 -16.72 -31.14
C VAL E 335 17.82 -15.28 -30.68
N GLY E 336 18.09 -14.31 -31.55
CA GLY E 336 17.85 -12.92 -31.18
C GLY E 336 16.39 -12.62 -30.94
N LYS E 337 15.52 -13.17 -31.80
CA LYS E 337 14.08 -13.02 -31.61
C LYS E 337 13.61 -13.74 -30.36
N ALA E 338 14.18 -14.92 -30.07
CA ALA E 338 13.83 -15.62 -28.84
C ALA E 338 14.19 -14.78 -27.61
N LEU E 339 15.39 -14.21 -27.62
CA LEU E 339 15.82 -13.38 -26.50
C LEU E 339 14.96 -12.13 -26.39
N GLU E 340 14.65 -11.49 -27.52
CA GLU E 340 13.81 -10.31 -27.49
C GLU E 340 12.43 -10.62 -26.96
N GLY E 341 11.84 -11.73 -27.40
CA GLY E 341 10.54 -12.13 -26.88
C GLY E 341 10.58 -12.45 -25.40
N MET E 342 11.65 -13.13 -24.95
CA MET E 342 11.79 -13.42 -23.54
C MET E 342 11.84 -12.14 -22.72
N PHE E 343 12.63 -11.17 -23.16
CA PHE E 343 12.76 -9.92 -22.41
C PHE E 343 11.48 -9.10 -22.48
N ARG E 344 10.85 -9.08 -23.65
CA ARG E 344 9.59 -8.36 -23.83
C ARG E 344 8.48 -8.95 -22.98
N LYS E 345 8.51 -10.25 -22.76
CA LYS E 345 7.48 -10.89 -21.95
C LYS E 345 7.83 -10.88 -20.47
N LEU E 346 9.11 -10.74 -20.12
CA LEU E 346 9.47 -10.45 -18.74
C LEU E 346 9.13 -9.02 -18.37
N ASN E 347 9.19 -8.11 -19.35
CA ASN E 347 8.76 -6.73 -19.14
C ASN E 347 7.30 -6.64 -18.75
N HIS E 348 6.50 -7.64 -19.08
CA HIS E 348 5.08 -7.67 -18.74
C HIS E 348 4.83 -8.11 -17.30
N LEU E 349 5.87 -8.42 -16.54
CA LEU E 349 5.69 -9.12 -15.28
C LEU E 349 4.97 -8.26 -14.25
N LEU E 350 5.39 -6.99 -14.17
CA LEU E 350 4.76 -5.97 -13.28
C LEU E 350 4.63 -6.50 -11.85
N GLU E 351 5.33 -7.59 -11.52
CA GLU E 351 5.33 -8.22 -10.18
C GLU E 351 6.41 -9.30 -10.15
N ARG E 352 7.21 -9.34 -9.09
CA ARG E 352 8.28 -10.37 -8.96
C ARG E 352 7.63 -11.76 -9.03
N LEU E 353 8.20 -12.68 -9.80
CA LEU E 353 7.65 -14.05 -9.95
C LEU E 353 7.40 -14.67 -8.57
N HIS E 354 6.12 -14.84 -8.20
CA HIS E 354 5.73 -15.41 -6.89
C HIS E 354 4.88 -16.66 -7.10
N GLN E 355 4.50 -16.92 -8.36
CA GLN E 355 3.67 -18.09 -8.76
C GLN E 355 4.59 -19.26 -9.17
N SER E 356 4.00 -20.26 -9.83
CA SER E 356 4.74 -21.47 -10.27
C SER E 356 5.43 -22.15 -9.09
N PHE E 357 6.65 -22.65 -9.29
CA PHE E 357 7.39 -23.35 -8.21
C PHE E 357 8.84 -22.87 -8.15
N PHE E 358 9.43 -22.92 -6.94
CA PHE E 358 10.84 -22.51 -6.73
C PHE E 358 11.66 -23.76 -6.43
N LEU E 359 11.00 -24.77 -5.83
CA LEU E 359 11.62 -26.03 -5.48
C LEU E 359 10.99 -27.11 -6.36
N TYR E 360 11.66 -27.42 -7.47
CA TYR E 360 11.20 -28.45 -8.39
C TYR E 360 12.39 -29.30 -8.79
N LEU E 361 12.11 -30.38 -9.50
CA LEU E 361 13.14 -31.31 -9.95
C LEU E 361 12.69 -31.84 -11.30
N LEU E 362 13.09 -31.16 -12.33
CA LEU E 362 12.30 -31.40 -13.53
C LEU E 362 13.02 -32.32 -14.51
N PRO E 363 12.32 -33.32 -15.06
CA PRO E 363 12.99 -34.28 -15.96
C PRO E 363 13.31 -33.74 -17.34
N GLY E 364 12.40 -33.02 -17.98
CA GLY E 364 12.57 -32.78 -19.40
C GLY E 364 12.18 -31.47 -20.02
N LEU E 365 12.32 -30.36 -19.29
CA LEU E 365 12.11 -29.01 -19.82
C LEU E 365 10.63 -28.74 -20.09
N SER E 366 9.80 -29.78 -20.01
CA SER E 366 8.37 -29.63 -20.12
C SER E 366 7.64 -30.40 -19.04
N ARG E 367 8.36 -31.16 -18.22
CA ARG E 367 7.80 -31.89 -17.10
C ARG E 367 8.55 -31.47 -15.84
N PHE E 368 7.90 -31.66 -14.70
CA PHE E 368 8.52 -31.31 -13.42
C PHE E 368 7.80 -32.06 -12.31
N VAL E 369 8.45 -32.10 -11.15
CA VAL E 369 7.84 -32.63 -9.94
C VAL E 369 7.93 -31.57 -8.86
N SER E 370 6.82 -31.30 -8.20
CA SER E 370 6.80 -30.34 -7.12
C SER E 370 7.51 -30.90 -5.89
N ILE E 371 7.87 -30.01 -4.97
CA ILE E 371 8.51 -30.45 -3.73
C ILE E 371 7.60 -31.40 -2.98
N GLY E 372 6.30 -31.14 -2.97
CA GLY E 372 5.38 -32.06 -2.34
C GLY E 372 5.28 -33.42 -3.03
N LEU E 373 5.85 -33.54 -4.22
CA LEU E 373 5.82 -34.79 -4.98
C LEU E 373 7.11 -35.58 -4.91
N TYR E 374 8.26 -34.93 -4.89
CA TYR E 374 9.53 -35.64 -4.77
C TYR E 374 10.05 -35.72 -3.35
N MET E 375 9.41 -35.06 -2.39
CA MET E 375 9.87 -35.15 -1.01
C MET E 375 9.94 -36.57 -0.48
N PRO E 376 8.98 -37.48 -0.74
CA PRO E 376 9.12 -38.85 -0.21
C PRO E 376 10.38 -39.56 -0.66
N ALA E 377 10.94 -39.21 -1.82
CA ALA E 377 12.15 -39.89 -2.29
C ALA E 377 13.28 -39.81 -1.27
N VAL E 378 13.38 -38.69 -0.57
CA VAL E 378 14.32 -38.59 0.54
C VAL E 378 13.63 -38.83 1.88
N GLY E 379 12.30 -38.71 1.94
CA GLY E 379 11.60 -38.95 3.19
C GLY E 379 11.71 -40.40 3.66
N PHE E 380 11.61 -41.35 2.73
CA PHE E 380 11.77 -42.75 3.11
C PHE E 380 13.20 -43.06 3.52
N LEU E 381 14.17 -42.44 2.84
CA LEU E 381 15.56 -42.63 3.24
C LEU E 381 15.80 -42.09 4.65
N LEU E 382 15.18 -40.96 4.99
CA LEU E 382 15.27 -40.46 6.36
C LEU E 382 14.49 -41.34 7.34
N LEU E 383 13.40 -41.95 6.87
CA LEU E 383 12.63 -42.85 7.73
C LEU E 383 13.43 -44.10 8.06
N VAL E 384 14.34 -44.52 7.18
CA VAL E 384 15.26 -45.61 7.52
C VAL E 384 16.06 -45.25 8.76
N LEU E 385 16.65 -44.05 8.77
CA LEU E 385 17.41 -43.59 9.92
C LEU E 385 16.52 -43.45 11.14
N GLY E 386 15.29 -42.97 10.93
CA GLY E 386 14.37 -42.82 12.05
C GLY E 386 14.03 -44.15 12.70
N LEU E 387 13.78 -45.18 11.89
CA LEU E 387 13.51 -46.51 12.42
C LEU E 387 14.72 -47.07 13.16
N LYS E 388 15.91 -46.92 12.56
CA LYS E 388 17.12 -47.36 13.25
C LYS E 388 17.27 -46.67 14.60
N ALA E 389 17.03 -45.36 14.65
CA ALA E 389 17.14 -44.64 15.91
C ALA E 389 16.09 -45.10 16.91
N LEU E 390 14.84 -45.28 16.46
CA LEU E 390 13.78 -45.70 17.37
C LEU E 390 14.09 -47.06 17.99
N GLU E 391 14.50 -48.01 17.16
CA GLU E 391 14.74 -49.35 17.68
C GLU E 391 16.04 -49.42 18.47
N LEU E 392 17.03 -48.59 18.12
CA LEU E 392 18.24 -48.51 18.93
C LEU E 392 17.93 -47.91 20.30
N TRP E 393 17.04 -46.92 20.36
CA TRP E 393 16.62 -46.36 21.63
C TRP E 393 15.90 -47.40 22.49
N MET E 394 14.95 -48.12 21.88
CA MET E 394 14.19 -49.09 22.66
C MET E 394 15.02 -50.32 23.04
N GLN E 395 16.08 -50.62 22.30
CA GLN E 395 17.04 -51.61 22.77
C GLN E 395 17.96 -51.03 23.84
N LEU E 396 18.18 -49.71 23.82
CA LEU E 396 19.00 -49.09 24.84
C LEU E 396 18.26 -48.98 26.17
N HIS E 397 16.93 -49.00 26.13
CA HIS E 397 16.11 -48.99 27.35
C HIS E 397 15.61 -50.35 27.75
N GLU E 398 15.06 -51.12 26.81
CA GLU E 398 14.48 -52.44 27.09
C GLU E 398 13.38 -52.34 28.15
N LEU E 424 26.73 -41.16 28.23
CA LEU E 424 27.78 -41.33 29.23
C LEU E 424 29.03 -40.57 28.82
N ALA E 425 30.09 -40.71 29.63
CA ALA E 425 31.36 -40.07 29.31
C ALA E 425 31.99 -40.65 28.05
N SER E 426 31.79 -41.95 27.82
CA SER E 426 32.34 -42.61 26.64
C SER E 426 31.78 -42.09 25.33
N LEU E 427 30.82 -41.15 25.37
CA LEU E 427 30.34 -40.47 24.17
C LEU E 427 31.03 -39.13 23.94
N VAL E 428 31.57 -38.51 24.99
CA VAL E 428 32.24 -37.23 24.81
C VAL E 428 33.52 -37.40 24.00
N ALA E 429 34.28 -38.45 24.27
CA ALA E 429 35.56 -38.63 23.59
C ALA E 429 35.44 -38.70 22.07
N PRO E 430 34.55 -39.51 21.48
CA PRO E 430 34.45 -39.50 20.01
C PRO E 430 33.96 -38.18 19.47
N LEU E 431 32.76 -37.76 19.93
CA LEU E 431 32.08 -36.60 19.37
C LEU E 431 33.02 -35.43 19.16
N LEU E 432 33.63 -34.95 20.24
CA LEU E 432 34.51 -33.78 20.15
C LEU E 432 35.57 -33.98 19.09
N ILE E 433 36.30 -35.10 19.17
CA ILE E 433 37.36 -35.36 18.20
C ILE E 433 36.79 -35.31 16.79
N SER E 434 35.66 -35.99 16.59
CA SER E 434 35.01 -35.98 15.27
C SER E 434 34.78 -34.56 14.81
N GLN E 435 34.13 -33.75 15.67
CA GLN E 435 33.89 -32.35 15.30
C GLN E 435 35.20 -31.63 15.08
N ALA E 436 36.18 -31.87 15.96
CA ALA E 436 37.50 -31.28 15.77
C ALA E 436 38.05 -31.68 14.42
N MET E 437 37.95 -32.96 14.07
CA MET E 437 38.42 -33.41 12.77
C MET E 437 37.73 -32.63 11.66
N GLY E 438 36.41 -32.43 11.80
CA GLY E 438 35.70 -31.62 10.83
C GLY E 438 36.28 -30.22 10.74
N LEU E 439 36.47 -29.58 11.90
CA LEU E 439 37.07 -28.25 11.89
C LEU E 439 38.50 -28.30 11.37
N ALA E 440 39.18 -29.43 11.56
CA ALA E 440 40.50 -29.59 10.97
C ALA E 440 40.40 -29.67 9.45
N LEU E 441 39.38 -30.38 8.94
CA LEU E 441 39.26 -30.55 7.50
C LEU E 441 38.78 -29.29 6.81
N TYR E 442 38.21 -28.34 7.55
CA TYR E 442 37.62 -27.17 6.92
C TYR E 442 38.65 -26.07 6.69
N VAL E 443 39.56 -25.84 7.63
CA VAL E 443 40.46 -24.70 7.59
C VAL E 443 41.87 -25.09 7.19
N LEU E 444 42.37 -26.24 7.66
CA LEU E 444 43.77 -26.59 7.42
C LEU E 444 44.14 -26.77 5.95
N PRO E 445 43.34 -27.43 5.10
CA PRO E 445 43.82 -27.68 3.73
C PRO E 445 44.20 -26.42 2.97
N VAL E 446 43.48 -25.32 3.18
CA VAL E 446 43.75 -24.12 2.40
C VAL E 446 44.85 -23.26 3.00
N LEU E 447 45.00 -23.25 4.33
CA LEU E 447 46.03 -22.41 4.94
C LEU E 447 47.37 -23.11 5.05
N GLY E 448 47.39 -24.43 5.14
CA GLY E 448 48.62 -25.19 5.18
C GLY E 448 49.19 -25.51 3.82
N GLN E 449 48.65 -24.93 2.75
CA GLN E 449 49.17 -25.18 1.42
C GLN E 449 50.61 -24.72 1.28
N HIS E 450 50.99 -23.63 1.95
CA HIS E 450 52.35 -23.12 1.83
C HIS E 450 53.36 -24.10 2.44
N VAL E 451 53.07 -24.61 3.64
CA VAL E 451 53.97 -25.56 4.26
C VAL E 451 53.93 -26.90 3.53
N ALA E 452 52.79 -27.26 2.93
CA ALA E 452 52.75 -28.48 2.14
C ALA E 452 53.59 -28.37 0.89
N THR E 453 53.62 -27.18 0.26
CA THR E 453 54.45 -26.99 -0.92
C THR E 453 55.92 -26.94 -0.54
N GLN E 454 56.26 -26.28 0.57
CA GLN E 454 57.64 -26.27 1.04
C GLN E 454 58.09 -27.64 1.54
N HIS E 455 57.15 -28.52 1.90
CA HIS E 455 57.50 -29.89 2.25
C HIS E 455 57.61 -30.77 0.99
N PHE E 456 56.50 -30.91 0.27
CA PHE E 456 56.39 -31.86 -0.83
C PHE E 456 56.43 -31.12 -2.17
N PRO E 457 57.01 -31.74 -3.21
CA PRO E 457 57.09 -31.07 -4.52
C PRO E 457 55.78 -31.16 -5.30
N VAL E 458 54.77 -30.43 -4.82
CA VAL E 458 53.45 -30.43 -5.42
C VAL E 458 53.01 -28.98 -5.60
N ALA E 459 52.06 -28.80 -6.52
CA ALA E 459 51.52 -27.47 -6.75
C ALA E 459 50.67 -27.03 -5.57
N GLU E 460 50.41 -25.72 -5.51
CA GLU E 460 49.67 -25.15 -4.38
C GLU E 460 48.26 -25.74 -4.32
N ALA E 461 47.59 -25.84 -5.46
CA ALA E 461 46.28 -26.50 -5.49
C ALA E 461 46.40 -27.97 -5.15
N GLU E 462 47.42 -28.65 -5.69
CA GLU E 462 47.65 -30.03 -5.28
C GLU E 462 48.00 -30.12 -3.81
N ALA E 463 48.70 -29.11 -3.27
CA ALA E 463 48.96 -29.10 -1.84
C ALA E 463 47.67 -29.03 -1.04
N VAL E 464 46.73 -28.18 -1.47
CA VAL E 464 45.45 -28.06 -0.78
C VAL E 464 44.70 -29.38 -0.83
N VAL E 465 44.63 -29.99 -2.01
CA VAL E 465 43.85 -31.22 -2.16
C VAL E 465 44.52 -32.36 -1.40
N LEU E 466 45.84 -32.44 -1.43
CA LEU E 466 46.56 -33.46 -0.68
C LEU E 466 46.33 -33.29 0.82
N THR E 467 46.37 -32.04 1.31
CA THR E 467 46.10 -31.83 2.73
C THR E 467 44.68 -32.24 3.09
N LEU E 468 43.72 -31.93 2.22
CA LEU E 468 42.33 -32.30 2.47
C LEU E 468 42.19 -33.82 2.55
N LEU E 469 42.74 -34.53 1.56
CA LEU E 469 42.63 -35.99 1.53
C LEU E 469 43.40 -36.62 2.69
N ALA E 470 44.57 -36.06 3.03
CA ALA E 470 45.35 -36.59 4.13
C ALA E 470 44.63 -36.43 5.45
N ILE E 471 43.98 -35.29 5.68
CA ILE E 471 43.22 -35.09 6.90
C ILE E 471 42.00 -36.00 6.92
N TYR E 472 41.38 -36.22 5.75
CA TYR E 472 40.29 -37.18 5.65
C TYR E 472 40.74 -38.56 6.10
N ALA E 473 41.85 -39.04 5.56
CA ALA E 473 42.35 -40.37 5.91
C ALA E 473 42.89 -40.41 7.34
N ALA E 474 43.34 -39.27 7.87
CA ALA E 474 43.79 -39.23 9.25
C ALA E 474 42.62 -39.36 10.21
N GLY E 475 41.48 -38.74 9.88
CA GLY E 475 40.27 -38.98 10.63
C GLY E 475 39.81 -40.42 10.51
N LEU E 476 39.96 -40.99 9.31
CA LEU E 476 39.67 -42.42 9.11
C LEU E 476 40.47 -43.29 10.06
N ALA E 477 41.79 -43.29 9.90
CA ALA E 477 42.68 -44.18 10.65
C ALA E 477 43.02 -43.58 12.02
N LEU E 478 41.97 -43.33 12.81
CA LEU E 478 42.12 -42.86 14.19
C LEU E 478 40.95 -43.35 15.04
N PRO E 479 40.79 -44.67 15.18
CA PRO E 479 39.89 -45.19 16.22
C PRO E 479 40.59 -45.56 17.52
N HIS E 480 41.91 -45.67 17.51
CA HIS E 480 42.67 -46.29 18.60
C HIS E 480 43.22 -45.29 19.60
N ASN E 481 43.76 -44.15 19.13
CA ASN E 481 44.31 -43.18 20.07
C ASN E 481 43.24 -42.63 20.99
N THR E 482 42.01 -42.48 20.49
CA THR E 482 40.91 -42.01 21.32
C THR E 482 40.47 -43.06 22.34
N HIS E 483 40.74 -44.33 22.09
CA HIS E 483 40.36 -45.41 22.98
C HIS E 483 41.37 -45.65 24.10
N ARG E 484 42.18 -44.64 24.44
CA ARG E 484 43.13 -44.77 25.52
C ARG E 484 42.46 -44.84 26.89
N VAL E 485 41.16 -44.56 26.98
CA VAL E 485 40.41 -44.63 28.22
C VAL E 485 39.36 -45.73 28.08
N VAL E 486 39.23 -46.54 29.13
CA VAL E 486 38.26 -47.63 29.18
C VAL E 486 37.51 -47.50 30.49
N SER E 487 36.26 -47.04 30.44
CA SER E 487 35.40 -46.95 31.61
C SER E 487 34.22 -47.91 31.53
N THR E 488 34.27 -48.87 30.62
CA THR E 488 33.21 -49.87 30.48
C THR E 488 33.81 -51.10 29.82
N GLN E 489 33.31 -52.27 30.22
CA GLN E 489 33.84 -53.56 29.76
C GLN E 489 32.78 -54.27 28.92
N ALA E 490 33.19 -54.71 27.73
CA ALA E 490 32.28 -55.26 26.73
C ALA E 490 31.06 -54.35 26.59
N PRO E 491 31.27 -53.06 26.27
CA PRO E 491 30.25 -52.05 26.56
C PRO E 491 28.90 -52.32 25.91
N ASP E 492 28.87 -52.31 24.58
CA ASP E 492 27.68 -52.63 23.80
C ASP E 492 26.44 -51.86 24.24
N ARG E 493 26.62 -50.84 25.06
CA ARG E 493 25.51 -49.95 25.42
C ARG E 493 25.85 -48.48 25.20
N GLY E 494 27.05 -48.04 25.55
CA GLY E 494 27.49 -46.71 25.15
C GLY E 494 27.69 -46.62 23.65
N TRP E 495 28.21 -47.70 23.06
CA TRP E 495 28.07 -47.94 21.62
C TRP E 495 26.71 -47.52 21.06
N MET E 496 25.64 -48.05 21.63
CA MET E 496 24.30 -47.77 21.10
C MET E 496 23.96 -46.30 21.21
N ALA E 497 24.35 -45.66 22.31
CA ALA E 497 24.09 -44.23 22.47
C ALA E 497 24.83 -43.42 21.42
N LEU E 498 26.10 -43.77 21.16
CA LEU E 498 26.86 -43.06 20.13
C LEU E 498 26.20 -43.21 18.77
N LYS E 499 25.78 -44.44 18.44
CA LYS E 499 25.12 -44.64 17.15
C LYS E 499 23.78 -43.91 17.09
N LEU E 500 23.06 -43.85 18.22
CA LEU E 500 21.79 -43.13 18.24
C LEU E 500 22.00 -41.64 17.96
N VAL E 501 23.01 -41.05 18.61
CA VAL E 501 23.31 -39.64 18.36
C VAL E 501 23.73 -39.43 16.92
N ALA E 502 24.55 -40.33 16.38
CA ALA E 502 24.98 -40.19 15.00
C ALA E 502 23.82 -40.29 14.03
N LEU E 503 22.90 -41.24 14.28
CA LEU E 503 21.73 -41.38 13.42
C LEU E 503 20.85 -40.15 13.48
N ILE E 504 20.62 -39.61 14.67
CA ILE E 504 19.79 -38.41 14.80
C ILE E 504 20.44 -37.24 14.06
N TYR E 505 21.74 -37.06 14.25
CA TYR E 505 22.45 -35.96 13.61
C TYR E 505 22.41 -36.09 12.10
N LEU E 506 22.67 -37.30 11.59
CA LEU E 506 22.66 -37.51 10.15
C LEU E 506 21.27 -37.27 9.56
N ALA E 507 20.24 -37.82 10.19
CA ALA E 507 18.89 -37.61 9.69
C ALA E 507 18.51 -36.14 9.70
N LEU E 508 18.85 -35.44 10.79
CA LEU E 508 18.53 -34.03 10.90
C LEU E 508 19.18 -33.23 9.79
N GLN E 509 20.51 -33.38 9.62
CA GLN E 509 21.17 -32.53 8.65
C GLN E 509 20.88 -32.96 7.23
N LEU E 510 20.59 -34.25 7.00
CA LEU E 510 20.18 -34.65 5.66
C LEU E 510 18.80 -34.08 5.31
N GLY E 511 17.88 -34.05 6.27
CA GLY E 511 16.62 -33.39 6.04
C GLY E 511 16.77 -31.90 5.78
N CYS E 512 17.64 -31.25 6.55
CA CYS E 512 17.87 -29.82 6.33
C CYS E 512 18.46 -29.57 4.94
N ILE E 513 19.44 -30.38 4.54
CA ILE E 513 20.05 -30.22 3.21
C ILE E 513 19.00 -30.47 2.13
N ALA E 514 18.19 -31.51 2.29
CA ALA E 514 17.14 -31.79 1.31
C ALA E 514 16.14 -30.66 1.24
N LEU E 515 15.93 -29.94 2.35
CA LEU E 515 15.09 -28.74 2.27
C LEU E 515 15.78 -27.64 1.47
N THR E 516 17.06 -27.39 1.72
CA THR E 516 17.77 -26.37 0.95
C THR E 516 17.89 -26.77 -0.52
N ASN E 517 18.55 -27.88 -0.80
CA ASN E 517 18.53 -28.44 -2.15
C ASN E 517 18.31 -29.95 -2.04
N PHE E 518 17.28 -30.44 -2.72
CA PHE E 518 16.87 -31.82 -2.58
C PHE E 518 17.93 -32.79 -3.09
N SER E 519 18.59 -32.43 -4.19
CA SER E 519 19.48 -33.37 -4.87
C SER E 519 20.64 -33.79 -3.98
N LEU E 520 21.26 -32.83 -3.29
CA LEU E 520 22.37 -33.17 -2.41
C LEU E 520 21.90 -34.06 -1.27
N GLY E 521 20.79 -33.70 -0.65
CA GLY E 521 20.25 -34.53 0.42
C GLY E 521 19.91 -35.92 -0.07
N PHE E 522 19.30 -36.02 -1.27
CA PHE E 522 18.96 -37.33 -1.80
C PHE E 522 20.20 -38.14 -2.14
N LEU E 523 21.18 -37.54 -2.83
CA LEU E 523 22.39 -38.28 -3.18
C LEU E 523 23.14 -38.73 -1.94
N LEU E 524 23.12 -37.93 -0.88
CA LEU E 524 23.80 -38.33 0.34
C LEU E 524 23.03 -39.41 1.09
N ALA E 525 21.71 -39.35 1.07
CA ALA E 525 20.90 -40.34 1.76
C ALA E 525 20.78 -41.65 1.00
N THR E 526 21.11 -41.68 -0.29
CA THR E 526 21.12 -42.95 -1.00
C THR E 526 22.32 -43.79 -0.62
N THR E 527 23.43 -43.16 -0.23
CA THR E 527 24.67 -43.85 0.06
C THR E 527 24.97 -43.94 1.55
N MET E 528 24.85 -42.83 2.28
CA MET E 528 25.22 -42.86 3.69
C MET E 528 24.17 -43.57 4.54
N VAL E 529 22.89 -43.39 4.21
CA VAL E 529 21.83 -43.99 5.02
C VAL E 529 21.93 -45.51 5.11
N PRO E 530 22.05 -46.26 4.00
CA PRO E 530 22.14 -47.72 4.14
C PRO E 530 23.32 -48.19 4.97
N THR E 531 24.47 -47.53 4.83
CA THR E 531 25.64 -47.91 5.63
C THR E 531 25.54 -47.39 7.06
N ALA E 532 24.95 -46.21 7.26
CA ALA E 532 24.77 -45.70 8.62
C ALA E 532 23.81 -46.55 9.42
N ALA E 533 22.79 -47.11 8.76
CA ALA E 533 21.83 -47.96 9.47
C ALA E 533 22.51 -49.18 10.05
N LEU E 534 23.37 -49.83 9.29
CA LEU E 534 24.05 -51.07 9.70
C LEU E 534 25.54 -50.76 9.92
N ALA E 535 25.91 -50.54 11.18
CA ALA E 535 27.29 -50.26 11.51
C ALA E 535 27.72 -50.91 12.81
N LYS E 536 27.10 -52.02 13.21
CA LYS E 536 27.44 -52.65 14.47
C LYS E 536 28.77 -53.39 14.36
N PRO E 537 29.54 -53.46 15.45
CA PRO E 537 30.72 -54.32 15.48
C PRO E 537 30.41 -55.80 15.59
N HIS E 538 29.13 -56.17 15.67
CA HIS E 538 28.75 -57.58 15.77
C HIS E 538 28.84 -58.31 14.43
N GLY E 539 28.68 -57.59 13.32
CA GLY E 539 28.73 -58.21 12.02
C GLY E 539 30.14 -58.51 11.56
N PRO E 540 30.37 -58.51 10.25
CA PRO E 540 31.73 -58.77 9.74
C PRO E 540 32.76 -57.77 10.23
N ARG E 541 32.37 -56.50 10.38
CA ARG E 541 33.23 -55.44 10.91
C ARG E 541 34.38 -55.13 9.94
N THR E 542 34.49 -55.89 8.86
CA THR E 542 35.41 -55.61 7.78
C THR E 542 34.69 -55.29 6.48
N LEU E 543 33.63 -56.03 6.17
CA LEU E 543 32.72 -55.61 5.10
C LEU E 543 32.05 -54.30 5.46
N TYR E 544 31.69 -54.14 6.74
CA TYR E 544 31.08 -52.88 7.18
C TYR E 544 32.03 -51.70 6.97
N ALA E 545 33.31 -51.89 7.31
CA ALA E 545 34.27 -50.81 7.12
C ALA E 545 34.38 -50.43 5.66
N ALA E 546 34.44 -51.43 4.77
CA ALA E 546 34.48 -51.15 3.34
C ALA E 546 33.22 -50.42 2.89
N LEU E 547 32.06 -50.82 3.42
CA LEU E 547 30.81 -50.16 3.04
C LEU E 547 30.83 -48.69 3.44
N LEU E 548 31.17 -48.39 4.70
CA LEU E 548 31.21 -47.00 5.11
C LEU E 548 32.25 -46.21 4.33
N VAL E 549 33.43 -46.78 4.09
CA VAL E 549 34.46 -46.04 3.36
C VAL E 549 34.01 -45.76 1.92
N LEU E 550 33.36 -46.73 1.28
CA LEU E 550 32.89 -46.54 -0.09
C LEU E 550 31.63 -45.68 -0.16
N THR E 551 30.94 -45.44 0.95
CA THR E 551 29.84 -44.50 0.98
C THR E 551 30.15 -43.26 1.82
N SER E 552 31.43 -42.99 2.05
CA SER E 552 31.81 -41.73 2.66
C SER E 552 31.57 -40.59 1.67
N PRO E 553 31.39 -39.36 2.17
CA PRO E 553 31.10 -38.25 1.25
C PRO E 553 32.15 -38.05 0.16
N ALA E 554 33.43 -38.30 0.45
CA ALA E 554 34.44 -38.26 -0.61
C ALA E 554 34.21 -39.37 -1.63
N ALA E 555 33.94 -40.59 -1.15
CA ALA E 555 33.64 -41.69 -2.06
C ALA E 555 32.33 -41.45 -2.78
N THR E 556 31.36 -40.82 -2.12
CA THR E 556 30.12 -40.43 -2.79
C THR E 556 30.40 -39.46 -3.93
N LEU E 557 31.29 -38.48 -3.70
CA LEU E 557 31.64 -37.54 -4.76
C LEU E 557 32.35 -38.25 -5.91
N LEU E 558 33.25 -39.19 -5.60
CA LEU E 558 33.94 -39.92 -6.65
C LEU E 558 32.96 -40.74 -7.49
N GLY E 559 32.07 -41.48 -6.83
CA GLY E 559 31.06 -42.23 -7.56
C GLY E 559 30.12 -41.34 -8.35
N SER E 560 29.82 -40.15 -7.81
CA SER E 560 28.95 -39.21 -8.52
C SER E 560 29.64 -38.66 -9.76
N LEU E 561 30.95 -38.40 -9.68
CA LEU E 561 31.68 -37.99 -10.87
C LEU E 561 31.66 -39.09 -11.92
N PHE E 562 31.88 -40.34 -11.50
CA PHE E 562 31.85 -41.44 -12.46
C PHE E 562 30.47 -41.58 -13.10
N LEU E 563 29.40 -41.49 -12.29
CA LEU E 563 28.05 -41.59 -12.83
C LEU E 563 27.72 -40.43 -13.75
N TRP E 564 28.14 -39.22 -13.40
CA TRP E 564 27.87 -38.06 -14.23
C TRP E 564 28.59 -38.15 -15.56
N ARG E 565 29.85 -38.62 -15.55
CA ARG E 565 30.55 -38.80 -16.80
C ARG E 565 29.95 -39.93 -17.62
N GLU E 566 29.43 -40.97 -16.97
CA GLU E 566 28.78 -42.06 -17.68
C GLU E 566 27.49 -41.60 -18.34
N LEU E 567 26.71 -40.77 -17.65
CA LEU E 567 25.41 -40.32 -18.13
C LEU E 567 25.52 -39.43 -19.36
N GLN E 568 26.70 -38.93 -19.68
CA GLN E 568 26.92 -38.12 -20.87
C GLN E 568 27.53 -38.92 -22.01
N GLU E 569 27.50 -40.25 -21.92
CA GLU E 569 28.05 -41.14 -22.94
C GLU E 569 29.54 -40.88 -23.17
N ALA E 570 30.24 -40.47 -22.12
CA ALA E 570 31.69 -40.23 -22.15
C ALA E 570 32.31 -40.99 -20.99
N PRO E 571 32.44 -42.32 -21.11
CA PRO E 571 32.99 -43.09 -19.99
C PRO E 571 34.42 -42.70 -19.70
N LEU E 572 34.79 -42.80 -18.43
CA LEU E 572 36.09 -42.37 -17.93
C LEU E 572 36.76 -43.52 -17.19
N SER E 573 38.07 -43.66 -17.41
CA SER E 573 38.81 -44.73 -16.74
C SER E 573 39.31 -44.24 -15.38
N LEU E 574 39.81 -45.20 -14.60
CA LEU E 574 40.19 -44.91 -13.21
C LEU E 574 41.28 -43.84 -13.12
N ALA E 575 42.19 -43.79 -14.09
CA ALA E 575 43.26 -42.81 -14.03
C ALA E 575 42.71 -41.39 -14.14
N GLU E 576 42.11 -41.05 -15.29
CA GLU E 576 41.56 -39.72 -15.43
C GLU E 576 40.33 -39.51 -14.55
N GLY E 577 39.69 -40.59 -14.10
CA GLY E 577 38.67 -40.43 -13.07
C GLY E 577 39.24 -39.92 -11.75
N TRP E 578 40.40 -40.45 -11.36
CA TRP E 578 41.08 -39.93 -10.17
C TRP E 578 41.55 -38.50 -10.40
N GLN E 579 42.02 -38.20 -11.60
CA GLN E 579 42.39 -36.80 -11.90
C GLN E 579 41.19 -35.88 -11.79
N LEU E 580 40.03 -36.33 -12.26
CA LEU E 580 38.81 -35.55 -12.13
C LEU E 580 38.40 -35.41 -10.67
N PHE E 581 38.63 -36.43 -9.86
CA PHE E 581 38.34 -36.33 -8.43
C PHE E 581 39.22 -35.29 -7.76
N LEU E 582 40.51 -35.27 -8.12
CA LEU E 582 41.40 -34.21 -7.66
C LEU E 582 40.88 -32.84 -8.06
N ALA E 583 40.49 -32.69 -9.32
CA ALA E 583 39.99 -31.42 -9.80
C ALA E 583 38.70 -31.04 -9.09
N ALA E 584 37.84 -32.01 -8.79
CA ALA E 584 36.59 -31.73 -8.12
C ALA E 584 36.81 -31.25 -6.69
N LEU E 585 37.74 -31.88 -5.96
CA LEU E 585 38.06 -31.40 -4.62
C LEU E 585 38.59 -29.97 -4.66
N ALA E 586 39.53 -29.72 -5.59
CA ALA E 586 40.09 -28.37 -5.70
C ALA E 586 39.00 -27.35 -6.04
N GLN E 587 38.11 -27.70 -6.98
CA GLN E 587 37.03 -26.80 -7.35
C GLN E 587 36.06 -26.60 -6.20
N GLY E 588 35.79 -27.64 -5.41
CA GLY E 588 34.91 -27.44 -4.27
C GLY E 588 35.46 -26.41 -3.30
N VAL E 589 36.74 -26.54 -2.95
CA VAL E 589 37.36 -25.57 -2.06
C VAL E 589 37.34 -24.17 -2.69
N LEU E 590 37.72 -24.07 -3.96
CA LEU E 590 37.79 -22.77 -4.60
C LEU E 590 36.42 -22.11 -4.72
N GLU E 591 35.41 -22.88 -5.11
CA GLU E 591 34.08 -22.31 -5.29
C GLU E 591 33.51 -21.88 -3.95
N HIS E 592 33.78 -22.64 -2.88
CA HIS E 592 33.37 -22.18 -1.57
C HIS E 592 34.01 -20.85 -1.22
N HIS E 593 35.30 -20.69 -1.52
CA HIS E 593 35.97 -19.44 -1.19
C HIS E 593 35.59 -18.29 -2.10
N THR E 594 35.14 -18.56 -3.33
CA THR E 594 34.93 -17.50 -4.31
C THR E 594 33.48 -17.12 -4.52
N TYR E 595 32.53 -18.03 -4.24
CA TYR E 595 31.11 -17.70 -4.37
C TYR E 595 30.33 -18.07 -3.14
N GLY E 596 30.99 -18.51 -2.07
CA GLY E 596 30.29 -18.98 -0.89
C GLY E 596 29.48 -20.22 -1.13
N ALA E 597 30.03 -21.19 -1.85
CA ALA E 597 29.32 -22.43 -2.09
C ALA E 597 29.26 -23.25 -0.81
N LEU E 598 28.05 -23.58 -0.38
CA LEU E 598 27.84 -24.31 0.87
C LEU E 598 27.95 -25.82 0.67
N LEU E 599 29.04 -26.25 0.05
CA LEU E 599 29.30 -27.68 -0.09
C LEU E 599 30.57 -28.12 0.59
N PHE E 600 31.64 -27.34 0.50
CA PHE E 600 32.83 -27.60 1.31
C PHE E 600 32.52 -27.48 2.80
N PRO E 601 31.91 -26.40 3.30
CA PRO E 601 31.55 -26.39 4.73
C PRO E 601 30.54 -27.45 5.10
N LEU E 602 29.64 -27.79 4.19
CA LEU E 602 28.58 -28.74 4.52
C LEU E 602 29.15 -30.15 4.68
N LEU E 603 30.03 -30.56 3.77
CA LEU E 603 30.64 -31.88 3.89
C LEU E 603 31.69 -31.90 5.00
N SER E 604 32.49 -30.85 5.11
CA SER E 604 33.64 -30.85 6.00
C SER E 604 33.30 -30.52 7.45
N LEU E 605 32.20 -29.82 7.71
CA LEU E 605 31.86 -29.38 9.06
C LEU E 605 30.68 -30.10 9.65
N GLY E 606 29.76 -30.61 8.84
CA GLY E 606 28.56 -31.24 9.37
C GLY E 606 28.42 -32.70 9.07
N LEU E 607 28.91 -33.13 7.92
CA LEU E 607 28.74 -34.51 7.46
C LEU E 607 29.93 -35.40 7.75
N TYR E 608 31.15 -34.89 7.55
CA TYR E 608 32.33 -35.66 7.91
C TYR E 608 32.39 -36.01 9.39
N PRO E 609 32.12 -35.09 10.34
CA PRO E 609 32.07 -35.53 11.75
C PRO E 609 31.02 -36.59 12.03
N CYS E 610 29.84 -36.51 11.42
CA CYS E 610 28.82 -37.53 11.65
C CYS E 610 29.25 -38.88 11.09
N TRP E 611 29.85 -38.87 9.90
CA TRP E 611 30.32 -40.13 9.33
C TRP E 611 31.48 -40.70 10.14
N LEU E 612 32.33 -39.85 10.69
CA LEU E 612 33.38 -40.33 11.60
C LEU E 612 32.79 -40.88 12.89
N LEU E 613 31.67 -40.31 13.34
CA LEU E 613 30.97 -40.89 14.48
C LEU E 613 30.50 -42.30 14.16
N PHE E 614 29.97 -42.50 12.96
CA PHE E 614 29.58 -43.86 12.56
C PHE E 614 30.80 -44.77 12.46
N TRP E 615 31.93 -44.24 12.00
CA TRP E 615 33.17 -45.01 11.96
C TRP E 615 33.58 -45.46 13.35
N ASN E 616 33.49 -44.56 14.33
CA ASN E 616 33.79 -44.93 15.72
C ASN E 616 32.78 -45.95 16.24
N VAL E 617 31.52 -45.81 15.84
CA VAL E 617 30.49 -46.80 16.19
C VAL E 617 30.89 -48.17 15.69
N LEU E 618 31.49 -48.24 14.51
CA LEU E 618 31.94 -49.51 13.97
C LEU E 618 33.06 -50.12 14.81
N PHE E 619 34.10 -49.34 15.10
CA PHE E 619 35.25 -49.82 15.87
C PHE E 619 35.14 -49.34 17.31
N TRP E 620 34.26 -50.01 18.07
CA TRP E 620 34.08 -49.68 19.48
C TRP E 620 34.86 -50.62 20.39
C1 NAG F . 35.40 -7.02 1.07
C2 NAG F . 35.80 -5.68 0.43
C3 NAG F . 37.26 -5.75 -0.04
C4 NAG F . 38.17 -6.21 1.08
C5 NAG F . 37.64 -7.51 1.68
C6 NAG F . 38.43 -7.97 2.89
C7 NAG F . 34.74 -4.13 -1.15
C8 NAG F . 33.80 -3.99 -2.31
N2 NAG F . 34.92 -5.37 -0.69
O3 NAG F . 37.65 -4.45 -0.47
O4 NAG F . 39.47 -6.46 0.55
O5 NAG F . 36.29 -7.32 2.12
O6 NAG F . 37.81 -9.08 3.51
O7 NAG F . 35.29 -3.16 -0.64
C1 NAG F . 40.40 -5.44 0.96
C2 NAG F . 41.75 -6.12 1.10
C3 NAG F . 42.83 -5.10 1.45
C4 NAG F . 42.82 -3.94 0.47
C5 NAG F . 41.41 -3.37 0.34
C6 NAG F . 41.28 -2.31 -0.74
C7 NAG F . 41.94 -8.46 1.83
C8 NAG F . 41.83 -9.41 2.99
N2 NAG F . 41.70 -7.18 2.10
O3 NAG F . 44.10 -5.74 1.43
O4 NAG F . 43.69 -2.91 0.94
O5 NAG F . 40.48 -4.41 -0.01
O6 NAG F . 40.28 -1.37 -0.43
O7 NAG F . 42.22 -8.84 0.70
C1 BMA F . 44.74 -2.65 -0.01
C2 BMA F . 44.90 -1.11 -0.10
C3 BMA F . 46.18 -0.73 -0.86
C4 BMA F . 47.38 -1.55 -0.38
C5 BMA F . 47.05 -3.03 -0.47
C6 BMA F . 48.19 -3.92 -0.03
O2 BMA F . 45.00 -0.53 1.18
O3 BMA F . 46.46 0.66 -0.76
O4 BMA F . 48.52 -1.26 -1.16
O5 BMA F . 45.95 -3.29 0.39
O6 BMA F . 48.21 -3.91 1.39
C20 8JY G . 1.70 -24.98 5.52
C21 8JY G . 5.04 -26.47 4.86
C22 8JY G . 5.85 -26.89 6.11
C17 8JY G . 2.70 -24.78 3.08
C18 8JY G . 3.04 -25.07 4.62
C01 8JY G . 1.08 -21.84 -1.09
C02 8JY G . -0.01 -21.05 -1.46
C03 8JY G . -1.31 -21.36 -0.99
C04 8JY G . -1.50 -22.48 -0.13
C05 8JY G . -0.42 -23.31 0.28
C06 8JY G . 0.90 -23.00 -0.20
C23 8JY G . 5.94 -28.43 6.46
C24 8JY G . 5.36 -28.88 7.85
C25 8JY G . 6.28 -29.81 8.74
C26 8JY G . 7.72 -29.27 8.99
C29 8JY G . 1.56 -26.93 7.02
C30 8JY G . 0.78 -26.27 8.25
C31 8JY G . 1.40 -26.62 9.66
C32 8JY G . 2.14 -28.03 9.74
C33 8JY G . 2.55 -28.51 11.15
C34 8JY G . 1.62 -28.06 12.31
C35 8JY G . -1.33 -24.41 2.35
C36 8JY G . -1.21 -25.45 3.53
C38 8JY G . -2.53 -26.28 3.87
C39 8JY G . -2.45 -27.23 5.13
C40 8JY G . -3.38 -26.83 6.33
C41 8JY G . -3.65 -27.96 7.39
C42 8JY G . -5.01 -27.86 8.13
O07 8JY G . 1.96 -23.75 0.15
O08 8JY G . 2.37 -21.55 -1.54
O09 8JY G . 0.20 -19.95 -2.31
O10 8JY G . -2.38 -20.55 -1.37
O11 8JY G . -2.78 -22.78 0.33
O12 8JY G . -0.63 -24.44 1.14
O14 8JY G . 3.74 -24.08 2.44
O15 8JY G . 4.52 -23.62 -0.02
O16 8JY G . 3.32 -21.72 1.27
O19 8JY G . 3.69 -26.37 4.77
O27 8JY G . 5.64 -26.17 3.82
O28 8JY G . 1.19 -26.31 5.76
O37 8JY G . -2.14 -23.49 2.50
P13 8JY G . 3.48 -23.19 0.97
C1 NAG H . -26.13 30.19 6.34
C2 NAG H . -25.46 29.08 7.15
C3 NAG H . -25.71 29.28 8.63
C4 NAG H . -25.27 30.67 9.06
C5 NAG H . -25.93 31.74 8.17
C6 NAG H . -25.43 33.13 8.44
C7 NAG H . -25.17 26.67 6.71
C8 NAG H . -25.84 25.42 6.24
N2 NAG H . -25.94 27.77 6.72
O3 NAG H . -24.99 28.30 9.38
O4 NAG H . -25.64 30.91 10.41
O5 NAG H . -25.65 31.46 6.79
O6 NAG H . -24.19 33.10 9.14
O7 NAG H . -23.99 26.70 7.05
C1 NAG I . 3.49 37.08 -42.70
C2 NAG I . 3.20 37.43 -44.15
C3 NAG I . 4.43 38.09 -44.78
C4 NAG I . 5.39 38.65 -43.74
C5 NAG I . 4.69 39.17 -42.46
C6 NAG I . 4.03 40.51 -42.66
C7 NAG I . 3.56 35.16 -45.09
C8 NAG I . 2.95 34.07 -45.91
N2 NAG I . 2.80 36.25 -44.91
O3 NAG I . 4.00 39.12 -45.67
O4 NAG I . 6.37 37.68 -43.39
O5 NAG I . 3.67 38.27 -41.97
O6 NAG I . 2.62 40.39 -42.73
O7 NAG I . 4.69 35.06 -44.60
CA CA J . -15.99 12.59 -13.00
#